data_4A3R
#
_entry.id   4A3R
#
_cell.length_a   187.074
_cell.length_b   187.074
_cell.length_c   56.501
_cell.angle_alpha   90.00
_cell.angle_beta   90.00
_cell.angle_gamma   90.00
#
_symmetry.space_group_name_H-M   'P 4'
#
loop_
_entity.id
_entity.type
_entity.pdbx_description
1 polymer ENOLASE
2 non-polymer 'CITRIC ACID'
3 non-polymer 'SODIUM ION'
4 water water
#
_entity_poly.entity_id   1
_entity_poly.type   'polypeptide(L)'
_entity_poly.pdbx_seq_one_letter_code
;MPYIVDVYAREVLDSRGNPTVEVEVYTETGAFGRALVPSGASTGEYEAVELRDGDKDRYLGKGVLTAVNNVNEIIAPELL
GFDVTEQNAIDQLLIELDGTENKGKLGANAILGVSMACARAAADFLQIPLYQYLGGFNSKTLPVPMMNIVNGGEHADNNV
DIQEFMIMPVGAPNFREALRMGAQIFHSLKSVLSAKGLNTAVGDEGGFAPNLGSNEEALQTIVEAIEKAGFKPGEEVKLA
MDAASSEFYNKEDGKYHLSGEGVVKTSAEMVDWYEELVSKYPIISIEDGLDENDWEGHKLLTERLGKKVQLVGDDLFVTN
TKKLSEGIKNGVGNSILIKVNQIGTLTETFDAIEMAKRAGYTAVISHRSGETEDSTIADIAVATNAGQIKTGAPSRTDRV
AKYNQLLRIEDQLAETAQYHGINSFYNLNK
;
_entity_poly.pdbx_strand_id   A,B,C,D
#
loop_
_chem_comp.id
_chem_comp.type
_chem_comp.name
_chem_comp.formula
CIT non-polymer 'CITRIC ACID' 'C6 H8 O7'
NA non-polymer 'SODIUM ION' 'Na 1'
#
# COMPACT_ATOMS: atom_id res chain seq x y z
N MET A 1 -53.20 40.36 25.22
CA MET A 1 -52.74 39.42 26.23
C MET A 1 -51.98 38.25 25.58
N PRO A 2 -52.63 37.56 24.63
CA PRO A 2 -51.86 36.60 23.82
C PRO A 2 -51.16 37.31 22.66
N TYR A 3 -51.38 38.60 22.46
CA TYR A 3 -50.81 39.26 21.29
C TYR A 3 -49.36 39.64 21.51
N ILE A 4 -48.56 39.41 20.50
CA ILE A 4 -47.14 39.66 20.58
C ILE A 4 -46.88 41.16 20.61
N VAL A 5 -46.14 41.60 21.62
CA VAL A 5 -45.69 42.98 21.69
C VAL A 5 -44.21 43.11 21.31
N ASP A 6 -43.48 42.01 21.39
CA ASP A 6 -42.05 42.07 21.12
C ASP A 6 -41.42 40.73 20.72
N VAL A 7 -40.67 40.79 19.62
CA VAL A 7 -39.84 39.67 19.19
C VAL A 7 -38.39 40.15 19.11
N TYR A 8 -37.47 39.46 19.77
CA TYR A 8 -36.12 39.98 19.92
C TYR A 8 -35.05 38.88 19.86
N ALA A 9 -34.00 39.10 19.05
CA ALA A 9 -32.89 38.15 18.97
C ALA A 9 -31.58 38.74 19.49
N ARG A 10 -30.66 37.86 19.85
CA ARG A 10 -29.30 38.25 20.20
C ARG A 10 -28.39 37.10 19.83
N GLU A 11 -27.11 37.41 19.71
CA GLU A 11 -26.09 36.40 19.49
C GLU A 11 -25.62 35.82 20.82
N VAL A 12 -25.66 34.51 20.96
CA VAL A 12 -25.12 33.86 22.16
C VAL A 12 -24.18 32.74 21.71
N LEU A 13 -23.73 31.91 22.65
CA LEU A 13 -22.76 30.86 22.31
C LEU A 13 -23.31 29.46 22.55
N ASP A 14 -22.95 28.52 21.67
CA ASP A 14 -23.32 27.12 21.83
C ASP A 14 -22.25 26.33 22.58
N SER A 15 -22.45 25.03 22.75
CA SER A 15 -21.62 24.23 23.65
C SER A 15 -20.19 24.05 23.15
N ARG A 16 -19.93 24.42 21.89
CA ARG A 16 -18.60 24.28 21.30
C ARG A 16 -17.88 25.61 21.10
N GLY A 17 -18.43 26.69 21.66
CA GLY A 17 -17.78 27.98 21.58
C GLY A 17 -18.06 28.66 20.26
N ASN A 18 -19.17 28.30 19.63
CA ASN A 18 -19.59 28.94 18.39
C ASN A 18 -20.89 29.70 18.56
N PRO A 19 -21.00 30.85 17.88
CA PRO A 19 -22.18 31.73 17.96
C PRO A 19 -23.46 31.00 17.54
N THR A 20 -24.57 31.34 18.18
CA THR A 20 -25.85 30.86 17.70
C THR A 20 -26.97 31.85 18.03
N VAL A 21 -28.16 31.60 17.53
CA VAL A 21 -29.26 32.54 17.71
C VAL A 21 -30.09 32.21 18.96
N GLU A 22 -30.42 33.27 19.70
CA GLU A 22 -31.36 33.21 20.81
C GLU A 22 -32.51 34.20 20.57
N VAL A 23 -33.75 33.75 20.75
CA VAL A 23 -34.90 34.60 20.46
C VAL A 23 -35.82 34.68 21.67
N GLU A 24 -36.29 35.89 21.94
CA GLU A 24 -37.25 36.13 23.01
C GLU A 24 -38.55 36.70 22.43
N VAL A 25 -39.68 36.14 22.87
CA VAL A 25 -41.00 36.65 22.48
C VAL A 25 -41.80 37.02 23.74
N TYR A 26 -42.35 38.24 23.72
CA TYR A 26 -43.17 38.77 24.83
C TYR A 26 -44.58 39.10 24.34
N THR A 27 -45.59 38.76 25.13
CA THR A 27 -46.95 39.23 24.83
C THR A 27 -47.25 40.57 25.52
N GLU A 28 -48.42 41.14 25.21
CA GLU A 28 -48.87 42.38 25.86
C GLU A 28 -49.00 42.21 27.36
N THR A 29 -49.38 41.02 27.80
CA THR A 29 -49.58 40.76 29.22
C THR A 29 -48.34 40.19 29.92
N GLY A 30 -47.21 40.15 29.23
CA GLY A 30 -45.96 39.72 29.84
C GLY A 30 -45.65 38.22 29.77
N ALA A 31 -46.48 37.44 29.09
CA ALA A 31 -46.14 36.04 28.80
C ALA A 31 -44.83 36.03 28.03
N PHE A 32 -43.96 35.06 28.33
CA PHE A 32 -42.57 35.09 27.88
C PHE A 32 -42.06 33.72 27.42
N GLY A 33 -41.43 33.69 26.25
CA GLY A 33 -40.68 32.53 25.80
C GLY A 33 -39.29 32.86 25.30
N ARG A 34 -38.30 32.04 25.66
CA ARG A 34 -36.93 32.21 25.15
C ARG A 34 -36.48 30.90 24.54
N ALA A 35 -36.04 30.93 23.28
CA ALA A 35 -35.53 29.72 22.62
C ALA A 35 -34.13 29.96 22.09
N LEU A 36 -33.27 28.94 22.17
CA LEU A 36 -31.92 28.98 21.60
C LEU A 36 -31.78 27.91 20.50
N VAL A 37 -31.13 28.24 19.40
CA VAL A 37 -31.03 27.33 18.26
C VAL A 37 -29.72 26.52 18.31
N PRO A 38 -29.81 25.21 18.07
CA PRO A 38 -28.61 24.36 18.02
C PRO A 38 -27.91 24.51 16.66
N SER A 39 -26.66 24.05 16.56
CA SER A 39 -25.83 24.27 15.37
C SER A 39 -26.37 23.48 14.18
N GLY A 40 -26.26 24.05 12.98
CA GLY A 40 -26.74 23.36 11.78
C GLY A 40 -25.71 23.36 10.67
N ALA A 41 -26.19 23.48 9.44
CA ALA A 41 -25.32 23.62 8.28
C ALA A 41 -25.76 24.79 7.41
N SER A 42 -24.79 25.56 6.91
CA SER A 42 -25.10 26.72 6.09
C SER A 42 -25.30 26.31 4.63
N THR A 43 -24.99 25.05 4.35
CA THR A 43 -25.15 24.47 3.02
C THR A 43 -25.54 23.00 3.16
N GLY A 44 -26.10 22.43 2.10
CA GLY A 44 -26.60 21.07 2.10
C GLY A 44 -27.85 21.06 1.27
N GLU A 45 -27.85 20.28 0.19
CA GLU A 45 -28.86 20.47 -0.86
C GLU A 45 -30.31 20.13 -0.47
N TYR A 46 -30.52 19.38 0.60
CA TYR A 46 -31.89 19.02 0.97
C TYR A 46 -32.35 19.49 2.37
N GLU A 47 -31.53 20.29 3.04
CA GLU A 47 -31.90 20.72 4.39
C GLU A 47 -32.00 22.23 4.51
N ALA A 48 -32.81 22.70 5.46
CA ALA A 48 -32.85 24.13 5.77
C ALA A 48 -31.43 24.58 6.07
N VAL A 49 -31.02 25.73 5.53
CA VAL A 49 -29.67 26.19 5.83
C VAL A 49 -29.63 27.27 6.91
N GLU A 50 -28.69 27.12 7.84
CA GLU A 50 -28.42 28.17 8.81
C GLU A 50 -27.62 29.26 8.13
N LEU A 51 -27.91 30.51 8.47
CA LEU A 51 -27.18 31.63 7.91
C LEU A 51 -26.01 32.02 8.82
N ARG A 52 -24.78 31.99 8.28
CA ARG A 52 -23.58 32.48 8.97
C ARG A 52 -22.99 33.67 8.22
N ASP A 53 -22.41 34.58 8.98
CA ASP A 53 -21.86 35.83 8.45
C ASP A 53 -20.65 35.62 7.54
N GLY A 54 -19.86 34.60 7.84
CA GLY A 54 -18.71 34.29 7.03
C GLY A 54 -17.58 35.31 7.16
N ASP A 55 -17.65 36.17 8.17
CA ASP A 55 -16.58 37.13 8.39
C ASP A 55 -15.41 36.45 9.08
N LYS A 56 -14.36 36.18 8.31
CA LYS A 56 -13.19 35.45 8.79
C LYS A 56 -12.50 36.07 10.01
N ASP A 57 -12.67 37.38 10.23
CA ASP A 57 -12.04 38.05 11.37
C ASP A 57 -12.97 38.14 12.58
N ARG A 58 -14.01 37.32 12.60
CA ARG A 58 -14.95 37.33 13.71
C ARG A 58 -15.56 35.95 13.93
N TYR A 59 -15.16 35.30 15.03
CA TYR A 59 -15.64 33.96 15.34
C TYR A 59 -15.34 32.97 14.21
N LEU A 60 -14.22 33.19 13.51
CA LEU A 60 -13.81 32.34 12.41
C LEU A 60 -14.89 32.17 11.34
N GLY A 61 -15.64 33.22 11.08
CA GLY A 61 -16.69 33.19 10.06
C GLY A 61 -18.04 32.71 10.56
N LYS A 62 -18.11 32.37 11.84
CA LYS A 62 -19.31 31.71 12.35
C LYS A 62 -20.31 32.62 13.08
N GLY A 63 -20.08 33.93 13.03
CA GLY A 63 -21.04 34.87 13.60
C GLY A 63 -22.43 34.68 13.00
N VAL A 64 -23.46 35.10 13.73
CA VAL A 64 -24.84 35.03 13.24
C VAL A 64 -25.54 36.36 13.38
N LEU A 65 -24.80 37.43 13.15
CA LEU A 65 -25.32 38.79 13.24
C LEU A 65 -26.39 39.02 12.18
N THR A 66 -26.18 38.49 10.99
CA THR A 66 -27.16 38.67 9.93
C THR A 66 -28.47 38.04 10.38
N ALA A 67 -28.38 36.81 10.90
CA ALA A 67 -29.56 36.07 11.37
C ALA A 67 -30.28 36.80 12.48
N VAL A 68 -29.52 37.29 13.45
CA VAL A 68 -30.11 38.08 14.52
C VAL A 68 -30.77 39.34 13.97
N ASN A 69 -30.11 40.00 13.01
CA ASN A 69 -30.66 41.17 12.33
C ASN A 69 -31.96 40.86 11.61
N ASN A 70 -31.98 39.72 10.94
CA ASN A 70 -33.18 39.29 10.25
C ASN A 70 -34.37 39.20 11.19
N VAL A 71 -34.15 38.66 12.40
CA VAL A 71 -35.24 38.53 13.37
C VAL A 71 -35.72 39.90 13.83
N ASN A 72 -34.78 40.73 14.26
CA ASN A 72 -35.11 42.04 14.82
C ASN A 72 -35.74 43.00 13.80
N GLU A 73 -35.19 43.02 12.59
CA GLU A 73 -35.54 44.03 11.59
C GLU A 73 -36.50 43.56 10.49
N ILE A 74 -36.55 42.25 10.24
CA ILE A 74 -37.45 41.73 9.20
C ILE A 74 -38.61 40.93 9.77
N ILE A 75 -38.30 39.99 10.65
CA ILE A 75 -39.33 39.11 11.21
C ILE A 75 -40.21 39.81 12.26
N ALA A 76 -39.59 40.53 13.19
CA ALA A 76 -40.33 41.19 14.26
C ALA A 76 -41.50 42.08 13.80
N PRO A 77 -41.23 43.00 12.87
CA PRO A 77 -42.33 43.90 12.47
C PRO A 77 -43.55 43.13 11.96
N GLU A 78 -43.36 41.98 11.33
CA GLU A 78 -44.48 41.19 10.81
C GLU A 78 -45.29 40.45 11.88
N LEU A 79 -44.70 40.25 13.05
CA LEU A 79 -45.33 39.42 14.09
C LEU A 79 -46.00 40.24 15.18
N LEU A 80 -45.66 41.52 15.27
CA LEU A 80 -46.27 42.37 16.28
C LEU A 80 -47.79 42.25 16.14
N GLY A 81 -48.47 41.99 17.26
CA GLY A 81 -49.92 41.91 17.27
C GLY A 81 -50.51 40.57 16.88
N PHE A 82 -49.67 39.63 16.46
CA PHE A 82 -50.12 38.26 16.20
C PHE A 82 -50.52 37.55 17.51
N ASP A 83 -51.54 36.70 17.42
CA ASP A 83 -51.95 35.83 18.52
C ASP A 83 -50.85 34.79 18.71
N VAL A 84 -50.21 34.81 19.87
CA VAL A 84 -49.02 33.99 20.11
C VAL A 84 -49.33 32.49 19.97
N THR A 85 -50.61 32.13 20.06
CA THR A 85 -51.02 30.72 20.06
C THR A 85 -51.25 30.16 18.67
N GLU A 86 -51.24 31.03 17.66
CA GLU A 86 -51.44 30.59 16.28
C GLU A 86 -50.15 30.00 15.70
N GLN A 87 -49.70 28.90 16.30
CA GLN A 87 -48.41 28.34 15.96
C GLN A 87 -48.33 28.07 14.47
N ASN A 88 -49.30 27.32 13.94
CA ASN A 88 -49.31 27.00 12.52
C ASN A 88 -49.27 28.26 11.67
N ALA A 89 -50.02 29.28 12.07
CA ALA A 89 -50.13 30.50 11.27
C ALA A 89 -48.83 31.29 11.33
N ILE A 90 -48.19 31.27 12.50
CA ILE A 90 -46.88 31.90 12.64
C ILE A 90 -45.85 31.21 11.75
N ASP A 91 -45.81 29.89 11.81
CA ASP A 91 -44.87 29.12 10.99
C ASP A 91 -45.06 29.31 9.46
N GLN A 92 -46.31 29.44 9.03
CA GLN A 92 -46.59 29.68 7.62
C GLN A 92 -46.09 31.07 7.22
N LEU A 93 -46.38 32.06 8.05
CA LEU A 93 -45.85 33.41 7.86
C LEU A 93 -44.31 33.44 7.78
N LEU A 94 -43.61 32.78 8.71
CA LEU A 94 -42.15 32.72 8.64
C LEU A 94 -41.69 32.12 7.31
N ILE A 95 -42.29 30.99 6.94
CA ILE A 95 -41.91 30.31 5.72
C ILE A 95 -42.12 31.21 4.49
N GLU A 96 -43.26 31.89 4.47
CA GLU A 96 -43.62 32.80 3.39
C GLU A 96 -42.69 34.02 3.35
N LEU A 97 -42.42 34.61 4.50
CA LEU A 97 -41.50 35.75 4.59
C LEU A 97 -40.20 35.46 3.89
N ASP A 98 -39.63 34.29 4.17
CA ASP A 98 -38.37 33.87 3.57
C ASP A 98 -38.48 33.55 2.07
N GLY A 99 -39.54 32.85 1.70
CA GLY A 99 -39.88 32.63 0.30
C GLY A 99 -39.04 31.65 -0.49
N THR A 100 -38.13 30.95 0.19
CA THR A 100 -37.28 29.96 -0.45
C THR A 100 -37.49 28.57 0.16
N GLU A 101 -37.14 27.53 -0.58
CA GLU A 101 -37.27 26.15 -0.10
C GLU A 101 -36.50 25.90 1.17
N ASN A 102 -35.22 26.28 1.18
CA ASN A 102 -34.33 25.93 2.28
C ASN A 102 -34.15 27.00 3.38
N LYS A 103 -35.00 28.02 3.38
CA LYS A 103 -34.97 29.08 4.40
C LYS A 103 -33.63 29.84 4.39
N GLY A 104 -33.03 29.99 3.22
CA GLY A 104 -31.69 30.57 3.14
C GLY A 104 -31.61 32.09 3.03
N LYS A 105 -32.76 32.75 2.93
CA LYS A 105 -32.78 34.21 2.89
C LYS A 105 -32.71 34.73 4.33
N LEU A 106 -33.68 34.34 5.15
CA LEU A 106 -33.70 34.72 6.57
C LEU A 106 -32.81 33.83 7.43
N GLY A 107 -32.58 32.60 6.99
CA GLY A 107 -31.81 31.66 7.79
C GLY A 107 -32.68 30.68 8.56
N ALA A 108 -32.37 29.40 8.46
CA ALA A 108 -33.10 28.40 9.24
C ALA A 108 -33.03 28.73 10.73
N ASN A 109 -31.94 29.38 11.13
CA ASN A 109 -31.67 29.62 12.54
C ASN A 109 -32.46 30.81 13.09
N ALA A 110 -32.65 31.84 12.27
CA ALA A 110 -33.61 32.90 12.61
C ALA A 110 -35.06 32.34 12.77
N ILE A 111 -35.50 31.52 11.81
CA ILE A 111 -36.87 31.06 11.74
C ILE A 111 -37.24 30.09 12.88
N LEU A 112 -36.43 29.07 13.08
CA LEU A 112 -36.62 28.17 14.21
C LEU A 112 -36.62 28.92 15.55
N GLY A 113 -35.71 29.89 15.70
CA GLY A 113 -35.63 30.68 16.92
C GLY A 113 -36.98 31.32 17.24
N VAL A 114 -37.57 31.91 16.22
CA VAL A 114 -38.86 32.54 16.39
C VAL A 114 -39.93 31.46 16.61
N SER A 115 -39.91 30.43 15.77
CA SER A 115 -40.88 29.35 15.81
C SER A 115 -40.94 28.74 17.22
N MET A 116 -39.79 28.46 17.80
CA MET A 116 -39.76 27.88 19.14
C MET A 116 -40.09 28.87 20.25
N ALA A 117 -39.60 30.10 20.13
CA ALA A 117 -39.85 31.11 21.15
C ALA A 117 -41.35 31.44 21.27
N CYS A 118 -42.07 31.44 20.15
CA CYS A 118 -43.53 31.64 20.20
C CYS A 118 -44.23 30.50 20.93
N ALA A 119 -43.87 29.28 20.59
CA ALA A 119 -44.46 28.12 21.27
C ALA A 119 -44.24 28.22 22.78
N ARG A 120 -43.02 28.57 23.18
CA ARG A 120 -42.71 28.66 24.60
C ARG A 120 -43.50 29.82 25.24
N ALA A 121 -43.61 30.95 24.54
CA ALA A 121 -44.40 32.06 25.08
C ALA A 121 -45.88 31.66 25.17
N ALA A 122 -46.35 30.88 24.20
CA ALA A 122 -47.74 30.45 24.20
C ALA A 122 -48.02 29.52 25.39
N ALA A 123 -47.09 28.62 25.69
CA ALA A 123 -47.30 27.70 26.79
C ALA A 123 -47.27 28.48 28.11
N ASP A 124 -46.37 29.46 28.18
CA ASP A 124 -46.31 30.36 29.32
C ASP A 124 -47.59 31.18 29.44
N PHE A 125 -48.10 31.71 28.33
CA PHE A 125 -49.34 32.48 28.33
C PHE A 125 -50.55 31.68 28.82
N LEU A 126 -50.63 30.41 28.42
CA LEU A 126 -51.74 29.57 28.81
C LEU A 126 -51.48 28.91 30.16
N GLN A 127 -50.29 29.12 30.69
CA GLN A 127 -49.84 28.47 31.93
C GLN A 127 -50.01 26.96 31.95
N ILE A 128 -49.50 26.31 30.91
CA ILE A 128 -49.47 24.86 30.84
C ILE A 128 -48.08 24.38 30.42
N PRO A 129 -47.72 23.14 30.77
CA PRO A 129 -46.43 22.56 30.37
C PRO A 129 -46.28 22.61 28.86
N LEU A 130 -45.08 22.90 28.37
CA LEU A 130 -44.80 22.97 26.93
C LEU A 130 -45.20 21.69 26.17
N TYR A 131 -44.86 20.52 26.71
CA TYR A 131 -45.16 19.27 26.04
C TYR A 131 -46.66 19.15 25.88
N GLN A 132 -47.41 19.76 26.80
CA GLN A 132 -48.86 19.68 26.74
C GLN A 132 -49.43 20.69 25.75
N TYR A 133 -48.83 21.86 25.68
CA TYR A 133 -49.21 22.84 24.67
C TYR A 133 -48.97 22.24 23.29
N LEU A 134 -47.81 21.62 23.12
CA LEU A 134 -47.40 21.03 21.86
C LEU A 134 -48.27 19.84 21.46
N GLY A 135 -48.56 18.97 22.43
CA GLY A 135 -49.13 17.68 22.15
C GLY A 135 -50.56 17.40 22.57
N GLY A 136 -51.17 18.29 23.35
CA GLY A 136 -52.51 17.99 23.86
C GLY A 136 -52.44 17.20 25.15
N PHE A 137 -53.60 16.83 25.69
CA PHE A 137 -53.72 16.23 27.02
C PHE A 137 -53.03 14.88 27.16
N ASN A 138 -52.92 14.16 26.06
CA ASN A 138 -52.46 12.78 26.12
C ASN A 138 -50.97 12.60 25.92
N SER A 139 -50.20 13.67 26.12
CA SER A 139 -48.75 13.60 26.05
C SER A 139 -48.23 13.08 27.38
N LYS A 140 -47.70 11.86 27.41
CA LYS A 140 -47.38 11.28 28.70
C LYS A 140 -46.22 10.30 28.65
N THR A 141 -45.69 10.03 27.47
CA THR A 141 -44.71 8.96 27.33
C THR A 141 -43.30 9.48 27.30
N LEU A 142 -42.51 9.02 28.27
CA LEU A 142 -41.09 9.38 28.32
C LEU A 142 -40.30 8.48 27.39
N PRO A 143 -39.33 9.07 26.67
CA PRO A 143 -38.60 8.33 25.65
C PRO A 143 -37.49 7.48 26.29
N VAL A 144 -37.10 6.42 25.59
CA VAL A 144 -35.86 5.69 25.88
C VAL A 144 -34.70 6.48 25.29
N PRO A 145 -33.67 6.75 26.10
CA PRO A 145 -32.58 7.55 25.56
C PRO A 145 -31.49 6.71 24.89
N MET A 146 -31.05 7.16 23.71
CA MET A 146 -29.86 6.63 23.05
C MET A 146 -28.69 7.45 23.54
N MET A 147 -27.92 6.91 24.48
CA MET A 147 -26.88 7.70 25.11
C MET A 147 -25.51 7.44 24.49
N ASN A 148 -24.91 8.50 23.92
CA ASN A 148 -23.59 8.39 23.33
C ASN A 148 -22.56 7.97 24.37
N ILE A 149 -21.69 7.06 24.00
CA ILE A 149 -20.75 6.53 24.99
C ILE A 149 -19.33 6.37 24.43
N VAL A 150 -19.21 5.84 23.23
CA VAL A 150 -17.89 5.70 22.58
C VAL A 150 -17.91 6.23 21.15
N ASN A 151 -16.86 6.94 20.76
CA ASN A 151 -16.83 7.59 19.45
C ASN A 151 -15.74 7.08 18.48
N GLY A 152 -16.05 7.14 17.19
CA GLY A 152 -15.13 6.62 16.18
C GLY A 152 -15.16 7.43 14.90
N GLY A 153 -14.73 6.80 13.81
CA GLY A 153 -14.71 7.44 12.50
C GLY A 153 -14.14 8.84 12.54
N GLU A 154 -14.87 9.78 11.95
CA GLU A 154 -14.42 11.18 11.91
C GLU A 154 -14.44 11.88 13.28
N HIS A 155 -15.12 11.27 14.26
CA HIS A 155 -15.23 11.88 15.58
C HIS A 155 -14.15 11.40 16.55
N ALA A 156 -13.10 10.79 16.02
CA ALA A 156 -12.06 10.25 16.88
C ALA A 156 -10.74 10.18 16.14
N ASP A 157 -9.71 9.76 16.87
CA ASP A 157 -8.42 9.51 16.27
C ASP A 157 -8.01 8.11 16.70
N ASN A 158 -8.80 7.12 16.31
CA ASN A 158 -8.56 5.73 16.68
C ASN A 158 -8.79 4.79 15.51
N ASN A 159 -8.81 3.49 15.78
CA ASN A 159 -8.97 2.49 14.71
C ASN A 159 -10.40 2.00 14.53
N VAL A 160 -11.36 2.82 14.97
CA VAL A 160 -12.79 2.47 14.92
C VAL A 160 -13.44 3.18 13.73
N ASP A 161 -14.21 2.46 12.93
CA ASP A 161 -14.88 3.05 11.76
C ASP A 161 -16.27 3.59 12.08
N ILE A 162 -16.99 2.88 12.95
CA ILE A 162 -18.32 3.31 13.35
C ILE A 162 -18.16 4.67 14.01
N GLN A 163 -19.02 5.61 13.68
CA GLN A 163 -18.89 6.96 14.24
C GLN A 163 -19.30 7.03 15.73
N GLU A 164 -20.38 6.37 16.11
CA GLU A 164 -20.82 6.39 17.50
C GLU A 164 -21.42 5.09 17.95
N PHE A 165 -21.15 4.76 19.21
CA PHE A 165 -21.80 3.66 19.89
C PHE A 165 -22.61 4.24 21.04
N MET A 166 -23.82 3.75 21.21
CA MET A 166 -24.70 4.32 22.21
C MET A 166 -25.30 3.21 23.08
N ILE A 167 -25.78 3.56 24.27
CA ILE A 167 -26.55 2.61 25.05
C ILE A 167 -28.01 3.04 25.19
N MET A 168 -28.91 2.06 25.22
CA MET A 168 -30.33 2.29 25.46
C MET A 168 -30.82 1.40 26.61
N PRO A 169 -31.14 2.01 27.76
CA PRO A 169 -31.62 1.30 28.96
C PRO A 169 -33.10 0.87 28.86
N VAL A 170 -33.36 -0.03 27.91
CA VAL A 170 -34.73 -0.44 27.64
C VAL A 170 -35.40 -1.18 28.79
N GLY A 171 -34.61 -1.72 29.72
CA GLY A 171 -35.16 -2.50 30.82
C GLY A 171 -35.57 -1.73 32.06
N ALA A 172 -35.39 -0.42 32.06
CA ALA A 172 -35.77 0.42 33.19
C ALA A 172 -37.29 0.58 33.28
N PRO A 173 -37.83 0.69 34.51
CA PRO A 173 -39.28 0.86 34.74
C PRO A 173 -39.77 2.27 34.42
N ASN A 174 -38.89 3.26 34.47
CA ASN A 174 -39.29 4.63 34.17
C ASN A 174 -38.08 5.44 33.71
N PHE A 175 -38.28 6.70 33.34
CA PHE A 175 -37.18 7.46 32.79
C PHE A 175 -36.14 7.79 33.85
N ARG A 176 -36.59 8.10 35.05
CA ARG A 176 -35.68 8.40 36.13
C ARG A 176 -34.67 7.26 36.30
N GLU A 177 -35.14 6.02 36.21
CA GLU A 177 -34.25 4.88 36.38
C GLU A 177 -33.41 4.62 35.14
N ALA A 178 -34.02 4.83 33.98
CA ALA A 178 -33.28 4.80 32.72
C ALA A 178 -32.01 5.64 32.82
N LEU A 179 -32.16 6.86 33.34
CA LEU A 179 -31.04 7.79 33.38
C LEU A 179 -29.95 7.32 34.34
N ARG A 180 -30.33 6.85 35.52
CA ARG A 180 -29.35 6.34 36.46
C ARG A 180 -28.55 5.18 35.84
N MET A 181 -29.23 4.32 35.08
CA MET A 181 -28.58 3.20 34.43
C MET A 181 -27.55 3.71 33.42
N GLY A 182 -27.97 4.63 32.56
CA GLY A 182 -27.05 5.24 31.61
C GLY A 182 -25.84 5.81 32.36
N ALA A 183 -26.10 6.58 33.42
CA ALA A 183 -25.02 7.27 34.12
C ALA A 183 -24.04 6.30 34.78
N GLN A 184 -24.56 5.27 35.43
CA GLN A 184 -23.70 4.28 36.04
C GLN A 184 -22.86 3.55 34.99
N ILE A 185 -23.46 3.19 33.87
CA ILE A 185 -22.70 2.50 32.82
C ILE A 185 -21.62 3.43 32.29
N PHE A 186 -21.93 4.72 32.20
CA PHE A 186 -20.97 5.70 31.73
C PHE A 186 -19.77 5.77 32.70
N HIS A 187 -20.04 5.84 34.00
CA HIS A 187 -18.95 5.88 34.97
C HIS A 187 -18.18 4.55 34.99
N SER A 188 -18.91 3.46 34.77
CA SER A 188 -18.29 2.14 34.66
C SER A 188 -17.31 2.13 33.47
N LEU A 189 -17.77 2.57 32.31
CA LEU A 189 -16.91 2.57 31.12
C LEU A 189 -15.67 3.43 31.36
N LYS A 190 -15.83 4.56 32.05
CA LYS A 190 -14.69 5.43 32.35
C LYS A 190 -13.61 4.69 33.12
N SER A 191 -14.02 3.91 34.13
CA SER A 191 -13.07 3.11 34.89
C SER A 191 -12.43 2.04 34.02
N VAL A 192 -13.22 1.44 33.14
CA VAL A 192 -12.67 0.41 32.29
C VAL A 192 -11.61 1.01 31.36
N LEU A 193 -11.90 2.17 30.76
CA LEU A 193 -10.92 2.81 29.89
C LEU A 193 -9.67 3.24 30.66
N SER A 194 -9.88 3.83 31.82
CA SER A 194 -8.77 4.25 32.64
C SER A 194 -7.85 3.08 33.01
N ALA A 195 -8.43 1.89 33.17
CA ALA A 195 -7.64 0.70 33.51
C ALA A 195 -6.74 0.27 32.35
N LYS A 196 -7.24 0.40 31.13
CA LYS A 196 -6.47 0.09 29.93
C LYS A 196 -5.46 1.19 29.60
N GLY A 197 -5.44 2.24 30.42
CA GLY A 197 -4.57 3.38 30.17
C GLY A 197 -4.99 4.23 28.98
N LEU A 198 -6.30 4.23 28.67
CA LEU A 198 -6.82 5.00 27.55
C LEU A 198 -7.37 6.37 28.00
N ASN A 199 -7.37 7.32 27.08
CA ASN A 199 -7.83 8.68 27.36
C ASN A 199 -9.32 8.73 27.74
N THR A 200 -9.66 9.46 28.81
CA THR A 200 -11.07 9.59 29.20
C THR A 200 -11.62 11.01 29.13
N ALA A 201 -10.99 11.89 28.36
CA ALA A 201 -11.55 13.21 28.07
C ALA A 201 -12.75 13.02 27.15
N VAL A 202 -13.59 14.05 26.99
CA VAL A 202 -14.82 13.90 26.19
C VAL A 202 -14.90 14.78 24.93
N GLY A 203 -15.70 14.36 23.96
CA GLY A 203 -15.93 15.14 22.76
C GLY A 203 -17.24 15.92 22.84
N ASP A 204 -17.73 16.36 21.69
CA ASP A 204 -18.94 17.18 21.59
C ASP A 204 -20.17 16.61 22.28
N GLU A 205 -20.36 15.29 22.24
CA GLU A 205 -21.59 14.70 22.76
C GLU A 205 -21.45 14.21 24.20
N GLY A 206 -20.28 14.45 24.80
CA GLY A 206 -20.01 14.08 26.18
C GLY A 206 -19.50 12.65 26.35
N GLY A 207 -19.21 11.99 25.24
CA GLY A 207 -18.75 10.62 25.24
C GLY A 207 -17.24 10.52 25.14
N PHE A 208 -16.71 9.29 25.23
CA PHE A 208 -15.27 9.08 25.14
C PHE A 208 -14.85 8.77 23.71
N ALA A 209 -13.61 9.08 23.36
CA ALA A 209 -13.04 8.69 22.07
C ALA A 209 -11.65 8.07 22.30
N PRO A 210 -11.60 6.97 23.05
CA PRO A 210 -10.32 6.35 23.40
C PRO A 210 -9.72 5.65 22.18
N ASN A 211 -8.44 5.31 22.26
CA ASN A 211 -7.77 4.68 21.14
C ASN A 211 -7.98 3.16 21.14
N LEU A 212 -9.20 2.72 20.83
CA LEU A 212 -9.52 1.30 20.77
C LEU A 212 -9.01 0.71 19.46
N GLY A 213 -8.84 -0.60 19.44
CA GLY A 213 -8.17 -1.26 18.34
C GLY A 213 -9.03 -1.60 17.15
N SER A 214 -10.33 -1.68 17.36
CA SER A 214 -11.23 -2.10 16.30
C SER A 214 -12.70 -1.89 16.68
N ASN A 215 -13.56 -1.95 15.68
CA ASN A 215 -14.99 -1.84 15.93
C ASN A 215 -15.45 -2.83 17.00
N GLU A 216 -15.08 -4.09 16.86
CA GLU A 216 -15.60 -5.10 17.77
C GLU A 216 -15.03 -4.99 19.19
N GLU A 217 -13.80 -4.49 19.29
CA GLU A 217 -13.22 -4.20 20.60
C GLU A 217 -14.05 -3.12 21.31
N ALA A 218 -14.46 -2.09 20.57
CA ALA A 218 -15.34 -1.06 21.11
C ALA A 218 -16.61 -1.68 21.69
N LEU A 219 -17.25 -2.55 20.89
CA LEU A 219 -18.47 -3.23 21.31
C LEU A 219 -18.25 -4.11 22.55
N GLN A 220 -17.14 -4.82 22.56
CA GLN A 220 -16.84 -5.72 23.67
C GLN A 220 -16.60 -4.95 24.95
N THR A 221 -15.93 -3.80 24.83
CA THR A 221 -15.63 -2.97 26.00
C THR A 221 -16.92 -2.42 26.61
N ILE A 222 -17.81 -1.93 25.75
CA ILE A 222 -19.08 -1.42 26.23
C ILE A 222 -19.88 -2.49 26.95
N VAL A 223 -19.95 -3.68 26.37
CA VAL A 223 -20.64 -4.79 27.01
C VAL A 223 -20.03 -5.05 28.39
N GLU A 224 -18.70 -5.04 28.44
CA GLU A 224 -17.98 -5.16 29.71
C GLU A 224 -18.35 -4.05 30.71
N ALA A 225 -18.39 -2.80 30.25
CA ALA A 225 -18.82 -1.70 31.11
C ALA A 225 -20.21 -1.97 31.69
N ILE A 226 -21.14 -2.41 30.83
CA ILE A 226 -22.49 -2.73 31.29
C ILE A 226 -22.48 -3.80 32.38
N GLU A 227 -21.84 -4.92 32.11
CA GLU A 227 -21.81 -6.00 33.10
C GLU A 227 -21.23 -5.54 34.43
N LYS A 228 -20.18 -4.73 34.38
CA LYS A 228 -19.54 -4.21 35.59
C LYS A 228 -20.36 -3.13 36.29
N ALA A 229 -21.31 -2.52 35.60
CA ALA A 229 -22.21 -1.60 36.29
C ALA A 229 -23.28 -2.41 37.00
N GLY A 230 -23.41 -3.68 36.60
CA GLY A 230 -24.34 -4.59 37.24
C GLY A 230 -25.66 -4.74 36.51
N PHE A 231 -25.65 -4.45 35.22
CA PHE A 231 -26.84 -4.62 34.40
C PHE A 231 -26.61 -5.72 33.37
N LYS A 232 -27.69 -6.27 32.82
CA LYS A 232 -27.63 -7.34 31.83
C LYS A 232 -27.65 -6.79 30.41
N PRO A 233 -26.57 -6.99 29.64
CA PRO A 233 -26.63 -6.69 28.20
C PRO A 233 -27.78 -7.45 27.55
N GLY A 234 -28.53 -6.82 26.65
CA GLY A 234 -29.66 -7.46 26.00
C GLY A 234 -30.98 -7.23 26.70
N GLU A 235 -31.19 -7.96 27.80
CA GLU A 235 -32.41 -7.84 28.59
C GLU A 235 -32.65 -6.42 29.13
N GLU A 236 -31.63 -5.84 29.77
CA GLU A 236 -31.79 -4.52 30.37
C GLU A 236 -31.21 -3.38 29.54
N VAL A 237 -30.21 -3.67 28.72
CA VAL A 237 -29.52 -2.61 27.99
C VAL A 237 -29.15 -3.09 26.59
N LYS A 238 -29.60 -2.34 25.58
CA LYS A 238 -29.27 -2.65 24.20
C LYS A 238 -28.28 -1.64 23.72
N LEU A 239 -27.63 -1.92 22.59
CA LEU A 239 -26.70 -0.99 21.99
C LEU A 239 -27.32 -0.37 20.76
N ALA A 240 -26.84 0.81 20.40
CA ALA A 240 -27.26 1.47 19.19
C ALA A 240 -26.00 1.99 18.53
N MET A 241 -25.98 2.03 17.20
CA MET A 241 -24.80 2.52 16.49
C MET A 241 -25.20 3.56 15.47
N ASP A 242 -24.34 4.56 15.27
CA ASP A 242 -24.46 5.45 14.13
C ASP A 242 -23.21 5.23 13.29
N ALA A 243 -23.36 4.50 12.18
CA ALA A 243 -22.23 4.15 11.33
C ALA A 243 -21.69 5.33 10.53
N ALA A 244 -22.56 6.29 10.25
CA ALA A 244 -22.23 7.42 9.38
C ALA A 244 -21.42 6.91 8.20
N SER A 245 -21.99 5.92 7.51
CA SER A 245 -21.30 5.19 6.46
C SER A 245 -20.98 6.02 5.21
N SER A 246 -21.66 7.14 5.06
CA SER A 246 -21.27 8.10 4.03
C SER A 246 -19.81 8.50 4.18
N GLU A 247 -19.28 8.38 5.40
CA GLU A 247 -17.92 8.86 5.70
C GLU A 247 -16.82 7.93 5.20
N PHE A 248 -17.13 6.65 5.03
CA PHE A 248 -16.16 5.73 4.47
C PHE A 248 -16.62 5.14 3.13
N TYR A 249 -17.76 5.61 2.64
CA TYR A 249 -18.24 5.28 1.30
C TYR A 249 -17.43 5.99 0.21
N ASN A 250 -16.99 5.23 -0.79
CA ASN A 250 -16.28 5.79 -1.94
C ASN A 250 -17.25 5.94 -3.10
N LYS A 251 -17.57 7.17 -3.44
CA LYS A 251 -18.57 7.42 -4.48
C LYS A 251 -18.07 6.86 -5.81
N GLU A 252 -16.75 6.86 -5.97
CA GLU A 252 -16.09 6.47 -7.21
C GLU A 252 -16.35 5.01 -7.58
N ASP A 253 -16.13 4.10 -6.64
CA ASP A 253 -16.22 2.67 -6.92
C ASP A 253 -17.47 2.06 -6.31
N GLY A 254 -18.25 2.90 -5.65
CA GLY A 254 -19.51 2.47 -5.07
C GLY A 254 -19.34 1.50 -3.91
N LYS A 255 -18.15 1.50 -3.30
CA LYS A 255 -17.89 0.59 -2.19
C LYS A 255 -17.58 1.25 -0.84
N TYR A 256 -17.59 0.43 0.22
CA TYR A 256 -17.31 0.90 1.56
C TYR A 256 -15.90 0.54 2.06
N HIS A 257 -15.12 1.56 2.35
CA HIS A 257 -13.71 1.38 2.72
C HIS A 257 -13.51 1.52 4.23
N LEU A 258 -13.51 0.38 4.90
CA LEU A 258 -13.32 0.33 6.33
C LEU A 258 -11.85 0.28 6.67
N SER A 259 -11.24 1.44 6.80
CA SER A 259 -9.82 1.50 7.15
C SER A 259 -9.57 0.76 8.46
N GLY A 260 -10.45 0.94 9.42
CA GLY A 260 -10.33 0.26 10.69
C GLY A 260 -10.14 -1.23 10.55
N GLU A 261 -11.08 -1.89 9.88
CA GLU A 261 -11.01 -3.34 9.71
C GLU A 261 -10.00 -3.71 8.62
N GLY A 262 -9.54 -2.72 7.87
CA GLY A 262 -8.67 -2.98 6.73
C GLY A 262 -9.31 -3.86 5.67
N VAL A 263 -10.57 -3.58 5.33
CA VAL A 263 -11.25 -4.28 4.25
C VAL A 263 -12.17 -3.37 3.46
N VAL A 264 -12.53 -3.82 2.25
CA VAL A 264 -13.44 -3.09 1.38
C VAL A 264 -14.67 -3.96 1.13
N LYS A 265 -15.86 -3.40 1.36
CA LYS A 265 -17.11 -4.15 1.24
C LYS A 265 -18.07 -3.50 0.25
N THR A 266 -18.84 -4.34 -0.43
CA THR A 266 -20.00 -3.89 -1.20
C THR A 266 -21.15 -3.63 -0.24
N SER A 267 -22.16 -2.91 -0.69
CA SER A 267 -23.38 -2.73 0.08
C SER A 267 -23.86 -4.06 0.64
N ALA A 268 -23.92 -5.06 -0.23
CA ALA A 268 -24.36 -6.40 0.18
C ALA A 268 -23.48 -6.99 1.28
N GLU A 269 -22.16 -6.77 1.20
CA GLU A 269 -21.26 -7.27 2.23
C GLU A 269 -21.41 -6.50 3.55
N MET A 270 -21.72 -5.21 3.44
CA MET A 270 -22.04 -4.42 4.63
C MET A 270 -23.23 -5.03 5.34
N VAL A 271 -24.28 -5.38 4.58
CA VAL A 271 -25.43 -6.02 5.20
C VAL A 271 -25.07 -7.33 5.90
N ASP A 272 -24.20 -8.13 5.28
CA ASP A 272 -23.74 -9.36 5.93
C ASP A 272 -22.99 -9.00 7.20
N TRP A 273 -22.18 -7.94 7.13
CA TRP A 273 -21.44 -7.46 8.28
C TRP A 273 -22.37 -7.08 9.45
N TYR A 274 -23.35 -6.22 9.19
CA TYR A 274 -24.27 -5.83 10.25
C TYR A 274 -24.98 -7.04 10.87
N GLU A 275 -25.43 -7.95 10.01
CA GLU A 275 -26.12 -9.14 10.43
C GLU A 275 -25.27 -9.93 11.43
N GLU A 276 -24.01 -10.16 11.08
CA GLU A 276 -23.05 -10.78 11.99
C GLU A 276 -22.91 -9.99 13.31
N LEU A 277 -22.71 -8.68 13.21
CA LEU A 277 -22.59 -7.84 14.40
C LEU A 277 -23.78 -8.00 15.33
N VAL A 278 -24.97 -7.93 14.74
CA VAL A 278 -26.22 -8.03 15.48
C VAL A 278 -26.41 -9.41 16.14
N SER A 279 -25.87 -10.46 15.53
CA SER A 279 -26.02 -11.79 16.12
C SER A 279 -25.02 -12.00 17.28
N LYS A 280 -23.98 -11.18 17.32
CA LYS A 280 -22.95 -11.31 18.36
C LYS A 280 -23.19 -10.34 19.52
N TYR A 281 -23.77 -9.19 19.22
CA TYR A 281 -23.92 -8.12 20.21
C TYR A 281 -25.36 -7.62 20.24
N PRO A 282 -25.85 -7.26 21.44
CA PRO A 282 -27.24 -6.85 21.64
C PRO A 282 -27.53 -5.47 21.03
N ILE A 283 -27.27 -5.33 19.73
CA ILE A 283 -27.52 -4.09 19.00
C ILE A 283 -28.99 -4.03 18.57
N ILE A 284 -29.67 -2.93 18.88
CA ILE A 284 -31.10 -2.81 18.63
C ILE A 284 -31.40 -1.81 17.52
N SER A 285 -30.41 -1.02 17.16
CA SER A 285 -30.65 0.09 16.25
C SER A 285 -29.36 0.46 15.54
N ILE A 286 -29.48 0.76 14.26
CA ILE A 286 -28.31 1.11 13.45
C ILE A 286 -28.65 2.30 12.59
N GLU A 287 -27.83 3.34 12.69
CA GLU A 287 -28.13 4.59 12.02
C GLU A 287 -27.20 4.78 10.83
N ASP A 288 -27.76 5.20 9.70
CA ASP A 288 -26.98 5.40 8.47
C ASP A 288 -26.02 4.25 8.17
N GLY A 289 -26.54 3.03 8.19
CA GLY A 289 -25.73 1.85 7.98
C GLY A 289 -25.15 1.82 6.59
N LEU A 290 -25.79 2.52 5.67
CA LEU A 290 -25.29 2.61 4.30
C LEU A 290 -25.32 4.06 3.85
N ASP A 291 -24.60 4.36 2.76
CA ASP A 291 -24.47 5.73 2.25
C ASP A 291 -25.82 6.38 2.00
N GLU A 292 -25.82 7.70 2.01
CA GLU A 292 -27.04 8.50 1.92
C GLU A 292 -27.69 8.38 0.54
N ASN A 293 -26.92 8.01 -0.47
CA ASN A 293 -27.48 7.83 -1.81
C ASN A 293 -27.60 6.37 -2.24
N ASP A 294 -27.20 5.45 -1.36
CA ASP A 294 -27.23 4.02 -1.66
C ASP A 294 -28.64 3.46 -1.47
N TRP A 295 -29.59 3.99 -2.22
CA TRP A 295 -30.98 3.55 -2.12
C TRP A 295 -31.16 2.05 -2.29
N GLU A 296 -30.56 1.47 -3.34
CA GLU A 296 -30.63 0.04 -3.55
C GLU A 296 -30.11 -0.74 -2.33
N GLY A 297 -29.00 -0.26 -1.75
CA GLY A 297 -28.42 -0.89 -0.59
C GLY A 297 -29.35 -0.86 0.63
N HIS A 298 -29.85 0.32 0.97
CA HIS A 298 -30.79 0.49 2.08
C HIS A 298 -32.00 -0.45 1.97
N LYS A 299 -32.46 -0.65 0.73
CA LYS A 299 -33.57 -1.56 0.50
C LYS A 299 -33.23 -2.98 0.94
N LEU A 300 -32.02 -3.42 0.63
CA LEU A 300 -31.56 -4.75 1.01
C LEU A 300 -31.38 -4.85 2.53
N LEU A 301 -30.70 -3.88 3.11
CA LEU A 301 -30.51 -3.88 4.55
C LEU A 301 -31.86 -3.96 5.28
N THR A 302 -32.83 -3.17 4.83
CA THR A 302 -34.14 -3.18 5.46
C THR A 302 -34.83 -4.54 5.30
N GLU A 303 -34.71 -5.11 4.10
CA GLU A 303 -35.28 -6.43 3.84
C GLU A 303 -34.67 -7.47 4.77
N ARG A 304 -33.37 -7.37 4.99
CA ARG A 304 -32.66 -8.35 5.79
C ARG A 304 -32.82 -8.16 7.31
N LEU A 305 -32.84 -6.91 7.75
CA LEU A 305 -32.70 -6.62 9.18
C LEU A 305 -33.87 -5.82 9.75
N GLY A 306 -34.73 -5.35 8.87
CA GLY A 306 -35.80 -4.44 9.22
C GLY A 306 -36.80 -4.89 10.26
N LYS A 307 -36.92 -6.20 10.49
CA LYS A 307 -37.92 -6.67 11.44
C LYS A 307 -37.34 -7.06 12.80
N LYS A 308 -36.02 -7.01 12.94
CA LYS A 308 -35.44 -7.29 14.25
C LYS A 308 -34.55 -6.15 14.77
N VAL A 309 -34.31 -5.17 13.92
CA VAL A 309 -33.37 -4.08 14.21
C VAL A 309 -33.89 -2.75 13.68
N GLN A 310 -33.81 -1.70 14.49
CA GLN A 310 -34.19 -0.37 14.03
C GLN A 310 -33.16 0.14 13.04
N LEU A 311 -33.65 0.68 11.92
CA LEU A 311 -32.77 1.19 10.88
C LEU A 311 -33.02 2.67 10.62
N VAL A 312 -32.16 3.52 11.17
CA VAL A 312 -32.43 4.95 11.23
C VAL A 312 -31.76 5.74 10.10
N GLY A 313 -32.56 6.48 9.35
CA GLY A 313 -32.00 7.39 8.38
C GLY A 313 -31.73 8.73 9.01
N ASP A 314 -30.47 9.17 8.96
CA ASP A 314 -30.06 10.51 9.37
C ASP A 314 -29.70 11.32 8.12
N ASP A 315 -28.47 11.18 7.63
CA ASP A 315 -28.11 11.81 6.35
C ASP A 315 -29.02 11.30 5.22
N LEU A 316 -29.57 10.09 5.40
CA LEU A 316 -30.46 9.52 4.41
C LEU A 316 -31.69 10.40 4.19
N PHE A 317 -32.32 10.80 5.28
CA PHE A 317 -33.57 11.56 5.25
C PHE A 317 -33.40 13.06 5.50
N VAL A 318 -32.38 13.42 6.27
CA VAL A 318 -32.10 14.83 6.59
C VAL A 318 -33.36 15.61 7.01
N THR A 319 -34.16 15.00 7.88
CA THR A 319 -35.43 15.59 8.34
C THR A 319 -36.22 16.26 7.22
N ASN A 320 -36.35 15.55 6.10
CA ASN A 320 -36.99 16.06 4.88
C ASN A 320 -38.12 15.14 4.41
N THR A 321 -39.35 15.63 4.44
CA THR A 321 -40.53 14.80 4.15
C THR A 321 -40.56 14.19 2.75
N LYS A 322 -39.91 14.84 1.78
CA LYS A 322 -39.80 14.24 0.46
C LYS A 322 -38.87 13.04 0.52
N LYS A 323 -37.75 13.17 1.23
CA LYS A 323 -36.85 12.03 1.39
C LYS A 323 -37.56 10.90 2.16
N LEU A 324 -38.30 11.27 3.20
CA LEU A 324 -38.96 10.30 4.08
C LEU A 324 -39.99 9.52 3.29
N SER A 325 -40.81 10.23 2.51
CA SER A 325 -41.87 9.54 1.78
C SER A 325 -41.27 8.65 0.69
N GLU A 326 -40.11 9.05 0.15
CA GLU A 326 -39.40 8.20 -0.77
C GLU A 326 -38.92 6.90 -0.10
N GLY A 327 -38.36 6.99 1.09
CA GLY A 327 -38.00 5.78 1.84
C GLY A 327 -39.20 4.90 2.17
N ILE A 328 -40.25 5.51 2.73
CA ILE A 328 -41.45 4.78 3.10
C ILE A 328 -41.96 3.98 1.91
N LYS A 329 -42.08 4.67 0.78
CA LYS A 329 -42.60 4.14 -0.47
C LYS A 329 -41.72 3.04 -1.08
N ASN A 330 -40.41 3.12 -0.86
CA ASN A 330 -39.50 2.14 -1.45
C ASN A 330 -39.00 1.13 -0.43
N GLY A 331 -39.73 1.00 0.67
CA GLY A 331 -39.37 0.08 1.73
C GLY A 331 -37.99 0.35 2.32
N VAL A 332 -37.61 1.63 2.42
CA VAL A 332 -36.29 1.97 2.96
C VAL A 332 -36.33 2.49 4.41
N GLY A 333 -35.55 1.84 5.28
CA GLY A 333 -35.51 2.16 6.70
C GLY A 333 -36.81 1.83 7.42
N ASN A 334 -36.81 2.05 8.74
CA ASN A 334 -38.03 1.95 9.55
C ASN A 334 -37.96 2.95 10.71
N SER A 335 -37.26 4.05 10.48
CA SER A 335 -37.01 5.05 11.52
C SER A 335 -36.32 6.28 10.93
N ILE A 336 -36.66 7.45 11.46
CA ILE A 336 -36.05 8.69 10.99
C ILE A 336 -35.55 9.52 12.17
N LEU A 337 -34.37 10.11 12.00
CA LEU A 337 -33.79 10.97 13.00
C LEU A 337 -34.37 12.35 12.77
N ILE A 338 -34.96 12.94 13.82
CA ILE A 338 -35.63 14.24 13.68
C ILE A 338 -34.82 15.38 14.29
N LYS A 339 -34.30 16.26 13.43
CA LYS A 339 -33.59 17.44 13.90
C LYS A 339 -34.37 18.69 13.55
N VAL A 340 -34.88 19.38 14.58
CA VAL A 340 -35.76 20.53 14.36
C VAL A 340 -35.11 21.61 13.51
N ASN A 341 -33.81 21.84 13.70
CA ASN A 341 -33.19 22.95 13.00
C ASN A 341 -32.84 22.62 11.53
N GLN A 342 -32.90 21.33 11.20
CA GLN A 342 -32.65 20.87 9.84
C GLN A 342 -33.91 21.03 8.96
N ILE A 343 -35.07 21.15 9.59
CA ILE A 343 -36.32 21.46 8.88
C ILE A 343 -36.76 22.94 9.10
N GLY A 344 -36.60 23.48 10.31
CA GLY A 344 -36.71 24.92 10.51
C GLY A 344 -37.97 25.51 11.17
N THR A 345 -39.06 24.73 11.28
CA THR A 345 -40.23 25.16 12.05
C THR A 345 -40.77 24.00 12.89
N LEU A 346 -41.40 24.33 14.01
CA LEU A 346 -42.12 23.33 14.81
C LEU A 346 -43.24 22.65 14.03
N THR A 347 -43.94 23.42 13.20
CA THR A 347 -45.04 22.90 12.40
C THR A 347 -44.54 21.80 11.48
N GLU A 348 -43.51 22.10 10.70
CA GLU A 348 -42.94 21.12 9.78
C GLU A 348 -42.35 19.93 10.56
N THR A 349 -41.83 20.18 11.75
CA THR A 349 -41.27 19.09 12.56
C THR A 349 -42.36 18.08 12.96
N PHE A 350 -43.50 18.60 13.41
CA PHE A 350 -44.61 17.76 13.81
C PHE A 350 -45.24 17.02 12.63
N ASP A 351 -45.29 17.65 11.46
CA ASP A 351 -45.82 16.99 10.28
C ASP A 351 -44.91 15.83 9.87
N ALA A 352 -43.60 16.06 9.92
CA ALA A 352 -42.62 15.02 9.67
C ALA A 352 -42.78 13.83 10.61
N ILE A 353 -42.89 14.11 11.90
CA ILE A 353 -43.08 13.05 12.89
C ILE A 353 -44.37 12.26 12.63
N GLU A 354 -45.42 12.96 12.22
CA GLU A 354 -46.71 12.33 11.93
C GLU A 354 -46.59 11.37 10.75
N MET A 355 -45.96 11.83 9.68
CA MET A 355 -45.74 11.02 8.50
C MET A 355 -44.96 9.75 8.87
N ALA A 356 -43.93 9.90 9.69
CA ALA A 356 -43.18 8.75 10.14
C ALA A 356 -44.08 7.72 10.87
N LYS A 357 -44.80 8.19 11.89
CA LYS A 357 -45.70 7.32 12.66
C LYS A 357 -46.67 6.53 11.80
N ARG A 358 -47.29 7.24 10.86
CA ARG A 358 -48.35 6.67 10.04
C ARG A 358 -47.82 5.56 9.14
N ALA A 359 -46.51 5.57 8.93
CA ALA A 359 -45.85 4.54 8.14
C ALA A 359 -45.24 3.46 9.03
N GLY A 360 -45.55 3.53 10.32
CA GLY A 360 -44.97 2.60 11.27
C GLY A 360 -43.48 2.83 11.52
N TYR A 361 -43.00 4.03 11.18
CA TYR A 361 -41.62 4.41 11.51
C TYR A 361 -41.57 5.09 12.88
N THR A 362 -40.51 4.84 13.64
CA THR A 362 -40.23 5.64 14.82
C THR A 362 -39.57 6.97 14.43
N ALA A 363 -39.84 8.02 15.20
CA ALA A 363 -39.13 9.27 15.02
C ALA A 363 -38.25 9.50 16.25
N VAL A 364 -36.95 9.52 16.05
CA VAL A 364 -36.02 9.72 17.16
C VAL A 364 -35.65 11.19 17.24
N ILE A 365 -36.00 11.84 18.36
CA ILE A 365 -35.72 13.26 18.50
C ILE A 365 -34.24 13.43 18.83
N SER A 366 -33.58 14.32 18.07
CA SER A 366 -32.11 14.40 18.06
C SER A 366 -31.50 15.74 18.52
N HIS A 367 -30.34 15.63 19.19
CA HIS A 367 -29.50 16.81 19.43
C HIS A 367 -28.66 17.10 18.19
N ARG A 368 -27.87 18.16 18.27
CA ARG A 368 -26.89 18.46 17.25
C ARG A 368 -25.53 18.53 17.93
N SER A 369 -24.46 18.63 17.15
CA SER A 369 -23.13 18.69 17.75
C SER A 369 -23.02 19.93 18.61
N GLY A 370 -23.43 21.07 18.05
CA GLY A 370 -23.50 22.30 18.82
C GLY A 370 -24.85 22.44 19.49
N GLU A 371 -24.87 22.25 20.81
CA GLU A 371 -26.09 22.41 21.60
C GLU A 371 -26.01 23.60 22.56
N THR A 372 -27.08 23.80 23.31
CA THR A 372 -27.21 24.92 24.25
C THR A 372 -27.96 24.47 25.51
N GLU A 373 -28.24 25.39 26.41
CA GLU A 373 -28.99 25.08 27.63
C GLU A 373 -30.49 24.87 27.33
N ASP A 374 -30.86 25.03 26.07
CA ASP A 374 -32.25 24.82 25.67
C ASP A 374 -32.64 23.34 25.83
N SER A 375 -33.86 23.06 26.30
CA SER A 375 -34.31 21.69 26.45
C SER A 375 -35.62 21.43 25.71
N THR A 376 -35.96 22.30 24.77
CA THR A 376 -37.19 22.15 24.01
C THR A 376 -37.38 20.75 23.42
N ILE A 377 -36.31 20.14 22.93
CA ILE A 377 -36.48 18.82 22.33
C ILE A 377 -36.97 17.76 23.33
N ALA A 378 -36.70 17.95 24.62
CA ALA A 378 -37.23 16.98 25.59
C ALA A 378 -38.76 17.07 25.58
N ASP A 379 -39.28 18.28 25.65
CA ASP A 379 -40.72 18.52 25.55
C ASP A 379 -41.31 18.03 24.22
N ILE A 380 -40.58 18.18 23.11
CA ILE A 380 -41.06 17.67 21.84
C ILE A 380 -41.18 16.14 21.91
N ALA A 381 -40.16 15.47 22.43
CA ALA A 381 -40.21 14.01 22.57
C ALA A 381 -41.45 13.54 23.31
N VAL A 382 -41.83 14.28 24.35
CA VAL A 382 -42.96 13.87 25.17
C VAL A 382 -44.29 14.29 24.55
N ALA A 383 -44.31 15.43 23.89
CA ALA A 383 -45.52 15.92 23.23
C ALA A 383 -46.00 14.93 22.17
N THR A 384 -45.06 14.28 21.49
CA THR A 384 -45.44 13.35 20.43
C THR A 384 -45.39 11.88 20.86
N ASN A 385 -45.19 11.66 22.16
CA ASN A 385 -45.05 10.31 22.68
C ASN A 385 -44.10 9.51 21.77
N ALA A 386 -43.05 10.18 21.30
CA ALA A 386 -42.09 9.57 20.37
C ALA A 386 -41.51 8.22 20.85
N GLY A 387 -41.16 8.12 22.12
CA GLY A 387 -40.64 6.85 22.64
C GLY A 387 -39.13 6.73 22.70
N GLN A 388 -38.41 7.51 21.90
CA GLN A 388 -36.94 7.52 21.89
C GLN A 388 -36.41 8.93 21.74
N ILE A 389 -35.20 9.14 22.26
CA ILE A 389 -34.54 10.43 22.11
C ILE A 389 -33.04 10.19 22.08
N LYS A 390 -32.37 11.01 21.28
CA LYS A 390 -30.92 10.94 21.21
C LYS A 390 -30.34 12.32 21.51
N THR A 391 -29.94 12.55 22.77
CA THR A 391 -29.28 13.82 23.18
C THR A 391 -27.99 13.65 23.94
N GLY A 392 -27.26 12.58 23.66
CA GLY A 392 -25.89 12.49 24.14
C GLY A 392 -25.62 11.67 25.39
N ALA A 393 -24.34 11.67 25.77
CA ALA A 393 -23.91 11.03 26.98
C ALA A 393 -24.54 11.72 28.18
N PRO A 394 -24.64 11.00 29.30
CA PRO A 394 -25.04 11.64 30.57
C PRO A 394 -23.86 12.45 31.13
N SER A 395 -23.29 13.32 30.31
CA SER A 395 -22.26 14.26 30.75
C SER A 395 -22.25 15.46 29.81
N ARG A 396 -21.75 16.60 30.30
CA ARG A 396 -21.94 17.92 29.67
C ARG A 396 -23.40 18.37 29.81
N THR A 397 -23.58 19.58 30.34
CA THR A 397 -24.90 20.13 30.54
C THR A 397 -25.63 20.38 29.23
N ASP A 398 -24.88 20.58 28.15
CA ASP A 398 -25.53 20.69 26.85
C ASP A 398 -26.35 19.43 26.54
N ARG A 399 -25.97 18.30 27.15
CA ARG A 399 -26.74 17.07 26.98
C ARG A 399 -27.60 16.85 28.22
N VAL A 400 -26.99 16.97 29.38
CA VAL A 400 -27.68 16.61 30.61
C VAL A 400 -28.89 17.50 30.90
N ALA A 401 -28.91 18.71 30.33
CA ALA A 401 -30.05 19.62 30.47
C ALA A 401 -31.35 19.02 29.91
N LYS A 402 -31.23 18.28 28.81
CA LYS A 402 -32.36 17.56 28.25
C LYS A 402 -32.81 16.49 29.23
N TYR A 403 -31.86 15.68 29.69
CA TYR A 403 -32.15 14.63 30.67
C TYR A 403 -32.85 15.22 31.90
N ASN A 404 -32.33 16.33 32.41
CA ASN A 404 -32.94 16.98 33.56
C ASN A 404 -34.39 17.39 33.26
N GLN A 405 -34.61 18.01 32.11
CA GLN A 405 -35.95 18.43 31.74
C GLN A 405 -36.89 17.22 31.68
N LEU A 406 -36.38 16.08 31.20
CA LEU A 406 -37.19 14.85 31.20
C LEU A 406 -37.52 14.33 32.61
N LEU A 407 -36.58 14.48 33.54
CA LEU A 407 -36.89 14.19 34.94
C LEU A 407 -38.02 15.11 35.43
N ARG A 408 -37.98 16.38 35.06
CA ARG A 408 -39.00 17.33 35.52
C ARG A 408 -40.36 16.95 34.99
N ILE A 409 -40.38 16.59 33.72
CA ILE A 409 -41.63 16.24 33.05
C ILE A 409 -42.19 14.95 33.61
N GLU A 410 -41.33 13.99 33.93
CA GLU A 410 -41.82 12.72 34.43
C GLU A 410 -42.40 12.90 35.82
N ASP A 411 -41.72 13.71 36.62
CA ASP A 411 -42.14 14.05 37.98
C ASP A 411 -43.50 14.76 37.98
N GLN A 412 -43.65 15.67 37.04
CA GLN A 412 -44.88 16.42 36.88
C GLN A 412 -46.04 15.54 36.39
N LEU A 413 -45.76 14.58 35.51
CA LEU A 413 -46.78 13.65 35.03
C LEU A 413 -47.20 12.68 36.14
N ALA A 414 -46.33 12.47 37.12
CA ALA A 414 -46.63 11.59 38.26
C ALA A 414 -47.14 10.22 37.80
N GLU A 415 -48.30 9.80 38.31
CA GLU A 415 -48.82 8.48 37.96
C GLU A 415 -49.30 8.33 36.51
N THR A 416 -49.46 9.44 35.79
CA THR A 416 -49.82 9.32 34.38
C THR A 416 -48.62 9.08 33.44
N ALA A 417 -47.41 9.24 33.98
CA ALA A 417 -46.19 8.98 33.20
C ALA A 417 -46.09 7.54 32.69
N GLN A 418 -45.67 7.37 31.44
CA GLN A 418 -45.39 6.04 30.93
C GLN A 418 -43.97 5.98 30.41
N TYR A 419 -43.41 4.76 30.36
CA TYR A 419 -42.10 4.50 29.79
C TYR A 419 -42.16 3.08 29.29
N HIS A 420 -41.99 2.90 27.99
CA HIS A 420 -42.30 1.62 27.36
C HIS A 420 -41.11 0.69 27.13
N GLY A 421 -39.92 1.12 27.54
CA GLY A 421 -38.74 0.29 27.40
C GLY A 421 -38.63 -0.31 26.02
N ILE A 422 -38.40 -1.62 25.97
CA ILE A 422 -38.30 -2.33 24.70
C ILE A 422 -39.53 -2.13 23.80
N ASN A 423 -40.71 -1.96 24.40
CA ASN A 423 -41.94 -1.83 23.60
C ASN A 423 -42.13 -0.47 22.94
N SER A 424 -41.12 0.39 23.01
CA SER A 424 -41.18 1.70 22.38
C SER A 424 -40.88 1.52 20.90
N PHE A 425 -40.28 0.38 20.56
CA PHE A 425 -39.91 0.10 19.18
C PHE A 425 -41.07 -0.48 18.39
N TYR A 426 -42.10 0.33 18.13
CA TYR A 426 -43.31 -0.15 17.44
C TYR A 426 -43.04 -0.49 15.99
N ASN A 427 -41.87 -0.09 15.49
CA ASN A 427 -41.46 -0.42 14.14
C ASN A 427 -41.00 -1.86 14.01
N LEU A 428 -40.81 -2.52 15.16
CA LEU A 428 -40.24 -3.89 15.18
C LEU A 428 -41.28 -4.99 15.45
N MET B 1 -48.86 36.67 48.99
CA MET B 1 -48.40 36.85 47.61
C MET B 1 -46.89 36.75 47.47
N PRO B 2 -46.15 37.46 48.35
CA PRO B 2 -44.73 37.18 48.49
C PRO B 2 -44.53 35.99 49.43
N TYR B 3 -45.63 35.50 50.03
CA TYR B 3 -45.54 34.38 50.97
C TYR B 3 -45.38 33.02 50.27
N ILE B 4 -44.46 32.23 50.78
CA ILE B 4 -44.12 30.94 50.19
C ILE B 4 -45.23 29.92 50.45
N VAL B 5 -45.79 29.36 49.38
CA VAL B 5 -46.77 28.29 49.52
C VAL B 5 -46.19 26.90 49.25
N ASP B 6 -44.98 26.82 48.71
CA ASP B 6 -44.40 25.52 48.41
C ASP B 6 -42.89 25.59 48.19
N VAL B 7 -42.16 24.72 48.88
CA VAL B 7 -40.72 24.51 48.65
C VAL B 7 -40.53 23.05 48.24
N TYR B 8 -39.92 22.80 47.09
CA TYR B 8 -39.85 21.43 46.55
C TYR B 8 -38.49 21.05 46.00
N ALA B 9 -37.93 19.94 46.47
CA ALA B 9 -36.66 19.44 45.94
C ALA B 9 -36.82 18.18 45.11
N ARG B 10 -35.93 18.02 44.12
CA ARG B 10 -35.83 16.80 43.37
C ARG B 10 -34.36 16.51 43.13
N GLU B 11 -34.07 15.27 42.76
CA GLU B 11 -32.71 14.87 42.41
C GLU B 11 -32.52 15.02 40.90
N VAL B 12 -31.52 15.80 40.50
CA VAL B 12 -31.18 15.90 39.09
C VAL B 12 -29.71 15.52 38.87
N LEU B 13 -29.18 15.82 37.69
CA LEU B 13 -27.83 15.41 37.34
C LEU B 13 -26.94 16.61 36.96
N ASP B 14 -25.68 16.56 37.38
CA ASP B 14 -24.75 17.61 37.04
C ASP B 14 -23.96 17.32 35.76
N SER B 15 -23.03 18.20 35.40
CA SER B 15 -22.40 18.12 34.09
C SER B 15 -21.43 16.95 34.02
N ARG B 16 -21.26 16.24 35.14
CA ARG B 16 -20.36 15.09 35.18
C ARG B 16 -21.13 13.80 35.38
N GLY B 17 -22.46 13.88 35.23
CA GLY B 17 -23.30 12.72 35.39
C GLY B 17 -23.43 12.25 36.83
N ASN B 18 -23.25 13.18 37.76
CA ASN B 18 -23.47 12.91 39.18
C ASN B 18 -24.72 13.63 39.73
N PRO B 19 -25.46 12.96 40.63
CA PRO B 19 -26.68 13.62 41.11
C PRO B 19 -26.36 14.91 41.87
N THR B 20 -27.33 15.82 41.86
CA THR B 20 -27.27 16.97 42.72
C THR B 20 -28.69 17.42 42.97
N VAL B 21 -28.82 18.49 43.76
CA VAL B 21 -30.11 18.93 44.24
C VAL B 21 -30.67 20.07 43.38
N GLU B 22 -31.94 19.96 43.04
CA GLU B 22 -32.67 21.04 42.43
C GLU B 22 -33.76 21.43 43.41
N VAL B 23 -33.93 22.72 43.63
CA VAL B 23 -35.01 23.21 44.48
C VAL B 23 -35.94 24.20 43.76
N GLU B 24 -37.25 24.05 43.97
CA GLU B 24 -38.22 25.01 43.45
C GLU B 24 -38.98 25.66 44.60
N VAL B 25 -39.24 26.96 44.45
CA VAL B 25 -40.04 27.73 45.41
C VAL B 25 -41.14 28.50 44.70
N TYR B 26 -42.35 28.45 45.27
CA TYR B 26 -43.51 29.16 44.74
C TYR B 26 -44.12 30.03 45.85
N THR B 27 -44.64 31.19 45.46
CA THR B 27 -45.42 32.01 46.37
C THR B 27 -46.90 31.77 46.09
N GLU B 28 -47.78 32.31 46.94
CA GLU B 28 -49.23 32.15 46.78
C GLU B 28 -49.68 32.63 45.40
N THR B 29 -49.04 33.67 44.92
CA THR B 29 -49.42 34.32 43.67
C THR B 29 -48.73 33.73 42.44
N GLY B 30 -47.93 32.69 42.65
CA GLY B 30 -47.30 32.00 41.53
C GLY B 30 -45.90 32.50 41.17
N ALA B 31 -45.34 33.41 41.96
CA ALA B 31 -43.94 33.77 41.80
C ALA B 31 -43.13 32.49 41.98
N PHE B 32 -42.11 32.30 41.15
CA PHE B 32 -41.42 31.01 41.08
C PHE B 32 -39.91 31.18 40.95
N GLY B 33 -39.15 30.41 41.72
CA GLY B 33 -37.70 30.34 41.56
C GLY B 33 -37.21 28.89 41.51
N ARG B 34 -36.27 28.59 40.63
CA ARG B 34 -35.64 27.27 40.61
C ARG B 34 -34.13 27.40 40.67
N ALA B 35 -33.51 26.63 41.55
CA ALA B 35 -32.05 26.66 41.65
C ALA B 35 -31.45 25.26 41.58
N LEU B 36 -30.28 25.13 40.97
CA LEU B 36 -29.52 23.88 41.02
C LEU B 36 -28.19 24.10 41.71
N VAL B 37 -27.75 23.09 42.46
CA VAL B 37 -26.58 23.19 43.31
C VAL B 37 -25.38 22.53 42.60
N PRO B 38 -24.24 23.23 42.56
CA PRO B 38 -23.03 22.63 41.97
C PRO B 38 -22.34 21.69 42.96
N SER B 39 -21.33 20.96 42.47
CA SER B 39 -20.69 19.88 43.20
C SER B 39 -19.71 20.35 44.25
N GLY B 40 -20.04 20.17 45.53
CA GLY B 40 -19.12 20.47 46.61
C GLY B 40 -18.46 19.22 47.19
N ALA B 41 -17.73 19.38 48.29
CA ALA B 41 -17.05 18.26 48.93
C ALA B 41 -17.81 17.73 50.16
N SER B 42 -17.92 16.41 50.25
CA SER B 42 -18.60 15.76 51.37
C SER B 42 -17.85 15.89 52.70
N THR B 43 -16.54 16.13 52.62
CA THR B 43 -15.72 16.46 53.81
C THR B 43 -14.93 17.76 53.62
N GLY B 44 -13.73 17.83 54.19
CA GLY B 44 -12.97 19.07 54.20
C GLY B 44 -13.22 19.79 55.51
N GLU B 45 -12.23 19.81 56.39
CA GLU B 45 -12.45 20.20 57.78
C GLU B 45 -12.97 21.63 57.98
N TYR B 46 -13.01 22.43 56.92
CA TYR B 46 -13.39 23.83 57.06
C TYR B 46 -14.52 24.28 56.12
N GLU B 47 -14.87 23.46 55.14
CA GLU B 47 -15.92 23.86 54.22
C GLU B 47 -17.26 23.16 54.51
N ALA B 48 -18.35 23.86 54.22
CA ALA B 48 -19.68 23.33 54.43
C ALA B 48 -19.79 21.98 53.73
N VAL B 49 -20.45 21.03 54.39
CA VAL B 49 -20.41 19.66 53.90
C VAL B 49 -21.61 19.37 53.03
N GLU B 50 -21.34 18.85 51.84
CA GLU B 50 -22.40 18.37 50.98
C GLU B 50 -22.84 17.01 51.51
N LEU B 51 -24.15 16.77 51.54
CA LEU B 51 -24.68 15.48 51.99
C LEU B 51 -24.88 14.49 50.83
N ARG B 52 -24.10 13.41 50.82
CA ARG B 52 -24.25 12.32 49.83
C ARG B 52 -24.81 11.07 50.49
N ASP B 53 -25.66 10.34 49.77
CA ASP B 53 -26.27 9.13 50.33
C ASP B 53 -25.27 8.04 50.67
N GLY B 54 -24.29 7.83 49.80
CA GLY B 54 -23.28 6.83 50.05
C GLY B 54 -23.72 5.40 49.80
N ASP B 55 -24.91 5.23 49.23
CA ASP B 55 -25.38 3.89 48.83
C ASP B 55 -24.49 3.33 47.71
N LYS B 56 -23.70 2.31 48.04
CA LYS B 56 -22.79 1.64 47.10
C LYS B 56 -23.43 1.22 45.76
N ASP B 57 -24.71 0.84 45.82
CA ASP B 57 -25.43 0.33 44.65
C ASP B 57 -26.29 1.38 43.94
N ARG B 58 -26.18 2.64 44.35
CA ARG B 58 -26.94 3.69 43.68
C ARG B 58 -26.07 4.89 43.34
N TYR B 59 -25.80 5.07 42.05
CA TYR B 59 -24.99 6.19 41.60
C TYR B 59 -23.59 6.18 42.25
N LEU B 60 -23.09 5.01 42.62
CA LEU B 60 -21.74 4.86 43.21
C LEU B 60 -21.59 5.65 44.52
N GLY B 61 -22.65 5.65 45.33
CA GLY B 61 -22.66 6.34 46.61
C GLY B 61 -22.88 7.84 46.50
N LYS B 62 -23.27 8.33 45.32
CA LYS B 62 -23.38 9.78 45.12
C LYS B 62 -24.79 10.34 45.01
N GLY B 63 -25.79 9.53 45.32
CA GLY B 63 -27.16 10.01 45.36
C GLY B 63 -27.38 11.11 46.38
N VAL B 64 -28.38 11.96 46.14
CA VAL B 64 -28.69 13.04 47.09
C VAL B 64 -30.13 12.94 47.56
N LEU B 65 -30.62 11.71 47.67
CA LEU B 65 -31.98 11.47 48.16
C LEU B 65 -32.19 12.01 49.57
N THR B 66 -31.15 11.95 50.41
CA THR B 66 -31.26 12.40 51.80
C THR B 66 -31.43 13.92 51.86
N ALA B 67 -30.56 14.63 51.16
CA ALA B 67 -30.69 16.09 51.01
C ALA B 67 -32.06 16.51 50.45
N VAL B 68 -32.50 15.81 49.40
CA VAL B 68 -33.80 16.11 48.80
C VAL B 68 -34.92 15.93 49.83
N ASN B 69 -34.89 14.83 50.59
CA ASN B 69 -35.83 14.62 51.69
C ASN B 69 -35.73 15.72 52.74
N ASN B 70 -34.51 16.08 53.11
CA ASN B 70 -34.32 17.15 54.08
C ASN B 70 -35.05 18.43 53.65
N VAL B 71 -34.92 18.78 52.38
CA VAL B 71 -35.62 19.93 51.86
C VAL B 71 -37.13 19.71 51.98
N ASN B 72 -37.62 18.61 51.42
CA ASN B 72 -39.08 18.41 51.35
C ASN B 72 -39.77 18.16 52.67
N GLU B 73 -39.09 17.48 53.59
CA GLU B 73 -39.73 17.05 54.82
C GLU B 73 -39.32 17.81 56.08
N ILE B 74 -38.18 18.51 56.05
CA ILE B 74 -37.74 19.26 57.22
C ILE B 74 -37.77 20.77 57.01
N ILE B 75 -37.00 21.24 56.03
CA ILE B 75 -37.00 22.66 55.70
C ILE B 75 -38.35 23.20 55.23
N ALA B 76 -39.01 22.52 54.28
CA ALA B 76 -40.23 23.05 53.67
C ALA B 76 -41.30 23.51 54.67
N PRO B 77 -41.67 22.62 55.61
CA PRO B 77 -42.68 22.94 56.64
C PRO B 77 -42.30 24.18 57.46
N GLU B 78 -41.01 24.45 57.61
CA GLU B 78 -40.59 25.60 58.38
C GLU B 78 -40.66 26.89 57.56
N LEU B 79 -40.78 26.76 56.24
CA LEU B 79 -40.78 27.93 55.37
C LEU B 79 -42.14 28.35 54.83
N LEU B 80 -43.14 27.50 54.93
CA LEU B 80 -44.45 27.91 54.43
C LEU B 80 -44.88 29.17 55.17
N GLY B 81 -45.33 30.17 54.41
CA GLY B 81 -45.82 31.41 54.99
C GLY B 81 -44.77 32.50 55.08
N PHE B 82 -43.50 32.13 54.93
CA PHE B 82 -42.42 33.10 54.99
C PHE B 82 -42.50 34.06 53.81
N ASP B 83 -42.32 35.35 54.10
CA ASP B 83 -42.15 36.32 53.04
C ASP B 83 -40.89 35.97 52.27
N VAL B 84 -41.05 35.60 51.00
CA VAL B 84 -39.93 35.12 50.20
C VAL B 84 -38.82 36.16 49.95
N THR B 85 -39.09 37.42 50.27
CA THR B 85 -38.12 38.50 50.04
C THR B 85 -37.27 38.76 51.29
N GLU B 86 -37.47 37.93 52.31
CA GLU B 86 -36.68 38.02 53.54
C GLU B 86 -35.44 37.12 53.48
N GLN B 87 -34.61 37.35 52.48
CA GLN B 87 -33.46 36.48 52.27
C GLN B 87 -32.62 36.27 53.52
N ASN B 88 -32.24 37.37 54.21
CA ASN B 88 -31.41 37.27 55.39
C ASN B 88 -32.04 36.39 56.46
N ALA B 89 -33.30 36.67 56.76
CA ALA B 89 -34.07 35.88 57.71
C ALA B 89 -34.16 34.41 57.29
N ILE B 90 -34.39 34.17 56.00
CA ILE B 90 -34.50 32.80 55.49
C ILE B 90 -33.17 32.06 55.68
N ASP B 91 -32.08 32.73 55.34
CA ASP B 91 -30.76 32.13 55.48
C ASP B 91 -30.46 31.82 56.94
N GLN B 92 -30.89 32.70 57.84
CA GLN B 92 -30.67 32.51 59.28
C GLN B 92 -31.44 31.30 59.78
N LEU B 93 -32.68 31.21 59.35
CA LEU B 93 -33.55 30.10 59.72
C LEU B 93 -32.96 28.75 59.25
N LEU B 94 -32.39 28.74 58.05
CA LEU B 94 -31.80 27.51 57.51
C LEU B 94 -30.63 27.07 58.37
N ILE B 95 -29.77 28.03 58.68
CA ILE B 95 -28.57 27.80 59.45
C ILE B 95 -28.93 27.28 60.84
N GLU B 96 -29.97 27.86 61.40
CA GLU B 96 -30.38 27.52 62.76
C GLU B 96 -31.01 26.13 62.78
N LEU B 97 -31.79 25.82 61.73
CA LEU B 97 -32.41 24.51 61.57
C LEU B 97 -31.38 23.41 61.56
N ASP B 98 -30.30 23.62 60.83
CA ASP B 98 -29.21 22.65 60.77
C ASP B 98 -28.53 22.47 62.12
N GLY B 99 -28.23 23.60 62.78
CA GLY B 99 -27.68 23.59 64.12
C GLY B 99 -26.19 23.30 64.25
N THR B 100 -25.51 23.09 63.13
CA THR B 100 -24.12 22.72 63.20
C THR B 100 -23.29 23.72 62.43
N GLU B 101 -21.98 23.72 62.68
CA GLU B 101 -21.08 24.67 62.04
C GLU B 101 -20.91 24.40 60.55
N ASN B 102 -20.85 23.13 60.18
CA ASN B 102 -20.50 22.80 58.80
C ASN B 102 -21.68 22.39 57.94
N LYS B 103 -22.89 22.68 58.43
CA LYS B 103 -24.12 22.39 57.71
C LYS B 103 -24.27 20.90 57.41
N GLY B 104 -23.63 20.06 58.21
CA GLY B 104 -23.61 18.62 57.99
C GLY B 104 -24.86 17.84 58.35
N LYS B 105 -25.81 18.47 59.05
CA LYS B 105 -27.06 17.79 59.41
C LYS B 105 -28.08 17.78 58.26
N LEU B 106 -28.43 18.96 57.75
CA LEU B 106 -29.34 19.06 56.60
C LEU B 106 -28.62 18.92 55.26
N GLY B 107 -27.35 19.30 55.24
CA GLY B 107 -26.56 19.30 54.02
C GLY B 107 -26.38 20.68 53.41
N ALA B 108 -25.16 21.04 53.07
CA ALA B 108 -24.94 22.34 52.41
C ALA B 108 -25.64 22.41 51.06
N ASN B 109 -25.74 21.27 50.36
CA ASN B 109 -26.49 21.20 49.11
C ASN B 109 -28.00 21.46 49.29
N ALA B 110 -28.60 20.91 50.34
CA ALA B 110 -30.00 21.21 50.61
C ALA B 110 -30.15 22.70 50.93
N ILE B 111 -29.35 23.18 51.88
CA ILE B 111 -29.47 24.56 52.33
C ILE B 111 -29.24 25.57 51.22
N LEU B 112 -28.18 25.40 50.44
CA LEU B 112 -27.92 26.36 49.39
C LEU B 112 -29.02 26.37 48.34
N GLY B 113 -29.57 25.19 48.08
CA GLY B 113 -30.60 25.06 47.07
C GLY B 113 -31.82 25.88 47.44
N VAL B 114 -32.23 25.76 48.69
CA VAL B 114 -33.32 26.58 49.20
C VAL B 114 -32.91 28.07 49.17
N SER B 115 -31.72 28.38 49.69
CA SER B 115 -31.26 29.78 49.76
C SER B 115 -31.33 30.49 48.41
N MET B 116 -30.89 29.81 47.35
CA MET B 116 -30.92 30.37 46.00
C MET B 116 -32.30 30.33 45.36
N ALA B 117 -33.05 29.25 45.58
CA ALA B 117 -34.39 29.18 45.01
C ALA B 117 -35.21 30.37 45.52
N CYS B 118 -35.08 30.69 46.81
CA CYS B 118 -35.82 31.82 47.40
C CYS B 118 -35.51 33.16 46.77
N ALA B 119 -34.23 33.41 46.54
CA ALA B 119 -33.83 34.69 45.95
C ALA B 119 -34.33 34.80 44.52
N ARG B 120 -34.25 33.68 43.79
CA ARG B 120 -34.72 33.67 42.40
C ARG B 120 -36.23 33.86 42.33
N ALA B 121 -36.96 33.25 43.26
CA ALA B 121 -38.40 33.48 43.35
C ALA B 121 -38.71 34.92 43.73
N ALA B 122 -37.91 35.48 44.65
CA ALA B 122 -38.11 36.88 45.06
C ALA B 122 -37.94 37.85 43.89
N ALA B 123 -36.89 37.66 43.09
CA ALA B 123 -36.68 38.57 41.96
C ALA B 123 -37.86 38.44 41.01
N ASP B 124 -38.41 37.23 40.96
CA ASP B 124 -39.54 36.95 40.10
C ASP B 124 -40.79 37.63 40.65
N PHE B 125 -41.00 37.50 41.96
CA PHE B 125 -42.10 38.19 42.61
C PHE B 125 -42.07 39.69 42.34
N LEU B 126 -40.90 40.31 42.43
CA LEU B 126 -40.79 41.76 42.27
C LEU B 126 -40.65 42.12 40.80
N GLN B 127 -40.44 41.10 39.97
CA GLN B 127 -40.24 41.30 38.54
C GLN B 127 -39.07 42.22 38.25
N ILE B 128 -37.95 42.00 38.92
CA ILE B 128 -36.70 42.68 38.61
C ILE B 128 -35.60 41.63 38.34
N PRO B 129 -34.56 42.02 37.58
CA PRO B 129 -33.50 41.06 37.28
C PRO B 129 -32.87 40.58 38.58
N LEU B 130 -32.43 39.33 38.61
CA LEU B 130 -31.82 38.77 39.82
C LEU B 130 -30.60 39.56 40.34
N TYR B 131 -29.70 39.99 39.44
CA TYR B 131 -28.53 40.76 39.87
C TYR B 131 -28.99 42.02 40.58
N GLN B 132 -30.12 42.55 40.15
CA GLN B 132 -30.62 43.78 40.75
C GLN B 132 -31.24 43.50 42.10
N TYR B 133 -32.02 42.42 42.17
CA TYR B 133 -32.56 42.00 43.43
C TYR B 133 -31.44 41.73 44.42
N LEU B 134 -30.33 41.17 43.95
CA LEU B 134 -29.25 40.78 44.86
C LEU B 134 -28.40 41.97 45.32
N GLY B 135 -28.19 42.94 44.43
CA GLY B 135 -27.20 43.96 44.68
C GLY B 135 -27.72 45.39 44.71
N GLY B 136 -29.02 45.58 44.41
CA GLY B 136 -29.60 46.90 44.42
C GLY B 136 -29.40 47.60 43.08
N PHE B 137 -29.69 48.90 43.04
CA PHE B 137 -29.78 49.62 41.78
C PHE B 137 -28.45 49.75 41.06
N ASN B 138 -27.35 49.74 41.82
CA ASN B 138 -26.05 50.06 41.22
C ASN B 138 -25.26 48.86 40.70
N SER B 139 -25.94 47.73 40.52
CA SER B 139 -25.32 46.52 39.99
C SER B 139 -25.17 46.69 38.49
N LYS B 140 -23.94 46.81 38.01
CA LYS B 140 -23.76 47.22 36.62
C LYS B 140 -22.44 46.83 35.96
N THR B 141 -21.54 46.20 36.71
CA THR B 141 -20.20 45.91 36.16
C THR B 141 -20.02 44.46 35.78
N LEU B 142 -19.67 44.22 34.53
CA LEU B 142 -19.43 42.88 34.07
C LEU B 142 -18.04 42.45 34.44
N PRO B 143 -17.89 41.18 34.83
CA PRO B 143 -16.63 40.60 35.26
C PRO B 143 -15.73 40.31 34.07
N VAL B 144 -14.43 40.47 34.27
CA VAL B 144 -13.44 39.92 33.37
C VAL B 144 -13.44 38.41 33.62
N PRO B 145 -13.67 37.62 32.56
CA PRO B 145 -13.66 36.15 32.63
C PRO B 145 -12.26 35.55 32.69
N MET B 146 -12.07 34.68 33.67
CA MET B 146 -10.87 33.88 33.83
C MET B 146 -11.22 32.51 33.22
N MET B 147 -10.80 32.28 31.98
CA MET B 147 -11.28 31.11 31.22
C MET B 147 -10.28 29.95 31.12
N ASN B 148 -10.66 28.82 31.70
CA ASN B 148 -9.82 27.63 31.68
C ASN B 148 -9.51 27.20 30.25
N ILE B 149 -8.26 26.85 29.98
CA ILE B 149 -7.87 26.59 28.61
C ILE B 149 -6.96 25.35 28.51
N VAL B 150 -6.09 25.17 29.50
CA VAL B 150 -5.20 24.00 29.52
C VAL B 150 -5.04 23.44 30.95
N ASN B 151 -5.11 22.11 31.07
CA ASN B 151 -5.04 21.45 32.37
C ASN B 151 -3.82 20.58 32.61
N GLY B 152 -3.39 20.50 33.88
CA GLY B 152 -2.30 19.64 34.27
C GLY B 152 -2.50 19.04 35.64
N GLY B 153 -1.40 18.65 36.29
CA GLY B 153 -1.46 18.08 37.62
C GLY B 153 -2.43 16.92 37.73
N GLU B 154 -3.30 16.98 38.73
CA GLU B 154 -4.25 15.90 38.98
C GLU B 154 -5.38 15.90 37.97
N HIS B 155 -5.50 17.02 37.26
CA HIS B 155 -6.58 17.19 36.27
C HIS B 155 -6.19 16.70 34.87
N ALA B 156 -5.01 16.11 34.75
CA ALA B 156 -4.53 15.63 33.45
C ALA B 156 -3.56 14.46 33.60
N ASP B 157 -3.16 13.89 32.47
CA ASP B 157 -2.11 12.88 32.44
C ASP B 157 -1.01 13.39 31.53
N ASN B 158 -0.40 14.49 31.92
CA ASN B 158 0.75 15.04 31.19
C ASN B 158 1.92 15.34 32.12
N ASN B 159 2.94 16.01 31.58
CA ASN B 159 4.12 16.36 32.37
C ASN B 159 4.00 17.77 32.94
N VAL B 160 2.77 18.22 33.19
CA VAL B 160 2.52 19.56 33.70
C VAL B 160 2.10 19.53 35.15
N ASP B 161 2.77 20.35 35.96
CA ASP B 161 2.52 20.41 37.40
C ASP B 161 1.37 21.35 37.77
N ILE B 162 1.33 22.52 37.14
CA ILE B 162 0.25 23.46 37.38
C ILE B 162 -1.06 22.77 37.05
N GLN B 163 -2.09 22.99 37.87
CA GLN B 163 -3.36 22.30 37.63
C GLN B 163 -4.17 22.92 36.50
N GLU B 164 -4.19 24.24 36.39
CA GLU B 164 -4.88 24.84 35.27
C GLU B 164 -4.33 26.18 34.81
N PHE B 165 -4.36 26.37 33.50
CA PHE B 165 -3.93 27.62 32.88
C PHE B 165 -5.15 28.33 32.29
N MET B 166 -5.34 29.60 32.62
CA MET B 166 -6.50 30.34 32.15
C MET B 166 -6.07 31.60 31.37
N ILE B 167 -6.94 32.10 30.52
CA ILE B 167 -6.69 33.37 29.85
C ILE B 167 -7.68 34.40 30.39
N MET B 168 -7.25 35.65 30.47
CA MET B 168 -8.13 36.74 30.90
C MET B 168 -8.08 37.87 29.88
N PRO B 169 -9.20 38.12 29.19
CA PRO B 169 -9.22 39.14 28.12
C PRO B 169 -9.34 40.57 28.65
N VAL B 170 -8.29 41.02 29.33
CA VAL B 170 -8.34 42.31 30.00
C VAL B 170 -8.49 43.50 29.06
N GLY B 171 -8.20 43.30 27.77
CA GLY B 171 -8.17 44.40 26.84
C GLY B 171 -9.46 44.69 26.08
N ALA B 172 -10.50 43.89 26.31
CA ALA B 172 -11.80 44.09 25.64
C ALA B 172 -12.57 45.29 26.21
N PRO B 173 -13.37 45.97 25.36
CA PRO B 173 -14.15 47.15 25.78
C PRO B 173 -15.42 46.78 26.55
N ASN B 174 -15.90 45.56 26.37
CA ASN B 174 -17.12 45.12 27.03
C ASN B 174 -17.07 43.61 27.18
N PHE B 175 -18.05 43.03 27.85
CA PHE B 175 -17.99 41.58 28.08
C PHE B 175 -18.19 40.77 26.78
N ARG B 176 -19.05 41.26 25.90
CA ARG B 176 -19.36 40.57 24.67
C ARG B 176 -18.09 40.36 23.85
N GLU B 177 -17.21 41.37 23.83
CA GLU B 177 -15.97 41.25 23.09
C GLU B 177 -14.97 40.41 23.87
N ALA B 178 -14.96 40.60 25.19
CA ALA B 178 -14.18 39.72 26.06
C ALA B 178 -14.47 38.26 25.74
N LEU B 179 -15.74 37.93 25.59
CA LEU B 179 -16.13 36.54 25.38
C LEU B 179 -15.69 36.07 24.00
N ARG B 180 -15.85 36.92 22.99
CA ARG B 180 -15.41 36.60 21.64
C ARG B 180 -13.92 36.32 21.63
N MET B 181 -13.16 37.17 22.33
CA MET B 181 -11.70 37.00 22.38
C MET B 181 -11.32 35.64 22.95
N GLY B 182 -11.94 35.28 24.08
CA GLY B 182 -11.70 33.98 24.68
C GLY B 182 -12.03 32.81 23.75
N ALA B 183 -13.18 32.87 23.08
CA ALA B 183 -13.58 31.84 22.14
C ALA B 183 -12.61 31.69 20.98
N GLN B 184 -12.20 32.80 20.37
CA GLN B 184 -11.30 32.76 19.23
C GLN B 184 -9.92 32.20 19.63
N ILE B 185 -9.48 32.53 20.85
CA ILE B 185 -8.22 32.05 21.36
C ILE B 185 -8.28 30.56 21.66
N PHE B 186 -9.45 30.10 22.10
CA PHE B 186 -9.69 28.69 22.40
C PHE B 186 -9.68 27.84 21.11
N HIS B 187 -10.33 28.33 20.05
CA HIS B 187 -10.26 27.61 18.77
C HIS B 187 -8.85 27.64 18.18
N SER B 188 -8.16 28.77 18.33
CA SER B 188 -6.76 28.85 17.91
C SER B 188 -5.90 27.82 18.65
N LEU B 189 -5.98 27.80 19.99
CA LEU B 189 -5.27 26.81 20.78
C LEU B 189 -5.54 25.40 20.27
N LYS B 190 -6.79 25.10 19.94
CA LYS B 190 -7.16 23.77 19.50
C LYS B 190 -6.49 23.43 18.17
N SER B 191 -6.44 24.41 17.27
CA SER B 191 -5.82 24.26 15.97
C SER B 191 -4.33 23.92 16.14
N VAL B 192 -3.68 24.67 17.04
CA VAL B 192 -2.30 24.43 17.41
C VAL B 192 -2.07 23.02 17.95
N LEU B 193 -2.81 22.64 18.99
CA LEU B 193 -2.63 21.32 19.60
C LEU B 193 -2.77 20.22 18.56
N SER B 194 -3.83 20.34 17.76
CA SER B 194 -4.12 19.41 16.68
C SER B 194 -2.95 19.31 15.70
N ALA B 195 -2.26 20.43 15.47
CA ALA B 195 -1.09 20.48 14.60
C ALA B 195 0.06 19.66 15.18
N LYS B 196 0.21 19.69 16.49
CA LYS B 196 1.28 18.93 17.14
C LYS B 196 0.90 17.46 17.31
N GLY B 197 -0.24 17.08 16.77
CA GLY B 197 -0.78 15.75 17.00
C GLY B 197 -1.07 15.46 18.46
N LEU B 198 -1.66 16.43 19.17
CA LEU B 198 -2.02 16.23 20.57
C LEU B 198 -3.53 16.12 20.73
N ASN B 199 -3.99 15.52 21.83
CA ASN B 199 -5.43 15.26 22.00
C ASN B 199 -6.22 16.54 22.30
N THR B 200 -7.41 16.65 21.75
CA THR B 200 -8.24 17.84 21.90
C THR B 200 -9.64 17.55 22.43
N ALA B 201 -9.82 16.40 23.06
CA ALA B 201 -11.00 16.15 23.90
C ALA B 201 -10.88 17.08 25.11
N VAL B 202 -12.01 17.43 25.73
CA VAL B 202 -12.00 18.38 26.85
C VAL B 202 -12.23 17.72 28.21
N GLY B 203 -11.81 18.41 29.28
CA GLY B 203 -12.06 17.98 30.65
C GLY B 203 -13.34 18.55 31.23
N ASP B 204 -13.50 18.43 32.56
CA ASP B 204 -14.71 18.87 33.25
C ASP B 204 -15.05 20.35 33.02
N GLU B 205 -14.03 21.19 32.95
CA GLU B 205 -14.23 22.64 32.84
C GLU B 205 -14.24 23.17 31.41
N GLY B 206 -14.20 22.28 30.42
CA GLY B 206 -14.33 22.69 29.04
C GLY B 206 -13.03 22.92 28.31
N GLY B 207 -11.90 22.75 29.03
CA GLY B 207 -10.58 22.95 28.47
C GLY B 207 -9.89 21.67 28.01
N PHE B 208 -8.70 21.85 27.45
CA PHE B 208 -7.89 20.76 26.92
C PHE B 208 -6.90 20.23 27.95
N ALA B 209 -6.58 18.93 27.87
CA ALA B 209 -5.53 18.33 28.70
C ALA B 209 -4.52 17.54 27.86
N PRO B 210 -3.87 18.22 26.92
CA PRO B 210 -2.99 17.53 25.97
C PRO B 210 -1.73 17.05 26.67
N ASN B 211 -1.00 16.14 26.04
CA ASN B 211 0.23 15.64 26.65
C ASN B 211 1.36 16.61 26.40
N LEU B 212 1.41 17.66 27.21
CA LEU B 212 2.47 18.65 27.09
C LEU B 212 3.65 18.25 27.99
N GLY B 213 4.85 18.60 27.56
CA GLY B 213 6.04 18.15 28.24
C GLY B 213 6.39 18.89 29.52
N SER B 214 5.85 20.09 29.71
CA SER B 214 6.31 20.93 30.82
C SER B 214 5.44 22.15 31.10
N ASN B 215 5.45 22.57 32.36
CA ASN B 215 4.79 23.80 32.78
C ASN B 215 4.98 24.95 31.80
N GLU B 216 6.20 25.15 31.33
CA GLU B 216 6.47 26.26 30.40
C GLU B 216 6.12 25.96 28.95
N GLU B 217 6.07 24.69 28.57
CA GLU B 217 5.64 24.36 27.21
C GLU B 217 4.15 24.68 27.12
N ALA B 218 3.45 24.48 28.22
CA ALA B 218 2.04 24.88 28.32
C ALA B 218 1.87 26.38 28.15
N LEU B 219 2.62 27.16 28.92
CA LEU B 219 2.50 28.62 28.86
C LEU B 219 2.90 29.15 27.49
N GLN B 220 3.97 28.60 26.91
CA GLN B 220 4.46 29.07 25.62
C GLN B 220 3.42 28.80 24.55
N THR B 221 2.74 27.66 24.66
CA THR B 221 1.76 27.23 23.67
C THR B 221 0.53 28.13 23.75
N ILE B 222 0.18 28.56 24.96
CA ILE B 222 -0.98 29.44 25.09
C ILE B 222 -0.65 30.79 24.47
N VAL B 223 0.56 31.28 24.71
CA VAL B 223 1.00 32.54 24.15
C VAL B 223 0.92 32.49 22.63
N GLU B 224 1.47 31.43 22.08
CA GLU B 224 1.38 31.18 20.64
C GLU B 224 -0.09 31.16 20.18
N ALA B 225 -0.94 30.43 20.89
CA ALA B 225 -2.35 30.39 20.53
C ALA B 225 -2.94 31.80 20.51
N ILE B 226 -2.65 32.60 21.53
CA ILE B 226 -3.15 33.96 21.58
C ILE B 226 -2.67 34.72 20.36
N GLU B 227 -1.35 34.68 20.14
CA GLU B 227 -0.73 35.36 19.02
C GLU B 227 -1.39 35.00 17.68
N LYS B 228 -1.63 33.71 17.47
CA LYS B 228 -2.23 33.26 16.22
C LYS B 228 -3.71 33.61 16.12
N ALA B 229 -4.35 33.87 17.27
CA ALA B 229 -5.75 34.33 17.27
C ALA B 229 -5.88 35.81 16.89
N GLY B 230 -4.76 36.54 16.84
CA GLY B 230 -4.79 37.93 16.45
C GLY B 230 -4.80 38.94 17.58
N PHE B 231 -4.38 38.52 18.77
CA PHE B 231 -4.38 39.40 19.93
C PHE B 231 -3.00 39.52 20.58
N LYS B 232 -2.79 40.62 21.31
CA LYS B 232 -1.53 40.92 21.97
C LYS B 232 -1.47 40.31 23.36
N PRO B 233 -0.59 39.30 23.55
CA PRO B 233 -0.34 38.76 24.88
C PRO B 233 0.26 39.87 25.73
N GLY B 234 -0.19 40.02 26.98
CA GLY B 234 0.28 41.09 27.84
C GLY B 234 -0.68 42.27 27.77
N GLU B 235 -0.74 42.90 26.60
CA GLU B 235 -1.57 44.08 26.48
C GLU B 235 -3.08 43.77 26.52
N GLU B 236 -3.51 42.75 25.80
CA GLU B 236 -4.95 42.48 25.64
C GLU B 236 -5.40 41.23 26.36
N VAL B 237 -4.47 40.32 26.61
CA VAL B 237 -4.81 39.05 27.22
C VAL B 237 -3.76 38.70 28.25
N LYS B 238 -4.21 38.42 29.47
CA LYS B 238 -3.29 37.98 30.50
C LYS B 238 -3.52 36.50 30.80
N LEU B 239 -2.59 35.91 31.53
CA LEU B 239 -2.71 34.52 31.93
C LEU B 239 -2.96 34.44 33.43
N ALA B 240 -3.69 33.42 33.84
CA ALA B 240 -3.90 33.13 35.26
C ALA B 240 -3.61 31.65 35.48
N MET B 241 -3.10 31.31 36.65
CA MET B 241 -2.78 29.92 36.95
C MET B 241 -3.42 29.46 38.25
N ASP B 242 -3.89 28.22 38.27
CA ASP B 242 -4.28 27.59 39.53
C ASP B 242 -3.24 26.52 39.83
N ALA B 243 -2.26 26.86 40.68
CA ALA B 243 -1.17 25.95 40.97
C ALA B 243 -1.65 24.70 41.68
N ALA B 244 -2.69 24.83 42.50
CA ALA B 244 -3.17 23.72 43.30
C ALA B 244 -2.00 23.07 44.02
N SER B 245 -1.04 23.90 44.42
CA SER B 245 0.25 23.45 44.93
C SER B 245 0.15 22.50 46.13
N SER B 246 -1.01 22.46 46.77
CA SER B 246 -1.23 21.49 47.83
C SER B 246 -0.90 20.08 47.31
N GLU B 247 -1.29 19.81 46.08
CA GLU B 247 -1.16 18.49 45.48
C GLU B 247 0.27 17.97 45.47
N PHE B 248 1.21 18.78 44.99
CA PHE B 248 2.61 18.35 44.96
C PHE B 248 3.42 18.79 46.18
N TYR B 249 2.73 19.30 47.21
CA TYR B 249 3.41 19.70 48.42
C TYR B 249 3.69 18.50 49.32
N ASN B 250 4.96 18.32 49.67
CA ASN B 250 5.34 17.18 50.50
C ASN B 250 5.22 17.49 51.98
N LYS B 251 4.23 16.87 52.62
CA LYS B 251 3.97 17.13 54.02
C LYS B 251 5.20 16.81 54.87
N GLU B 252 5.66 15.56 54.80
CA GLU B 252 6.76 15.11 55.64
C GLU B 252 7.97 16.05 55.70
N ASP B 253 8.29 16.70 54.59
CA ASP B 253 9.50 17.54 54.57
C ASP B 253 9.24 19.03 54.32
N GLY B 254 7.97 19.41 54.15
CA GLY B 254 7.60 20.79 53.95
C GLY B 254 8.20 21.45 52.72
N LYS B 255 8.60 20.64 51.75
CA LYS B 255 9.09 21.14 50.46
C LYS B 255 8.13 20.74 49.35
N TYR B 256 8.34 21.30 48.16
CA TYR B 256 7.43 21.04 47.05
C TYR B 256 8.05 20.13 45.99
N HIS B 257 7.30 19.12 45.59
CA HIS B 257 7.82 18.08 44.70
C HIS B 257 7.12 18.03 43.35
N LEU B 258 7.72 18.72 42.38
CA LEU B 258 7.18 18.80 41.02
C LEU B 258 7.67 17.65 40.17
N SER B 259 6.83 16.65 39.97
CA SER B 259 7.20 15.55 39.08
C SER B 259 7.56 16.08 37.69
N GLY B 260 6.66 16.89 37.12
CA GLY B 260 6.86 17.45 35.79
C GLY B 260 8.09 18.33 35.64
N GLU B 261 8.30 19.26 36.56
CA GLU B 261 9.44 20.16 36.48
C GLU B 261 10.73 19.40 36.76
N GLY B 262 10.59 18.23 37.40
CA GLY B 262 11.70 17.34 37.64
C GLY B 262 12.69 17.84 38.67
N VAL B 263 12.19 18.65 39.61
CA VAL B 263 13.00 19.13 40.71
C VAL B 263 12.20 19.16 42.00
N VAL B 264 12.83 19.68 43.05
CA VAL B 264 12.16 19.94 44.32
C VAL B 264 12.65 21.29 44.85
N LYS B 265 11.72 22.09 45.36
CA LYS B 265 12.03 23.46 45.75
C LYS B 265 11.54 23.76 47.17
N THR B 266 12.21 24.70 47.83
CA THR B 266 11.73 25.18 49.11
C THR B 266 10.61 26.18 48.85
N SER B 267 9.99 26.68 49.91
CA SER B 267 8.97 27.69 49.75
C SER B 267 9.60 28.93 49.10
N ALA B 268 10.77 29.31 49.61
CA ALA B 268 11.47 30.48 49.08
C ALA B 268 11.76 30.33 47.59
N GLU B 269 11.93 29.08 47.15
CA GLU B 269 12.22 28.79 45.76
C GLU B 269 10.96 28.81 44.89
N MET B 270 9.88 28.23 45.41
CA MET B 270 8.57 28.37 44.76
C MET B 270 8.33 29.82 44.36
N VAL B 271 8.48 30.72 45.33
CA VAL B 271 8.32 32.14 45.09
C VAL B 271 9.29 32.59 44.00
N ASP B 272 10.53 32.09 44.08
CA ASP B 272 11.54 32.38 43.06
C ASP B 272 11.05 31.90 41.71
N TRP B 273 10.42 30.73 41.73
CA TRP B 273 9.86 30.12 40.52
C TRP B 273 8.76 30.99 39.94
N TYR B 274 7.72 31.23 40.74
CA TYR B 274 6.62 32.09 40.33
C TYR B 274 7.15 33.42 39.81
N GLU B 275 8.07 34.01 40.56
CA GLU B 275 8.69 35.28 40.19
C GLU B 275 9.25 35.22 38.77
N GLU B 276 9.96 34.15 38.46
CA GLU B 276 10.57 33.97 37.16
C GLU B 276 9.52 33.65 36.09
N LEU B 277 8.59 32.75 36.44
CA LEU B 277 7.44 32.53 35.58
C LEU B 277 6.78 33.88 35.24
N VAL B 278 6.58 34.72 36.26
CA VAL B 278 5.94 36.02 36.02
C VAL B 278 6.78 36.93 35.13
N SER B 279 8.11 36.81 35.24
CA SER B 279 9.01 37.66 34.48
C SER B 279 9.06 37.28 33.00
N LYS B 280 8.81 35.99 32.71
CA LYS B 280 8.81 35.49 31.33
C LYS B 280 7.45 35.50 30.64
N TYR B 281 6.37 35.45 31.41
CA TYR B 281 5.04 35.33 30.82
C TYR B 281 4.04 36.29 31.44
N PRO B 282 3.08 36.77 30.63
CA PRO B 282 2.11 37.80 31.05
C PRO B 282 1.04 37.27 32.03
N ILE B 283 1.52 36.70 33.12
CA ILE B 283 0.69 36.13 34.16
C ILE B 283 0.26 37.21 35.15
N ILE B 284 -1.06 37.42 35.28
CA ILE B 284 -1.61 38.46 36.14
C ILE B 284 -2.11 37.89 37.46
N SER B 285 -2.18 36.57 37.58
CA SER B 285 -2.88 35.96 38.71
C SER B 285 -2.44 34.54 38.99
N ILE B 286 -2.24 34.22 40.26
CA ILE B 286 -1.88 32.87 40.69
C ILE B 286 -2.76 32.39 41.83
N GLU B 287 -3.34 31.22 41.67
CA GLU B 287 -4.25 30.67 42.68
C GLU B 287 -3.62 29.49 43.42
N ASP B 288 -3.62 29.56 44.75
CA ASP B 288 -3.07 28.50 45.60
C ASP B 288 -1.61 28.15 45.30
N GLY B 289 -0.78 29.17 45.19
CA GLY B 289 0.62 28.97 44.81
C GLY B 289 1.41 28.18 45.83
N LEU B 290 0.91 28.12 47.06
CA LEU B 290 1.55 27.35 48.13
C LEU B 290 0.50 26.55 48.88
N ASP B 291 0.94 25.65 49.74
CA ASP B 291 0.05 24.75 50.48
C ASP B 291 -1.07 25.50 51.21
N GLU B 292 -2.22 24.84 51.34
CA GLU B 292 -3.38 25.40 52.04
C GLU B 292 -3.17 25.50 53.55
N ASN B 293 -1.92 25.51 53.99
CA ASN B 293 -1.59 25.57 55.41
C ASN B 293 -0.20 26.15 55.62
N ASP B 294 0.54 26.27 54.53
CA ASP B 294 1.86 26.89 54.54
C ASP B 294 1.70 28.42 54.62
N TRP B 295 0.85 28.87 55.55
CA TRP B 295 0.57 30.29 55.71
C TRP B 295 1.83 31.16 55.59
N GLU B 296 2.94 30.69 56.17
CA GLU B 296 4.16 31.50 56.20
C GLU B 296 4.75 31.73 54.80
N GLY B 297 4.63 30.72 53.95
CA GLY B 297 5.10 30.84 52.58
C GLY B 297 4.21 31.78 51.79
N HIS B 298 2.90 31.65 52.00
CA HIS B 298 1.94 32.53 51.38
C HIS B 298 2.30 33.96 51.69
N LYS B 299 2.75 34.18 52.92
CA LYS B 299 3.12 35.51 53.37
C LYS B 299 4.36 36.00 52.65
N LEU B 300 5.27 35.09 52.34
CA LEU B 300 6.44 35.44 51.55
C LEU B 300 6.01 35.71 50.11
N LEU B 301 5.16 34.84 49.59
CA LEU B 301 4.64 34.98 48.23
C LEU B 301 4.01 36.35 48.03
N THR B 302 3.17 36.76 48.98
CA THR B 302 2.48 38.05 48.91
C THR B 302 3.45 39.21 49.06
N GLU B 303 4.45 39.04 49.92
CA GLU B 303 5.52 40.02 50.04
C GLU B 303 6.23 40.21 48.71
N ARG B 304 6.61 39.10 48.09
CA ARG B 304 7.41 39.12 46.87
C ARG B 304 6.64 39.58 45.63
N LEU B 305 5.36 39.21 45.54
CA LEU B 305 4.62 39.42 44.29
C LEU B 305 3.26 40.13 44.42
N GLY B 306 2.74 40.29 45.63
CA GLY B 306 1.40 40.80 45.85
C GLY B 306 1.09 42.16 45.25
N LYS B 307 2.14 42.91 44.91
CA LYS B 307 1.95 44.29 44.46
C LYS B 307 1.56 44.40 42.99
N LYS B 308 1.89 43.39 42.20
CA LYS B 308 1.70 43.48 40.75
C LYS B 308 1.08 42.20 40.18
N VAL B 309 0.88 41.21 41.06
CA VAL B 309 0.31 39.93 40.68
C VAL B 309 -0.80 39.56 41.67
N GLN B 310 -1.93 39.12 41.14
CA GLN B 310 -3.04 38.73 42.00
C GLN B 310 -2.76 37.35 42.60
N LEU B 311 -2.93 37.25 43.92
CA LEU B 311 -2.70 35.98 44.61
C LEU B 311 -3.97 35.46 45.27
N VAL B 312 -4.59 34.47 44.63
CA VAL B 312 -5.89 33.93 45.02
C VAL B 312 -5.80 32.74 45.99
N GLY B 313 -6.57 32.81 47.06
CA GLY B 313 -6.75 31.67 47.95
C GLY B 313 -8.05 30.96 47.65
N ASP B 314 -7.94 29.70 47.23
CA ASP B 314 -9.08 28.82 46.98
C ASP B 314 -9.19 27.88 48.19
N ASP B 315 -8.41 26.81 48.18
CA ASP B 315 -8.37 25.89 49.32
C ASP B 315 -7.89 26.59 50.60
N LEU B 316 -7.15 27.69 50.44
CA LEU B 316 -6.62 28.44 51.58
C LEU B 316 -7.67 29.12 52.45
N PHE B 317 -8.74 29.63 51.82
CA PHE B 317 -9.80 30.35 52.55
C PHE B 317 -11.11 29.58 52.57
N VAL B 318 -11.29 28.70 51.58
CA VAL B 318 -12.45 27.82 51.53
C VAL B 318 -13.76 28.62 51.67
N THR B 319 -13.82 29.77 51.00
CA THR B 319 -14.96 30.70 51.11
C THR B 319 -15.42 30.88 52.56
N ASN B 320 -14.44 30.86 53.46
CA ASN B 320 -14.70 30.94 54.90
C ASN B 320 -14.24 32.30 55.48
N THR B 321 -15.19 33.11 55.97
CA THR B 321 -14.85 34.44 56.48
C THR B 321 -13.81 34.41 57.61
N LYS B 322 -13.90 33.44 58.50
CA LYS B 322 -12.95 33.36 59.61
C LYS B 322 -11.53 33.09 59.12
N LYS B 323 -11.43 32.37 58.00
CA LYS B 323 -10.13 32.11 57.39
C LYS B 323 -9.65 33.31 56.58
N LEU B 324 -10.58 33.96 55.87
CA LEU B 324 -10.26 35.16 55.11
C LEU B 324 -9.70 36.24 56.02
N SER B 325 -10.37 36.46 57.15
CA SER B 325 -9.95 37.50 58.09
C SER B 325 -8.53 37.24 58.63
N GLU B 326 -8.21 35.97 58.90
CA GLU B 326 -6.86 35.65 59.34
C GLU B 326 -5.86 35.95 58.21
N GLY B 327 -6.28 35.70 56.98
CA GLY B 327 -5.49 36.05 55.82
C GLY B 327 -5.22 37.54 55.80
N ILE B 328 -6.30 38.32 55.91
CA ILE B 328 -6.21 39.77 55.86
C ILE B 328 -5.32 40.35 56.94
N LYS B 329 -5.49 39.84 58.16
CA LYS B 329 -4.73 40.29 59.32
C LYS B 329 -3.24 39.94 59.22
N ASN B 330 -2.94 38.82 58.55
CA ASN B 330 -1.58 38.34 58.42
C ASN B 330 -0.91 38.72 57.12
N GLY B 331 -1.53 39.62 56.36
CA GLY B 331 -0.99 40.03 55.07
C GLY B 331 -0.85 38.89 54.08
N VAL B 332 -1.83 37.99 54.08
CA VAL B 332 -1.80 36.80 53.21
C VAL B 332 -2.80 36.90 52.05
N GLY B 333 -2.28 36.87 50.83
CA GLY B 333 -3.10 36.95 49.63
C GLY B 333 -3.65 38.34 49.37
N ASN B 334 -4.23 38.54 48.19
CA ASN B 334 -4.96 39.77 47.89
C ASN B 334 -6.27 39.48 47.14
N SER B 335 -6.76 38.26 47.30
CA SER B 335 -7.89 37.79 46.52
C SER B 335 -8.43 36.46 47.03
N ILE B 336 -9.73 36.26 46.89
CA ILE B 336 -10.37 35.05 47.39
C ILE B 336 -11.30 34.48 46.32
N LEU B 337 -11.25 33.16 46.15
CA LEU B 337 -12.16 32.48 45.25
C LEU B 337 -13.45 32.25 46.01
N ILE B 338 -14.58 32.72 45.45
CA ILE B 338 -15.86 32.62 46.14
C ILE B 338 -16.72 31.48 45.59
N LYS B 339 -16.87 30.42 46.38
CA LYS B 339 -17.71 29.28 45.99
C LYS B 339 -18.97 29.19 46.86
N VAL B 340 -20.12 29.57 46.30
CA VAL B 340 -21.37 29.62 47.06
C VAL B 340 -21.64 28.34 47.85
N ASN B 341 -21.40 27.18 47.25
CA ASN B 341 -21.74 25.92 47.90
C ASN B 341 -20.69 25.46 48.90
N GLN B 342 -19.56 26.15 48.93
CA GLN B 342 -18.51 25.90 49.93
C GLN B 342 -18.89 26.53 51.27
N ILE B 343 -19.74 27.55 51.23
CA ILE B 343 -20.23 28.18 52.46
C ILE B 343 -21.71 27.81 52.77
N GLY B 344 -22.59 27.89 51.77
CA GLY B 344 -23.91 27.32 51.93
C GLY B 344 -25.15 28.19 51.87
N THR B 345 -24.98 29.51 51.99
CA THR B 345 -26.09 30.45 51.84
C THR B 345 -25.66 31.67 51.04
N LEU B 346 -26.60 32.32 50.37
CA LEU B 346 -26.30 33.59 49.69
C LEU B 346 -25.86 34.66 50.70
N THR B 347 -26.50 34.69 51.86
CA THR B 347 -26.16 35.67 52.92
C THR B 347 -24.68 35.60 53.30
N GLU B 348 -24.20 34.39 53.63
CA GLU B 348 -22.80 34.20 53.98
C GLU B 348 -21.89 34.47 52.80
N THR B 349 -22.36 34.17 51.60
CA THR B 349 -21.57 34.43 50.41
C THR B 349 -21.34 35.93 50.32
N PHE B 350 -22.42 36.70 50.38
CA PHE B 350 -22.32 38.15 50.25
C PHE B 350 -21.50 38.82 51.35
N ASP B 351 -21.51 38.23 52.54
CA ASP B 351 -20.75 38.79 53.65
C ASP B 351 -19.25 38.55 53.45
N ALA B 352 -18.89 37.45 52.80
CA ALA B 352 -17.47 37.17 52.50
C ALA B 352 -16.94 38.09 51.40
N ILE B 353 -17.77 38.35 50.39
CA ILE B 353 -17.41 39.29 49.33
C ILE B 353 -17.21 40.69 49.91
N GLU B 354 -18.13 41.13 50.77
CA GLU B 354 -18.03 42.45 51.40
C GLU B 354 -16.75 42.56 52.23
N MET B 355 -16.50 41.55 53.05
CA MET B 355 -15.26 41.50 53.83
C MET B 355 -14.04 41.65 52.92
N ALA B 356 -14.01 40.86 51.84
CA ALA B 356 -12.90 40.92 50.93
C ALA B 356 -12.69 42.34 50.36
N LYS B 357 -13.78 42.99 49.95
CA LYS B 357 -13.68 44.33 49.36
C LYS B 357 -13.05 45.34 50.32
N ARG B 358 -13.55 45.36 51.55
CA ARG B 358 -13.06 46.30 52.55
C ARG B 358 -11.59 46.15 52.85
N ALA B 359 -11.03 44.98 52.61
CA ALA B 359 -9.58 44.78 52.75
C ALA B 359 -8.79 44.97 51.43
N GLY B 360 -9.42 45.44 50.37
CA GLY B 360 -8.72 45.68 49.12
C GLY B 360 -8.46 44.40 48.35
N TYR B 361 -9.17 43.33 48.73
CA TYR B 361 -9.06 42.04 48.06
C TYR B 361 -10.15 41.93 46.98
N THR B 362 -9.81 41.29 45.87
CA THR B 362 -10.79 41.01 44.86
C THR B 362 -11.51 39.74 45.29
N ALA B 363 -12.76 39.59 44.83
CA ALA B 363 -13.53 38.39 45.08
C ALA B 363 -13.87 37.77 43.75
N VAL B 364 -13.32 36.59 43.47
CA VAL B 364 -13.56 35.92 42.20
C VAL B 364 -14.68 34.89 42.33
N ILE B 365 -15.83 35.16 41.70
CA ILE B 365 -16.96 34.23 41.69
C ILE B 365 -16.63 32.98 40.85
N SER B 366 -16.76 31.80 41.44
CA SER B 366 -16.24 30.58 40.82
C SER B 366 -17.24 29.45 40.57
N HIS B 367 -17.01 28.71 39.49
CA HIS B 367 -17.73 27.47 39.26
C HIS B 367 -17.20 26.32 40.13
N ARG B 368 -17.80 25.15 39.96
CA ARG B 368 -17.30 23.91 40.54
C ARG B 368 -17.04 22.98 39.37
N SER B 369 -16.33 21.88 39.62
CA SER B 369 -16.10 20.87 38.59
C SER B 369 -17.42 20.36 38.01
N GLY B 370 -18.35 20.01 38.89
CA GLY B 370 -19.68 19.60 38.49
C GLY B 370 -20.63 20.79 38.45
N GLU B 371 -21.02 21.22 37.26
CA GLU B 371 -21.94 22.35 37.13
C GLU B 371 -23.29 21.92 36.58
N THR B 372 -24.20 22.89 36.45
CA THR B 372 -25.52 22.64 35.88
C THR B 372 -25.89 23.74 34.90
N GLU B 373 -27.09 23.67 34.35
CA GLU B 373 -27.64 24.75 33.55
C GLU B 373 -27.86 26.02 34.37
N ASP B 374 -27.78 25.90 35.70
CA ASP B 374 -27.96 27.05 36.58
C ASP B 374 -26.94 28.17 36.30
N SER B 375 -27.39 29.42 36.28
CA SER B 375 -26.46 30.50 35.99
C SER B 375 -26.45 31.60 37.06
N THR B 376 -26.88 31.24 38.27
CA THR B 376 -26.91 32.19 39.37
C THR B 376 -25.57 32.94 39.61
N ILE B 377 -24.44 32.26 39.47
CA ILE B 377 -23.17 32.93 39.80
C ILE B 377 -22.88 34.14 38.88
N ALA B 378 -23.41 34.14 37.66
CA ALA B 378 -23.25 35.29 36.79
C ALA B 378 -23.99 36.49 37.34
N ASP B 379 -25.19 36.25 37.85
CA ASP B 379 -25.94 37.33 38.51
C ASP B 379 -25.26 37.78 39.79
N ILE B 380 -24.68 36.84 40.53
CA ILE B 380 -23.96 37.20 41.76
C ILE B 380 -22.76 38.07 41.45
N ALA B 381 -22.06 37.77 40.37
CA ALA B 381 -20.89 38.55 39.99
C ALA B 381 -21.27 39.99 39.60
N VAL B 382 -22.38 40.15 38.89
CA VAL B 382 -22.78 41.49 38.53
C VAL B 382 -23.38 42.24 39.74
N ALA B 383 -24.16 41.53 40.55
CA ALA B 383 -24.79 42.08 41.75
C ALA B 383 -23.78 42.74 42.67
N THR B 384 -22.57 42.18 42.72
CA THR B 384 -21.56 42.65 43.64
C THR B 384 -20.52 43.49 42.93
N ASN B 385 -20.70 43.72 41.64
CA ASN B 385 -19.71 44.44 40.85
C ASN B 385 -18.30 43.86 41.10
N ALA B 386 -18.21 42.54 41.28
CA ALA B 386 -16.94 41.91 41.67
C ALA B 386 -15.78 42.15 40.71
N GLY B 387 -16.07 42.25 39.41
CA GLY B 387 -15.05 42.56 38.42
C GLY B 387 -14.37 41.33 37.81
N GLN B 388 -14.60 40.15 38.40
CA GLN B 388 -13.98 38.91 37.92
C GLN B 388 -14.86 37.67 38.13
N ILE B 389 -14.72 36.72 37.23
CA ILE B 389 -15.45 35.47 37.32
C ILE B 389 -14.58 34.35 36.76
N LYS B 390 -14.68 33.17 37.37
CA LYS B 390 -14.04 31.97 36.87
C LYS B 390 -15.09 30.85 36.65
N THR B 391 -15.54 30.67 35.41
CA THR B 391 -16.55 29.65 35.11
C THR B 391 -16.24 28.72 33.95
N GLY B 392 -15.01 28.68 33.48
CA GLY B 392 -14.62 27.64 32.54
C GLY B 392 -14.18 28.12 31.18
N ALA B 393 -13.75 27.14 30.37
CA ALA B 393 -13.50 27.37 28.97
C ALA B 393 -14.80 27.83 28.30
N PRO B 394 -14.69 28.50 27.15
CA PRO B 394 -15.92 28.79 26.41
C PRO B 394 -16.33 27.55 25.60
N SER B 395 -16.52 26.41 26.28
CA SER B 395 -17.04 25.19 25.68
C SER B 395 -17.64 24.32 26.78
N ARG B 396 -18.70 23.59 26.47
CA ARG B 396 -19.56 22.94 27.47
C ARG B 396 -20.60 23.95 27.97
N THR B 397 -21.88 23.61 27.83
CA THR B 397 -22.93 24.50 28.27
C THR B 397 -22.90 24.74 29.79
N ASP B 398 -22.46 23.75 30.55
CA ASP B 398 -22.29 23.94 32.00
C ASP B 398 -21.41 25.15 32.30
N ARG B 399 -20.52 25.50 31.37
CA ARG B 399 -19.74 26.72 31.47
C ARG B 399 -20.39 27.87 30.68
N VAL B 400 -20.70 27.61 29.42
CA VAL B 400 -21.21 28.65 28.51
C VAL B 400 -22.60 29.21 28.91
N ALA B 401 -23.35 28.45 29.71
CA ALA B 401 -24.63 28.92 30.24
C ALA B 401 -24.43 30.18 31.10
N LYS B 402 -23.26 30.28 31.73
CA LYS B 402 -22.93 31.43 32.56
C LYS B 402 -22.51 32.62 31.70
N TYR B 403 -21.73 32.34 30.67
CA TYR B 403 -21.33 33.38 29.71
C TYR B 403 -22.57 33.96 29.02
N ASN B 404 -23.45 33.09 28.54
CA ASN B 404 -24.67 33.57 27.92
C ASN B 404 -25.49 34.46 28.86
N GLN B 405 -25.62 34.07 30.12
CA GLN B 405 -26.35 34.91 31.07
C GLN B 405 -25.67 36.30 31.17
N LEU B 406 -24.35 36.34 31.22
CA LEU B 406 -23.62 37.60 31.25
C LEU B 406 -23.89 38.47 30.00
N LEU B 407 -23.92 37.85 28.82
CA LEU B 407 -24.38 38.54 27.60
C LEU B 407 -25.80 39.14 27.76
N ARG B 408 -26.70 38.39 28.38
CA ARG B 408 -28.08 38.87 28.56
C ARG B 408 -28.07 40.04 29.54
N ILE B 409 -27.25 39.89 30.59
CA ILE B 409 -27.14 40.92 31.61
C ILE B 409 -26.55 42.18 30.99
N GLU B 410 -25.45 42.04 30.27
CA GLU B 410 -24.83 43.19 29.62
C GLU B 410 -25.83 43.89 28.70
N ASP B 411 -26.56 43.10 27.93
CA ASP B 411 -27.53 43.57 26.95
C ASP B 411 -28.69 44.36 27.62
N GLN B 412 -29.18 43.83 28.74
CA GLN B 412 -30.23 44.47 29.51
C GLN B 412 -29.70 45.79 30.10
N LEU B 413 -28.49 45.76 30.64
CA LEU B 413 -27.87 46.94 31.22
C LEU B 413 -27.72 48.07 30.20
N ALA B 414 -27.47 47.72 28.94
CA ALA B 414 -27.39 48.68 27.87
C ALA B 414 -26.28 49.73 28.08
N GLU B 415 -26.63 51.00 27.97
CA GLU B 415 -25.64 52.06 28.12
C GLU B 415 -25.07 52.19 29.53
N THR B 416 -25.70 51.55 30.51
CA THR B 416 -25.21 51.67 31.88
C THR B 416 -24.20 50.57 32.26
N ALA B 417 -24.08 49.57 31.40
CA ALA B 417 -23.16 48.45 31.62
C ALA B 417 -21.70 48.90 31.61
N GLN B 418 -20.94 48.43 32.59
CA GLN B 418 -19.51 48.70 32.63
C GLN B 418 -18.66 47.44 32.48
N TYR B 419 -17.41 47.63 32.04
CA TYR B 419 -16.42 46.57 31.97
C TYR B 419 -15.07 47.25 32.17
N HIS B 420 -14.34 46.87 33.21
CA HIS B 420 -13.17 47.63 33.65
C HIS B 420 -11.82 47.06 33.18
N GLY B 421 -11.86 45.87 32.60
CA GLY B 421 -10.66 45.28 32.02
C GLY B 421 -9.54 45.16 33.04
N ILE B 422 -8.36 45.69 32.71
CA ILE B 422 -7.24 45.57 33.61
C ILE B 422 -7.49 46.32 34.92
N ASN B 423 -8.36 47.33 34.87
CA ASN B 423 -8.67 48.12 36.05
C ASN B 423 -9.58 47.41 37.04
N SER B 424 -10.00 46.21 36.69
CA SER B 424 -10.79 45.37 37.58
C SER B 424 -9.93 44.95 38.76
N PHE B 425 -8.60 44.98 38.58
CA PHE B 425 -7.73 44.54 39.67
C PHE B 425 -7.41 45.69 40.64
N TYR B 426 -8.38 46.07 41.46
CA TYR B 426 -8.16 47.14 42.43
C TYR B 426 -7.24 46.68 43.57
N ASN B 427 -6.92 45.39 43.59
CA ASN B 427 -6.05 44.85 44.62
C ASN B 427 -4.57 45.02 44.25
N LEU B 428 -4.33 45.52 43.05
CA LEU B 428 -2.97 45.67 42.56
C LEU B 428 -2.59 47.14 42.45
N MET C 1 -6.00 -40.97 -34.69
CA MET C 1 -5.19 -40.14 -35.58
C MET C 1 -4.72 -38.80 -34.98
N PRO C 2 -5.64 -38.05 -34.35
CA PRO C 2 -5.17 -37.00 -33.44
C PRO C 2 -4.81 -37.66 -32.11
N TYR C 3 -5.02 -38.96 -32.05
CA TYR C 3 -4.86 -39.69 -30.79
C TYR C 3 -3.43 -40.07 -30.48
N ILE C 4 -3.00 -39.72 -29.28
CA ILE C 4 -1.64 -39.98 -28.84
C ILE C 4 -1.34 -41.47 -28.72
N VAL C 5 -0.31 -41.93 -29.43
CA VAL C 5 0.09 -43.33 -29.34
C VAL C 5 1.37 -43.52 -28.54
N ASP C 6 2.08 -42.42 -28.31
CA ASP C 6 3.41 -42.49 -27.67
C ASP C 6 3.88 -41.16 -27.09
N VAL C 7 4.23 -41.16 -25.80
CA VAL C 7 4.82 -40.00 -25.14
C VAL C 7 6.18 -40.36 -24.51
N TYR C 8 7.28 -39.86 -25.07
CA TYR C 8 8.62 -40.32 -24.69
C TYR C 8 9.52 -39.19 -24.20
N ALA C 9 10.22 -39.40 -23.09
CA ALA C 9 11.19 -38.42 -22.59
C ALA C 9 12.62 -38.95 -22.61
N ARG C 10 13.57 -38.02 -22.70
CA ARG C 10 14.99 -38.35 -22.62
C ARG C 10 15.73 -37.18 -21.99
N GLU C 11 16.91 -37.48 -21.44
CA GLU C 11 17.77 -36.47 -20.88
C GLU C 11 18.69 -35.91 -21.95
N VAL C 12 18.68 -34.59 -22.11
CA VAL C 12 19.57 -33.93 -23.06
C VAL C 12 20.33 -32.84 -22.30
N LEU C 13 21.10 -32.04 -23.02
CA LEU C 13 21.89 -30.97 -22.41
C LEU C 13 21.43 -29.57 -22.79
N ASP C 14 21.43 -28.64 -21.82
CA ASP C 14 21.14 -27.25 -22.12
C ASP C 14 22.42 -26.47 -22.49
N SER C 15 22.27 -25.18 -22.78
CA SER C 15 23.33 -24.38 -23.33
C SER C 15 24.45 -24.07 -22.32
N ARG C 16 24.26 -24.46 -21.06
CA ARG C 16 25.30 -24.32 -20.04
C ARG C 16 25.92 -25.67 -19.69
N GLY C 17 25.64 -26.68 -20.51
CA GLY C 17 26.14 -28.02 -20.26
C GLY C 17 25.52 -28.68 -19.03
N ASN C 18 24.29 -28.29 -18.69
CA ASN C 18 23.52 -28.97 -17.64
C ASN C 18 22.34 -29.76 -18.22
N PRO C 19 22.00 -30.89 -17.58
CA PRO C 19 20.91 -31.71 -18.12
C PRO C 19 19.58 -30.98 -18.12
N THR C 20 18.72 -31.33 -19.08
CA THR C 20 17.33 -30.89 -19.04
C THR C 20 16.48 -31.95 -19.74
N VAL C 21 15.17 -31.71 -19.78
CA VAL C 21 14.22 -32.68 -20.31
C VAL C 21 13.83 -32.39 -21.75
N GLU C 22 13.82 -33.43 -22.56
CA GLU C 22 13.24 -33.40 -23.89
C GLU C 22 12.06 -34.35 -23.93
N VAL C 23 10.94 -33.92 -24.49
CA VAL C 23 9.80 -34.80 -24.63
C VAL C 23 9.34 -34.88 -26.09
N GLU C 24 9.01 -36.11 -26.52
CA GLU C 24 8.42 -36.37 -27.83
C GLU C 24 7.02 -36.98 -27.71
N VAL C 25 6.11 -36.51 -28.56
CA VAL C 25 4.73 -36.99 -28.60
C VAL C 25 4.39 -37.37 -30.04
N TYR C 26 3.89 -38.59 -30.25
CA TYR C 26 3.44 -39.06 -31.56
C TYR C 26 1.96 -39.42 -31.56
N THR C 27 1.27 -39.11 -32.64
CA THR C 27 -0.11 -39.57 -32.81
C THR C 27 -0.17 -40.88 -33.59
N GLU C 28 -1.34 -41.53 -33.59
CA GLU C 28 -1.54 -42.80 -34.29
C GLU C 28 -1.17 -42.66 -35.76
N THR C 29 -1.26 -41.45 -36.28
CA THR C 29 -1.02 -41.26 -37.71
C THR C 29 0.35 -40.66 -38.05
N GLY C 30 1.19 -40.47 -37.04
CA GLY C 30 2.55 -39.99 -37.26
C GLY C 30 2.78 -38.49 -37.05
N ALA C 31 1.73 -37.76 -36.67
CA ALA C 31 1.94 -36.38 -36.20
C ALA C 31 2.92 -36.39 -35.03
N PHE C 32 3.84 -35.43 -35.02
CA PHE C 32 4.99 -35.44 -34.11
C PHE C 32 5.33 -34.06 -33.53
N GLY C 33 5.54 -34.01 -32.23
CA GLY C 33 6.06 -32.83 -31.58
C GLY C 33 7.25 -33.20 -30.71
N ARG C 34 8.26 -32.34 -30.70
CA ARG C 34 9.40 -32.45 -29.80
C ARG C 34 9.59 -31.14 -29.03
N ALA C 35 9.62 -31.20 -27.71
CA ALA C 35 9.88 -30.00 -26.92
C ALA C 35 11.06 -30.17 -25.96
N LEU C 36 11.89 -29.13 -25.84
CA LEU C 36 12.92 -29.10 -24.80
C LEU C 36 12.64 -28.00 -23.76
N VAL C 37 12.90 -28.35 -22.52
CA VAL C 37 12.56 -27.52 -21.37
C VAL C 37 13.78 -26.68 -20.94
N PRO C 38 13.60 -25.36 -20.78
CA PRO C 38 14.71 -24.50 -20.31
C PRO C 38 14.96 -24.63 -18.79
N SER C 39 16.14 -24.20 -18.36
CA SER C 39 16.61 -24.32 -16.97
C SER C 39 15.74 -23.54 -16.00
N GLY C 40 15.13 -24.22 -15.03
CA GLY C 40 14.28 -23.54 -14.06
C GLY C 40 14.96 -23.41 -12.71
N ALA C 41 14.16 -23.35 -11.65
CA ALA C 41 14.67 -23.43 -10.28
C ALA C 41 13.95 -24.56 -9.51
N SER C 42 14.72 -25.33 -8.73
CA SER C 42 14.18 -26.45 -7.95
C SER C 42 13.69 -26.05 -6.55
N THR C 43 13.87 -24.78 -6.21
CA THR C 43 13.26 -24.18 -5.02
C THR C 43 12.89 -22.72 -5.30
N GLY C 44 11.81 -22.28 -4.66
CA GLY C 44 11.27 -20.95 -4.85
C GLY C 44 9.86 -20.98 -4.30
N GLU C 45 9.66 -20.29 -3.18
CA GLU C 45 8.39 -20.34 -2.46
C GLU C 45 7.16 -20.19 -3.35
N TYR C 46 7.32 -19.50 -4.47
CA TYR C 46 6.18 -19.13 -5.31
C TYR C 46 6.22 -19.59 -6.78
N GLU C 47 7.25 -20.32 -7.19
CA GLU C 47 7.33 -20.77 -8.57
C GLU C 47 7.19 -22.27 -8.72
N ALA C 48 6.92 -22.72 -9.93
CA ALA C 48 6.85 -24.14 -10.20
C ALA C 48 8.27 -24.70 -10.05
N VAL C 49 8.42 -25.85 -9.42
CA VAL C 49 9.76 -26.36 -9.14
C VAL C 49 10.20 -27.42 -10.13
N GLU C 50 11.40 -27.25 -10.67
CA GLU C 50 11.98 -28.24 -11.55
C GLU C 50 12.49 -29.37 -10.67
N LEU C 51 12.51 -30.58 -11.22
CA LEU C 51 12.96 -31.74 -10.47
C LEU C 51 14.37 -32.17 -10.87
N ARG C 52 15.33 -32.06 -9.95
CA ARG C 52 16.70 -32.54 -10.14
C ARG C 52 16.98 -33.73 -9.23
N ASP C 53 17.76 -34.68 -9.75
CA ASP C 53 18.12 -35.88 -9.03
C ASP C 53 18.94 -35.61 -7.77
N GLY C 54 19.75 -34.56 -7.79
CA GLY C 54 20.54 -34.19 -6.63
C GLY C 54 21.65 -35.18 -6.31
N ASP C 55 22.05 -35.95 -7.31
CA ASP C 55 23.13 -36.91 -7.17
C ASP C 55 24.51 -36.27 -7.41
N LYS C 56 25.18 -35.92 -6.32
CA LYS C 56 26.53 -35.37 -6.31
C LYS C 56 27.49 -35.86 -7.40
N ASP C 57 27.48 -37.16 -7.65
CA ASP C 57 28.46 -37.80 -8.53
C ASP C 57 28.02 -37.83 -9.99
N ARG C 58 26.84 -37.30 -10.28
CA ARG C 58 26.37 -37.33 -11.65
C ARG C 58 25.93 -35.94 -12.09
N TYR C 59 26.68 -35.34 -13.01
CA TYR C 59 26.36 -34.00 -13.49
C TYR C 59 26.23 -33.00 -12.32
N LEU C 60 26.92 -33.30 -11.22
CA LEU C 60 26.90 -32.44 -10.05
C LEU C 60 25.49 -32.32 -9.48
N GLY C 61 24.78 -33.43 -9.42
CA GLY C 61 23.43 -33.44 -8.89
C GLY C 61 22.40 -32.70 -9.72
N LYS C 62 22.72 -32.45 -10.99
CA LYS C 62 21.78 -31.75 -11.87
C LYS C 62 21.07 -32.63 -12.89
N GLY C 63 21.29 -33.95 -12.81
CA GLY C 63 20.59 -34.90 -13.66
C GLY C 63 19.08 -34.75 -13.56
N VAL C 64 18.36 -35.21 -14.58
CA VAL C 64 16.91 -35.13 -14.60
C VAL C 64 16.31 -36.49 -14.97
N LEU C 65 16.95 -37.54 -14.49
CA LEU C 65 16.49 -38.90 -14.74
C LEU C 65 15.11 -39.14 -14.13
N THR C 66 14.87 -38.57 -12.95
CA THR C 66 13.62 -38.81 -12.26
C THR C 66 12.47 -38.20 -13.07
N ALA C 67 12.61 -36.92 -13.41
CA ALA C 67 11.64 -36.22 -14.24
C ALA C 67 11.42 -36.95 -15.57
N VAL C 68 12.50 -37.48 -16.15
CA VAL C 68 12.37 -38.27 -17.37
C VAL C 68 11.53 -39.52 -17.10
N ASN C 69 11.84 -40.21 -16.01
CA ASN C 69 11.06 -41.36 -15.60
C ASN C 69 9.59 -41.03 -15.36
N ASN C 70 9.34 -39.90 -14.71
CA ASN C 70 7.98 -39.44 -14.50
C ASN C 70 7.18 -39.34 -15.80
N VAL C 71 7.76 -38.73 -16.84
CA VAL C 71 7.09 -38.63 -18.13
C VAL C 71 6.88 -40.05 -18.68
N ASN C 72 7.94 -40.84 -18.73
CA ASN C 72 7.86 -42.16 -19.35
C ASN C 72 6.93 -43.13 -18.64
N GLU C 73 6.99 -43.16 -17.32
CA GLU C 73 6.29 -44.20 -16.57
C GLU C 73 5.05 -43.77 -15.79
N ILE C 74 4.84 -42.46 -15.61
CA ILE C 74 3.65 -42.01 -14.90
C ILE C 74 2.71 -41.22 -15.79
N ILE C 75 3.26 -40.26 -16.53
CA ILE C 75 2.46 -39.40 -17.41
C ILE C 75 2.03 -40.12 -18.69
N ALA C 76 2.99 -40.74 -19.37
CA ALA C 76 2.72 -41.45 -20.63
C ALA C 76 1.48 -42.35 -20.65
N PRO C 77 1.38 -43.28 -19.67
CA PRO C 77 0.22 -44.18 -19.67
C PRO C 77 -1.09 -43.42 -19.55
N GLU C 78 -1.10 -42.30 -18.81
CA GLU C 78 -2.31 -41.50 -18.63
C GLU C 78 -2.77 -40.74 -19.88
N LEU C 79 -1.87 -40.53 -20.84
CA LEU C 79 -2.18 -39.74 -22.04
C LEU C 79 -2.38 -40.55 -23.31
N LEU C 80 -2.04 -41.84 -23.30
CA LEU C 80 -2.25 -42.62 -24.50
C LEU C 80 -3.72 -42.52 -24.88
N GLY C 81 -4.00 -42.26 -26.14
CA GLY C 81 -5.38 -42.27 -26.62
C GLY C 81 -6.10 -40.94 -26.44
N PHE C 82 -5.45 -40.00 -25.77
CA PHE C 82 -5.98 -38.66 -25.62
C PHE C 82 -5.92 -37.97 -26.99
N ASP C 83 -6.92 -37.13 -27.27
CA ASP C 83 -6.93 -36.30 -28.47
C ASP C 83 -5.85 -35.24 -28.28
N VAL C 84 -4.81 -35.29 -29.12
CA VAL C 84 -3.63 -34.42 -28.93
C VAL C 84 -4.00 -32.94 -28.98
N THR C 85 -5.18 -32.63 -29.51
CA THR C 85 -5.54 -31.23 -29.70
C THR C 85 -6.29 -30.66 -28.50
N GLU C 86 -6.53 -31.50 -27.49
CA GLU C 86 -7.19 -31.03 -26.28
C GLU C 86 -6.20 -30.39 -25.29
N GLN C 87 -5.57 -29.29 -25.70
CA GLN C 87 -4.50 -28.71 -24.89
C GLN C 87 -4.96 -28.41 -23.44
N ASN C 88 -6.08 -27.70 -23.28
CA ASN C 88 -6.56 -27.35 -21.95
C ASN C 88 -6.80 -28.59 -21.08
N ALA C 89 -7.39 -29.63 -21.66
CA ALA C 89 -7.67 -30.85 -20.90
C ALA C 89 -6.37 -31.62 -20.61
N ILE C 90 -5.45 -31.61 -21.55
CA ILE C 90 -4.15 -32.21 -21.28
C ILE C 90 -3.48 -31.52 -20.08
N ASP C 91 -3.43 -30.21 -20.12
CA ASP C 91 -2.79 -29.44 -19.07
C ASP C 91 -3.50 -29.63 -17.72
N GLN C 92 -4.83 -29.71 -17.74
CA GLN C 92 -5.57 -29.99 -16.52
C GLN C 92 -5.16 -31.35 -15.94
N LEU C 93 -5.18 -32.38 -16.78
CA LEU C 93 -4.79 -33.71 -16.38
C LEU C 93 -3.38 -33.74 -15.77
N LEU C 94 -2.42 -33.11 -16.44
CA LEU C 94 -1.05 -33.04 -15.93
C LEU C 94 -1.01 -32.46 -14.53
N ILE C 95 -1.71 -31.34 -14.36
CA ILE C 95 -1.74 -30.63 -13.10
C ILE C 95 -2.36 -31.48 -11.99
N GLU C 96 -3.43 -32.17 -12.33
CA GLU C 96 -4.11 -33.01 -11.34
C GLU C 96 -3.32 -34.26 -11.03
N LEU C 97 -2.62 -34.78 -12.04
CA LEU C 97 -1.79 -35.97 -11.88
C LEU C 97 -0.69 -35.70 -10.85
N ASP C 98 -0.14 -34.49 -10.89
CA ASP C 98 0.85 -34.08 -9.92
C ASP C 98 0.21 -33.75 -8.57
N GLY C 99 -0.92 -33.04 -8.60
CA GLY C 99 -1.68 -32.77 -7.40
C GLY C 99 -1.06 -31.86 -6.34
N THR C 100 0.07 -31.22 -6.64
CA THR C 100 0.64 -30.22 -5.72
C THR C 100 0.60 -28.83 -6.34
N GLU C 101 0.67 -27.79 -5.50
CA GLU C 101 0.67 -26.41 -5.98
C GLU C 101 1.83 -26.10 -6.91
N ASN C 102 3.04 -26.45 -6.49
CA ASN C 102 4.24 -26.10 -7.25
C ASN C 102 4.76 -27.19 -8.20
N LYS C 103 3.92 -28.17 -8.52
CA LYS C 103 4.29 -29.24 -9.47
C LYS C 103 5.57 -29.98 -9.04
N GLY C 104 5.76 -30.09 -7.73
CA GLY C 104 6.98 -30.65 -7.19
C GLY C 104 7.02 -32.16 -7.14
N LYS C 105 5.89 -32.82 -7.36
CA LYS C 105 5.85 -34.28 -7.39
C LYS C 105 6.42 -34.85 -8.70
N LEU C 106 5.78 -34.55 -9.82
CA LEU C 106 6.29 -34.95 -11.14
C LEU C 106 7.41 -34.04 -11.64
N GLY C 107 7.38 -32.78 -11.25
CA GLY C 107 8.37 -31.81 -11.68
C GLY C 107 7.87 -30.89 -12.79
N ALA C 108 8.04 -29.58 -12.60
CA ALA C 108 7.61 -28.62 -13.61
C ALA C 108 8.27 -28.90 -14.95
N ASN C 109 9.52 -29.38 -14.92
CA ASN C 109 10.25 -29.75 -16.13
C ASN C 109 9.64 -30.95 -16.90
N ALA C 110 9.14 -31.93 -16.17
CA ALA C 110 8.41 -33.04 -16.79
C ALA C 110 7.08 -32.56 -17.39
N ILE C 111 6.34 -31.78 -16.62
CA ILE C 111 4.99 -31.34 -17.00
C ILE C 111 5.02 -30.41 -18.22
N LEU C 112 5.91 -29.43 -18.21
CA LEU C 112 6.02 -28.48 -19.30
C LEU C 112 6.46 -29.17 -20.59
N GLY C 113 7.38 -30.11 -20.48
CA GLY C 113 7.81 -30.89 -21.63
C GLY C 113 6.64 -31.57 -22.33
N VAL C 114 5.85 -32.29 -21.55
CA VAL C 114 4.65 -32.91 -22.11
C VAL C 114 3.71 -31.83 -22.67
N SER C 115 3.48 -30.78 -21.88
CA SER C 115 2.60 -29.67 -22.26
C SER C 115 2.96 -29.04 -23.62
N MET C 116 4.22 -28.66 -23.79
CA MET C 116 4.69 -28.07 -25.05
C MET C 116 4.78 -29.07 -26.19
N ALA C 117 5.21 -30.30 -25.87
CA ALA C 117 5.31 -31.33 -26.91
C ALA C 117 3.96 -31.64 -27.56
N CYS C 118 2.90 -31.64 -26.74
CA CYS C 118 1.55 -31.90 -27.26
C CYS C 118 1.09 -30.80 -28.21
N ALA C 119 1.30 -29.54 -27.83
CA ALA C 119 0.92 -28.44 -28.71
C ALA C 119 1.67 -28.48 -30.04
N ARG C 120 2.96 -28.79 -29.98
CA ARG C 120 3.77 -28.89 -31.19
C ARG C 120 3.29 -30.07 -32.06
N ALA C 121 2.87 -31.17 -31.43
CA ALA C 121 2.34 -32.32 -32.17
C ALA C 121 0.98 -31.96 -32.77
N ALA C 122 0.20 -31.17 -32.04
CA ALA C 122 -1.15 -30.85 -32.49
C ALA C 122 -1.05 -29.93 -33.71
N ALA C 123 -0.11 -29.00 -33.67
CA ALA C 123 0.08 -28.12 -34.80
C ALA C 123 0.52 -28.92 -36.02
N ASP C 124 1.37 -29.91 -35.79
CA ASP C 124 1.89 -30.78 -36.85
C ASP C 124 0.75 -31.63 -37.41
N PHE C 125 -0.09 -32.16 -36.54
CA PHE C 125 -1.23 -32.95 -36.95
C PHE C 125 -2.16 -32.14 -37.86
N LEU C 126 -2.40 -30.89 -37.49
CA LEU C 126 -3.31 -30.02 -38.22
C LEU C 126 -2.64 -29.37 -39.40
N GLN C 127 -1.31 -29.41 -39.43
CA GLN C 127 -0.50 -28.86 -40.51
C GLN C 127 -0.61 -27.35 -40.61
N ILE C 128 -0.64 -26.69 -39.45
CA ILE C 128 -0.62 -25.24 -39.39
C ILE C 128 0.58 -24.79 -38.55
N PRO C 129 1.05 -23.56 -38.76
CA PRO C 129 2.18 -23.05 -37.96
C PRO C 129 1.83 -23.03 -36.46
N LEU C 130 2.81 -23.27 -35.60
CA LEU C 130 2.59 -23.31 -34.15
C LEU C 130 1.92 -22.03 -33.59
N TYR C 131 2.34 -20.86 -34.02
CA TYR C 131 1.77 -19.62 -33.46
C TYR C 131 0.29 -19.52 -33.78
N GLN C 132 -0.09 -20.10 -34.92
CA GLN C 132 -1.48 -20.04 -35.34
C GLN C 132 -2.29 -21.09 -34.57
N TYR C 133 -1.71 -22.25 -34.34
CA TYR C 133 -2.35 -23.23 -33.46
C TYR C 133 -2.61 -22.63 -32.09
N LEU C 134 -1.60 -21.93 -31.56
CA LEU C 134 -1.68 -21.37 -30.21
C LEU C 134 -2.62 -20.17 -30.11
N GLY C 135 -2.55 -19.26 -31.08
CA GLY C 135 -3.24 -17.98 -30.96
C GLY C 135 -4.37 -17.71 -31.94
N GLY C 136 -4.69 -18.68 -32.80
CA GLY C 136 -5.78 -18.49 -33.75
C GLY C 136 -5.35 -17.66 -34.96
N PHE C 137 -6.31 -17.30 -35.81
CA PHE C 137 -5.99 -16.70 -37.11
C PHE C 137 -5.33 -15.32 -37.04
N ASN C 138 -5.57 -14.57 -35.96
CA ASN C 138 -5.10 -13.19 -35.88
C ASN C 138 -3.72 -13.00 -35.21
N SER C 139 -2.93 -14.06 -35.18
CA SER C 139 -1.55 -14.00 -34.69
C SER C 139 -0.66 -13.42 -35.79
N LYS C 140 -0.12 -12.22 -35.59
CA LYS C 140 0.58 -11.58 -36.70
C LYS C 140 1.61 -10.53 -36.29
N THR C 141 1.71 -10.26 -34.99
CA THR C 141 2.59 -9.19 -34.53
C THR C 141 3.91 -9.71 -34.01
N LEU C 142 4.99 -9.31 -34.69
CA LEU C 142 6.34 -9.62 -34.27
C LEU C 142 6.75 -8.75 -33.09
N PRO C 143 7.48 -9.33 -32.16
CA PRO C 143 7.83 -8.64 -30.92
C PRO C 143 9.04 -7.73 -31.14
N VAL C 144 9.13 -6.66 -30.35
CA VAL C 144 10.34 -5.87 -30.25
C VAL C 144 11.31 -6.68 -29.40
N PRO C 145 12.53 -6.89 -29.88
CA PRO C 145 13.51 -7.65 -29.10
C PRO C 145 14.23 -6.79 -28.07
N MET C 146 14.25 -7.30 -26.85
CA MET C 146 15.00 -6.75 -25.73
C MET C 146 16.27 -7.62 -25.63
N MET C 147 17.41 -7.07 -26.08
CA MET C 147 18.59 -7.90 -26.31
C MET C 147 19.71 -7.66 -25.31
N ASN C 148 20.02 -8.68 -24.50
CA ASN C 148 21.12 -8.55 -23.55
C ASN C 148 22.36 -8.05 -24.28
N ILE C 149 23.15 -7.21 -23.63
CA ILE C 149 24.31 -6.66 -24.31
C ILE C 149 25.50 -6.49 -23.36
N VAL C 150 25.22 -6.03 -22.15
CA VAL C 150 26.26 -5.87 -21.12
C VAL C 150 25.77 -6.40 -19.78
N ASN C 151 26.62 -7.16 -19.10
CA ASN C 151 26.24 -7.76 -17.83
C ASN C 151 26.97 -7.19 -16.61
N GLY C 152 26.31 -7.28 -15.45
CA GLY C 152 26.88 -6.78 -14.20
C GLY C 152 26.30 -7.49 -13.00
N GLY C 153 26.43 -6.88 -11.82
CA GLY C 153 25.97 -7.51 -10.59
C GLY C 153 26.53 -8.91 -10.48
N GLU C 154 25.71 -9.84 -10.00
CA GLU C 154 26.13 -11.23 -9.85
C GLU C 154 26.48 -11.89 -11.19
N HIS C 155 26.16 -11.21 -12.29
CA HIS C 155 26.37 -11.76 -13.63
C HIS C 155 27.70 -11.32 -14.23
N ALA C 156 28.59 -10.82 -13.38
CA ALA C 156 29.87 -10.33 -13.84
C ALA C 156 30.85 -10.15 -12.70
N ASP C 157 32.09 -9.81 -13.05
CA ASP C 157 33.09 -9.44 -12.08
C ASP C 157 33.59 -8.06 -12.46
N ASN C 158 32.74 -7.06 -12.24
CA ASN C 158 33.07 -5.69 -12.54
C ASN C 158 32.50 -4.76 -11.48
N ASN C 159 32.62 -3.45 -11.73
CA ASN C 159 32.09 -2.46 -10.81
C ASN C 159 30.68 -1.97 -11.14
N VAL C 160 29.89 -2.83 -11.76
CA VAL C 160 28.53 -2.47 -12.14
C VAL C 160 27.55 -3.14 -11.20
N ASP C 161 26.52 -2.41 -10.77
CA ASP C 161 25.52 -2.97 -9.87
C ASP C 161 24.35 -3.59 -10.62
N ILE C 162 23.92 -2.95 -11.71
CA ILE C 162 22.84 -3.45 -12.55
C ILE C 162 23.22 -4.80 -13.16
N GLN C 163 22.26 -5.73 -13.17
CA GLN C 163 22.55 -7.08 -13.62
C GLN C 163 22.61 -7.20 -15.15
N GLU C 164 21.70 -6.51 -15.83
CA GLU C 164 21.64 -6.58 -17.30
C GLU C 164 21.26 -5.26 -17.94
N PHE C 165 22.05 -4.91 -18.96
CA PHE C 165 21.69 -3.82 -19.86
C PHE C 165 21.33 -4.41 -21.22
N MET C 166 20.22 -3.94 -21.77
CA MET C 166 19.72 -4.42 -23.04
C MET C 166 19.46 -3.26 -23.99
N ILE C 167 19.44 -3.55 -25.28
CA ILE C 167 18.97 -2.59 -26.26
C ILE C 167 17.65 -3.06 -26.84
N MET C 168 16.81 -2.11 -27.24
CA MET C 168 15.53 -2.38 -27.93
C MET C 168 15.39 -1.53 -29.18
N PRO C 169 15.49 -2.16 -30.37
CA PRO C 169 15.38 -1.47 -31.66
C PRO C 169 13.93 -1.10 -32.05
N VAL C 170 13.38 -0.15 -31.30
CA VAL C 170 12.02 0.30 -31.50
C VAL C 170 11.78 1.05 -32.82
N GLY C 171 12.85 1.45 -33.50
CA GLY C 171 12.69 2.27 -34.69
C GLY C 171 12.64 1.48 -35.98
N ALA C 172 13.00 0.20 -35.92
CA ALA C 172 12.94 -0.68 -37.09
C ALA C 172 11.51 -0.75 -37.68
N PRO C 173 11.40 -0.90 -39.00
CA PRO C 173 10.08 -1.08 -39.62
C PRO C 173 9.54 -2.52 -39.49
N ASN C 174 10.42 -3.49 -39.29
CA ASN C 174 9.97 -4.89 -39.15
C ASN C 174 10.94 -5.67 -38.29
N PHE C 175 10.62 -6.91 -37.96
CA PHE C 175 11.52 -7.67 -37.10
C PHE C 175 12.88 -7.92 -37.74
N ARG C 176 12.87 -8.21 -39.04
CA ARG C 176 14.09 -8.53 -39.76
C ARG C 176 15.11 -7.38 -39.65
N GLU C 177 14.61 -6.14 -39.75
CA GLU C 177 15.47 -4.98 -39.59
C GLU C 177 15.84 -4.76 -38.13
N ALA C 178 14.89 -5.04 -37.24
CA ALA C 178 15.16 -4.93 -35.80
C ALA C 178 16.31 -5.85 -35.40
N LEU C 179 16.39 -7.02 -36.01
CA LEU C 179 17.44 -7.96 -35.67
C LEU C 179 18.77 -7.46 -36.20
N ARG C 180 18.75 -6.87 -37.40
CA ARG C 180 19.97 -6.36 -38.02
C ARG C 180 20.53 -5.19 -37.21
N MET C 181 19.65 -4.29 -36.80
CA MET C 181 20.09 -3.18 -35.94
C MET C 181 20.74 -3.76 -34.71
N GLY C 182 20.08 -4.75 -34.11
CA GLY C 182 20.60 -5.39 -32.91
C GLY C 182 22.00 -5.96 -33.10
N ALA C 183 22.19 -6.69 -34.21
CA ALA C 183 23.44 -7.38 -34.46
C ALA C 183 24.55 -6.37 -34.67
N GLN C 184 24.26 -5.37 -35.49
CA GLN C 184 25.23 -4.32 -35.78
C GLN C 184 25.65 -3.59 -34.52
N ILE C 185 24.71 -3.35 -33.62
CA ILE C 185 25.07 -2.64 -32.41
C ILE C 185 25.98 -3.52 -31.56
N PHE C 186 25.64 -4.81 -31.52
CA PHE C 186 26.40 -5.80 -30.76
C PHE C 186 27.86 -5.84 -31.23
N HIS C 187 28.05 -5.91 -32.54
CA HIS C 187 29.38 -5.94 -33.15
C HIS C 187 30.11 -4.62 -32.93
N SER C 188 29.35 -3.52 -32.86
CA SER C 188 29.90 -2.20 -32.59
C SER C 188 30.44 -2.10 -31.15
N LEU C 189 29.66 -2.58 -30.19
CA LEU C 189 30.09 -2.56 -28.80
C LEU C 189 31.34 -3.41 -28.64
N LYS C 190 31.41 -4.52 -29.37
CA LYS C 190 32.56 -5.40 -29.28
C LYS C 190 33.86 -4.67 -29.65
N SER C 191 33.86 -3.95 -30.76
CA SER C 191 34.98 -3.11 -31.15
C SER C 191 35.31 -2.06 -30.09
N VAL C 192 34.29 -1.37 -29.61
CA VAL C 192 34.48 -0.34 -28.60
C VAL C 192 35.11 -0.92 -27.35
N LEU C 193 34.61 -2.08 -26.91
CA LEU C 193 35.18 -2.77 -25.76
C LEU C 193 36.63 -3.25 -26.01
N SER C 194 36.87 -3.81 -27.19
CA SER C 194 38.19 -4.29 -27.54
C SER C 194 39.22 -3.15 -27.66
N ALA C 195 38.78 -2.01 -28.16
CA ALA C 195 39.64 -0.84 -28.30
C ALA C 195 39.97 -0.23 -26.95
N LYS C 196 39.11 -0.48 -25.96
CA LYS C 196 39.39 -0.05 -24.58
C LYS C 196 40.27 -1.09 -23.88
N GLY C 197 40.53 -2.20 -24.56
CA GLY C 197 41.31 -3.29 -23.98
C GLY C 197 40.51 -4.18 -23.02
N LEU C 198 39.19 -4.20 -23.15
CA LEU C 198 38.38 -5.00 -22.24
C LEU C 198 38.02 -6.38 -22.83
N ASN C 199 37.60 -7.30 -21.96
CA ASN C 199 37.24 -8.67 -22.37
C ASN C 199 35.96 -8.77 -23.20
N THR C 200 35.99 -9.53 -24.29
CA THR C 200 34.83 -9.66 -25.17
C THR C 200 34.31 -11.10 -25.32
N ALA C 201 34.71 -11.98 -24.41
CA ALA C 201 34.08 -13.28 -24.27
C ALA C 201 32.67 -13.01 -23.71
N VAL C 202 31.75 -13.95 -23.94
CA VAL C 202 30.34 -13.72 -23.56
C VAL C 202 29.86 -14.62 -22.42
N GLY C 203 28.77 -14.21 -21.77
CA GLY C 203 28.15 -15.00 -20.73
C GLY C 203 27.02 -15.92 -21.21
N ASP C 204 26.20 -16.39 -20.28
CA ASP C 204 25.10 -17.30 -20.59
C ASP C 204 24.10 -16.75 -21.63
N GLU C 205 23.86 -15.44 -21.61
CA GLU C 205 22.82 -14.88 -22.46
C GLU C 205 23.40 -14.31 -23.75
N GLY C 206 24.72 -14.46 -23.88
CA GLY C 206 25.40 -14.18 -25.14
C GLY C 206 26.00 -12.79 -25.27
N GLY C 207 25.83 -11.97 -24.23
CA GLY C 207 26.40 -10.64 -24.22
C GLY C 207 27.74 -10.58 -23.50
N PHE C 208 28.26 -9.36 -23.35
CA PHE C 208 29.59 -9.12 -22.77
C PHE C 208 29.51 -8.79 -21.28
N ALA C 209 30.60 -9.06 -20.55
CA ALA C 209 30.71 -8.63 -19.15
C ALA C 209 32.11 -8.02 -18.89
N PRO C 210 32.40 -6.88 -19.52
CA PRO C 210 33.71 -6.24 -19.39
C PRO C 210 33.90 -5.60 -18.02
N ASN C 211 35.16 -5.37 -17.65
CA ASN C 211 35.46 -4.77 -16.35
C ASN C 211 35.27 -3.25 -16.37
N LEU C 212 34.07 -2.82 -16.69
CA LEU C 212 33.72 -1.41 -16.67
C LEU C 212 33.61 -0.94 -15.22
N GLY C 213 33.81 0.35 -15.00
CA GLY C 213 33.96 0.88 -13.65
C GLY C 213 32.71 1.39 -12.95
N SER C 214 31.62 1.58 -13.69
CA SER C 214 30.39 2.07 -13.06
C SER C 214 29.17 1.89 -13.95
N ASN C 215 27.99 1.85 -13.32
CA ASN C 215 26.76 1.71 -14.06
C ASN C 215 26.61 2.76 -15.15
N GLU C 216 26.96 4.01 -14.84
CA GLU C 216 26.83 5.06 -15.84
C GLU C 216 27.83 4.90 -16.98
N GLU C 217 29.01 4.38 -16.67
CA GLU C 217 30.00 4.09 -17.70
C GLU C 217 29.45 3.01 -18.65
N ALA C 218 28.83 1.99 -18.07
CA ALA C 218 28.18 0.94 -18.87
C ALA C 218 27.16 1.56 -19.81
N LEU C 219 26.27 2.39 -19.26
CA LEU C 219 25.24 3.04 -20.06
C LEU C 219 25.83 3.96 -21.12
N GLN C 220 26.88 4.68 -20.76
CA GLN C 220 27.52 5.57 -21.71
C GLN C 220 28.18 4.80 -22.86
N THR C 221 28.70 3.61 -22.56
CA THR C 221 29.40 2.83 -23.57
C THR C 221 28.40 2.23 -24.57
N ILE C 222 27.26 1.79 -24.06
CA ILE C 222 26.22 1.28 -24.94
C ILE C 222 25.77 2.38 -25.91
N VAL C 223 25.44 3.55 -25.37
CA VAL C 223 25.07 4.71 -26.17
C VAL C 223 26.11 5.00 -27.24
N GLU C 224 27.38 4.94 -26.86
CA GLU C 224 28.47 5.14 -27.81
C GLU C 224 28.42 4.08 -28.93
N ALA C 225 28.30 2.81 -28.56
CA ALA C 225 28.24 1.74 -29.56
C ALA C 225 27.07 1.93 -30.52
N ILE C 226 25.93 2.36 -29.97
CA ILE C 226 24.75 2.57 -30.78
C ILE C 226 25.04 3.64 -31.82
N GLU C 227 25.61 4.76 -31.36
CA GLU C 227 25.98 5.85 -32.24
C GLU C 227 26.99 5.39 -33.29
N LYS C 228 28.06 4.75 -32.82
CA LYS C 228 29.07 4.25 -33.74
C LYS C 228 28.50 3.25 -34.75
N ALA C 229 27.43 2.55 -34.38
CA ALA C 229 26.74 1.67 -35.33
C ALA C 229 25.87 2.48 -36.30
N GLY C 230 25.77 3.78 -36.06
CA GLY C 230 25.06 4.67 -36.96
C GLY C 230 23.55 4.71 -36.77
N PHE C 231 23.10 4.39 -35.56
CA PHE C 231 21.69 4.52 -35.23
C PHE C 231 21.53 5.64 -34.20
N LYS C 232 20.30 6.11 -33.99
CA LYS C 232 20.04 7.22 -33.07
C LYS C 232 19.49 6.72 -31.75
N PRO C 233 20.27 6.88 -30.66
CA PRO C 233 19.75 6.54 -29.33
C PRO C 233 18.48 7.31 -29.05
N GLY C 234 17.50 6.69 -28.39
CA GLY C 234 16.24 7.34 -28.13
C GLY C 234 15.24 7.21 -29.28
N GLU C 235 15.57 7.84 -30.41
CA GLU C 235 14.69 7.77 -31.57
C GLU C 235 14.57 6.36 -32.16
N GLU C 236 15.69 5.64 -32.29
CA GLU C 236 15.68 4.34 -32.97
C GLU C 236 15.97 3.16 -32.07
N VAL C 237 16.58 3.40 -30.93
CA VAL C 237 16.98 2.32 -30.03
C VAL C 237 16.87 2.83 -28.60
N LYS C 238 16.16 2.06 -27.77
CA LYS C 238 16.04 2.38 -26.35
C LYS C 238 16.92 1.43 -25.55
N LEU C 239 17.07 1.72 -24.27
CA LEU C 239 17.81 0.85 -23.38
C LEU C 239 16.83 0.21 -22.42
N ALA C 240 17.17 -0.96 -21.91
CA ALA C 240 16.39 -1.57 -20.84
C ALA C 240 17.31 -2.16 -19.80
N MET C 241 16.85 -2.25 -18.57
CA MET C 241 17.67 -2.74 -17.48
C MET C 241 16.98 -3.82 -16.69
N ASP C 242 17.74 -4.84 -16.30
CA ASP C 242 17.30 -5.73 -15.26
C ASP C 242 18.18 -5.39 -14.06
N ALA C 243 17.60 -4.70 -13.07
CA ALA C 243 18.34 -4.33 -11.86
C ALA C 243 18.69 -5.55 -11.03
N ALA C 244 17.73 -6.48 -10.91
CA ALA C 244 17.86 -7.60 -10.01
C ALA C 244 18.13 -7.08 -8.60
N SER C 245 17.53 -5.94 -8.27
CA SER C 245 17.81 -5.20 -7.04
C SER C 245 17.64 -6.02 -5.76
N SER C 246 17.05 -7.21 -5.88
CA SER C 246 17.04 -8.15 -4.77
C SER C 246 18.47 -8.37 -4.29
N GLU C 247 19.39 -8.35 -5.23
CA GLU C 247 20.79 -8.71 -5.01
C GLU C 247 21.55 -7.75 -4.10
N PHE C 248 21.22 -6.46 -4.16
CA PHE C 248 21.88 -5.49 -3.29
C PHE C 248 20.96 -4.88 -2.23
N TYR C 249 19.72 -5.36 -2.18
CA TYR C 249 18.77 -4.92 -1.17
C TYR C 249 19.19 -5.51 0.18
N ASN C 250 19.27 -4.66 1.20
CA ASN C 250 19.64 -5.15 2.53
C ASN C 250 18.41 -5.55 3.32
N LYS C 251 18.34 -6.83 3.69
CA LYS C 251 17.16 -7.33 4.38
C LYS C 251 16.99 -6.70 5.77
N GLU C 252 18.10 -6.27 6.37
CA GLU C 252 18.09 -5.76 7.74
C GLU C 252 17.69 -4.28 7.87
N ASP C 253 18.31 -3.42 7.08
CA ASP C 253 18.00 -1.98 7.17
C ASP C 253 17.10 -1.51 6.03
N GLY C 254 16.57 -2.45 5.26
CA GLY C 254 15.62 -2.13 4.20
C GLY C 254 16.10 -1.08 3.23
N LYS C 255 17.42 -0.96 3.11
CA LYS C 255 18.03 -0.03 2.17
C LYS C 255 18.78 -0.79 1.09
N TYR C 256 19.27 -0.05 0.09
CA TYR C 256 19.92 -0.68 -1.05
C TYR C 256 21.41 -0.40 -1.08
N HIS C 257 22.20 -1.47 -1.15
CA HIS C 257 23.65 -1.38 -1.06
C HIS C 257 24.39 -1.64 -2.38
N LEU C 258 24.51 -0.57 -3.16
CA LEU C 258 25.23 -0.59 -4.44
C LEU C 258 26.73 -0.56 -4.19
N SER C 259 27.34 -1.73 -4.08
CA SER C 259 28.78 -1.80 -3.87
C SER C 259 29.50 -0.93 -4.91
N GLY C 260 29.19 -1.16 -6.19
CA GLY C 260 29.81 -0.40 -7.25
C GLY C 260 29.69 1.10 -7.04
N GLU C 261 28.46 1.57 -6.88
CA GLU C 261 28.21 3.01 -6.77
C GLU C 261 28.75 3.56 -5.44
N GLY C 262 29.15 2.66 -4.55
CA GLY C 262 29.73 3.04 -3.28
C GLY C 262 28.80 3.84 -2.38
N VAL C 263 27.49 3.67 -2.58
CA VAL C 263 26.51 4.36 -1.75
C VAL C 263 25.47 3.39 -1.17
N VAL C 264 24.57 3.94 -0.37
CA VAL C 264 23.44 3.19 0.15
C VAL C 264 22.19 4.05 0.11
N LYS C 265 21.19 3.62 -0.65
CA LYS C 265 19.96 4.39 -0.83
C LYS C 265 18.77 3.69 -0.20
N THR C 266 17.78 4.48 0.22
CA THR C 266 16.51 3.93 0.65
C THR C 266 15.68 3.63 -0.58
N SER C 267 14.66 2.79 -0.44
CA SER C 267 13.73 2.58 -1.52
C SER C 267 13.46 3.92 -2.21
N ALA C 268 13.23 4.95 -1.40
CA ALA C 268 12.84 6.26 -1.91
C ALA C 268 13.91 6.96 -2.78
N GLU C 269 15.17 6.78 -2.41
CA GLU C 269 16.26 7.39 -3.16
C GLU C 269 16.53 6.59 -4.43
N MET C 270 16.37 5.27 -4.34
CA MET C 270 16.44 4.42 -5.53
C MET C 270 15.56 4.94 -6.66
N VAL C 271 14.38 5.44 -6.30
CA VAL C 271 13.42 5.93 -7.30
C VAL C 271 13.89 7.26 -7.89
N ASP C 272 14.56 8.08 -7.07
CA ASP C 272 15.16 9.32 -7.58
C ASP C 272 16.32 8.93 -8.50
N TRP C 273 17.02 7.85 -8.12
CA TRP C 273 18.12 7.35 -8.91
C TRP C 273 17.68 6.90 -10.33
N TYR C 274 16.68 6.02 -10.39
CA TYR C 274 16.14 5.57 -11.67
C TYR C 274 15.58 6.77 -12.44
N GLU C 275 15.01 7.72 -11.72
CA GLU C 275 14.44 8.90 -12.34
C GLU C 275 15.57 9.74 -12.93
N GLU C 276 16.69 9.78 -12.21
CA GLU C 276 17.91 10.43 -12.70
C GLU C 276 18.43 9.72 -13.96
N LEU C 277 18.73 8.43 -13.83
CA LEU C 277 19.22 7.64 -14.96
C LEU C 277 18.35 7.82 -16.21
N VAL C 278 17.03 7.80 -16.01
CA VAL C 278 16.09 7.97 -17.11
C VAL C 278 16.23 9.33 -17.80
N SER C 279 16.51 10.36 -17.01
CA SER C 279 16.62 11.71 -17.55
C SER C 279 17.93 11.92 -18.32
N LYS C 280 18.94 11.13 -17.98
CA LYS C 280 20.21 11.19 -18.71
C LYS C 280 20.25 10.21 -19.90
N TYR C 281 19.67 9.03 -19.72
CA TYR C 281 19.76 7.97 -20.72
C TYR C 281 18.39 7.51 -21.22
N PRO C 282 18.33 7.04 -22.48
CA PRO C 282 17.06 6.69 -23.11
C PRO C 282 16.57 5.30 -22.67
N ILE C 283 16.42 5.14 -21.36
CA ILE C 283 15.90 3.91 -20.80
C ILE C 283 14.37 3.87 -20.93
N ILE C 284 13.84 2.81 -21.51
CA ILE C 284 12.38 2.69 -21.66
C ILE C 284 11.79 1.61 -20.74
N SER C 285 12.66 0.81 -20.11
CA SER C 285 12.20 -0.33 -19.33
C SER C 285 13.15 -0.67 -18.19
N ILE C 286 12.59 -0.95 -17.01
CA ILE C 286 13.39 -1.32 -15.84
C ILE C 286 12.76 -2.52 -15.15
N GLU C 287 13.56 -3.56 -14.92
CA GLU C 287 13.05 -4.84 -14.46
C GLU C 287 13.53 -5.13 -13.03
N ASP C 288 12.61 -5.54 -12.17
CA ASP C 288 12.91 -5.75 -10.75
C ASP C 288 13.69 -4.56 -10.17
N GLY C 289 13.18 -3.36 -10.45
CA GLY C 289 13.83 -2.14 -10.03
C GLY C 289 14.03 -2.06 -8.53
N LEU C 290 13.14 -2.71 -7.78
CA LEU C 290 13.22 -2.75 -6.32
C LEU C 290 13.05 -4.18 -5.84
N ASP C 291 13.24 -4.40 -4.54
CA ASP C 291 13.27 -5.74 -4.00
C ASP C 291 11.95 -6.48 -4.18
N GLU C 292 12.05 -7.77 -4.44
CA GLU C 292 10.89 -8.59 -4.73
C GLU C 292 9.79 -8.48 -3.68
N ASN C 293 10.17 -8.13 -2.45
CA ASN C 293 9.20 -8.01 -1.36
C ASN C 293 8.97 -6.55 -0.93
N ASP C 294 9.63 -5.61 -1.60
CA ASP C 294 9.48 -4.21 -1.26
C ASP C 294 8.33 -3.59 -2.07
N TRP C 295 7.11 -4.08 -1.83
CA TRP C 295 5.95 -3.67 -2.61
C TRP C 295 5.70 -2.18 -2.46
N GLU C 296 5.97 -1.67 -1.26
CA GLU C 296 5.77 -0.26 -0.99
C GLU C 296 6.69 0.56 -1.88
N GLY C 297 7.90 0.04 -2.10
CA GLY C 297 8.87 0.70 -2.97
C GLY C 297 8.42 0.68 -4.42
N HIS C 298 8.07 -0.50 -4.90
CA HIS C 298 7.55 -0.67 -6.25
C HIS C 298 6.38 0.26 -6.53
N LYS C 299 5.45 0.34 -5.59
CA LYS C 299 4.27 1.18 -5.79
C LYS C 299 4.65 2.64 -6.01
N LEU C 300 5.70 3.10 -5.31
CA LEU C 300 6.19 4.46 -5.48
C LEU C 300 6.94 4.61 -6.81
N LEU C 301 7.69 3.58 -7.18
CA LEU C 301 8.38 3.59 -8.45
C LEU C 301 7.37 3.74 -9.58
N THR C 302 6.22 3.08 -9.42
CA THR C 302 5.19 3.12 -10.46
C THR C 302 4.56 4.50 -10.56
N GLU C 303 4.27 5.13 -9.41
CA GLU C 303 3.75 6.49 -9.40
C GLU C 303 4.69 7.46 -10.12
N ARG C 304 5.96 7.42 -9.73
CA ARG C 304 6.97 8.32 -10.26
C ARG C 304 7.34 8.07 -11.72
N LEU C 305 7.40 6.80 -12.12
CA LEU C 305 7.89 6.43 -13.45
C LEU C 305 6.88 5.72 -14.34
N GLY C 306 5.94 5.03 -13.72
CA GLY C 306 4.95 4.23 -14.44
C GLY C 306 4.37 4.78 -15.74
N LYS C 307 4.13 6.07 -15.80
CA LYS C 307 3.46 6.64 -16.97
C LYS C 307 4.33 6.64 -18.22
N LYS C 308 5.65 6.71 -18.04
CA LYS C 308 6.55 6.92 -19.15
C LYS C 308 7.59 5.82 -19.26
N VAL C 309 7.60 4.92 -18.29
CA VAL C 309 8.60 3.87 -18.26
C VAL C 309 7.98 2.52 -17.90
N GLN C 310 8.34 1.49 -18.67
CA GLN C 310 7.90 0.14 -18.38
C GLN C 310 8.61 -0.36 -17.13
N LEU C 311 7.84 -0.96 -16.23
CA LEU C 311 8.36 -1.46 -14.97
C LEU C 311 8.00 -2.94 -14.85
N VAL C 312 9.00 -3.79 -15.08
CA VAL C 312 8.76 -5.22 -15.26
C VAL C 312 8.97 -6.01 -13.98
N GLY C 313 7.95 -6.77 -13.59
CA GLY C 313 8.10 -7.71 -12.49
C GLY C 313 8.60 -9.05 -13.00
N ASP C 314 9.78 -9.43 -12.53
CA ASP C 314 10.37 -10.74 -12.77
C ASP C 314 10.28 -11.55 -11.47
N ASP C 315 11.31 -11.49 -10.63
CA ASP C 315 11.26 -12.14 -9.31
C ASP C 315 10.05 -11.65 -8.48
N LEU C 316 9.57 -10.44 -8.76
CA LEU C 316 8.42 -9.89 -8.05
C LEU C 316 7.14 -10.69 -8.31
N PHE C 317 6.96 -11.11 -9.56
CA PHE C 317 5.73 -11.78 -10.00
C PHE C 317 5.93 -13.28 -10.23
N VAL C 318 7.12 -13.67 -10.65
CA VAL C 318 7.46 -15.08 -10.73
C VAL C 318 6.48 -15.86 -11.62
N THR C 319 6.01 -15.22 -12.68
CA THR C 319 5.00 -15.79 -13.57
C THR C 319 3.86 -16.48 -12.80
N ASN C 320 3.44 -15.84 -11.71
CA ASN C 320 2.43 -16.35 -10.79
C ASN C 320 1.17 -15.48 -10.89
N THR C 321 0.03 -16.05 -11.25
CA THR C 321 -1.15 -15.20 -11.44
C THR C 321 -1.63 -14.51 -10.15
N LYS C 322 -1.58 -15.22 -9.03
CA LYS C 322 -1.90 -14.59 -7.75
C LYS C 322 -1.08 -13.31 -7.55
N LYS C 323 0.23 -13.42 -7.75
CA LYS C 323 1.13 -12.29 -7.56
C LYS C 323 0.81 -11.15 -8.52
N LEU C 324 0.45 -11.51 -9.74
CA LEU C 324 0.11 -10.55 -10.79
C LEU C 324 -1.14 -9.83 -10.36
N SER C 325 -2.13 -10.61 -9.93
CA SER C 325 -3.36 -10.05 -9.39
C SER C 325 -3.03 -9.05 -8.28
N GLU C 326 -2.37 -9.51 -7.23
CA GLU C 326 -2.00 -8.63 -6.14
C GLU C 326 -1.23 -7.42 -6.67
N GLY C 327 -0.42 -7.64 -7.70
CA GLY C 327 0.31 -6.55 -8.33
C GLY C 327 -0.65 -5.57 -8.98
N ILE C 328 -1.54 -6.11 -9.81
CA ILE C 328 -2.52 -5.30 -10.53
C ILE C 328 -3.40 -4.48 -9.58
N LYS C 329 -3.79 -5.07 -8.45
CA LYS C 329 -4.68 -4.40 -7.51
C LYS C 329 -3.99 -3.28 -6.71
N ASN C 330 -2.71 -3.42 -6.40
CA ASN C 330 -2.01 -2.40 -5.62
C ASN C 330 -1.23 -1.40 -6.44
N GLY C 331 -1.48 -1.37 -7.75
CA GLY C 331 -0.82 -0.44 -8.64
C GLY C 331 0.69 -0.64 -8.69
N VAL C 332 1.11 -1.90 -8.74
CA VAL C 332 2.54 -2.23 -8.82
C VAL C 332 2.98 -2.69 -10.22
N GLY C 333 3.87 -1.94 -10.86
CA GLY C 333 4.40 -2.31 -12.16
C GLY C 333 3.42 -2.05 -13.29
N ASN C 334 3.87 -2.31 -14.51
CA ASN C 334 3.00 -2.19 -15.67
C ASN C 334 3.43 -3.19 -16.74
N SER C 335 4.14 -4.22 -16.27
CA SER C 335 4.70 -5.25 -17.15
C SER C 335 5.06 -6.48 -16.32
N ILE C 336 5.01 -7.64 -16.96
CA ILE C 336 5.37 -8.89 -16.31
C ILE C 336 6.22 -9.73 -17.23
N LEU C 337 7.29 -10.32 -16.67
CA LEU C 337 8.14 -11.23 -17.41
C LEU C 337 7.53 -12.64 -17.37
N ILE C 338 7.25 -13.19 -18.55
CA ILE C 338 6.62 -14.49 -18.67
C ILE C 338 7.62 -15.60 -19.00
N LYS C 339 7.80 -16.52 -18.05
CA LYS C 339 8.70 -17.64 -18.25
C LYS C 339 7.88 -18.92 -18.15
N VAL C 340 7.71 -19.59 -19.29
CA VAL C 340 6.83 -20.76 -19.35
C VAL C 340 7.16 -21.76 -18.25
N ASN C 341 8.44 -21.94 -17.96
CA ASN C 341 8.78 -23.04 -17.06
C ASN C 341 8.69 -22.65 -15.58
N GLN C 342 8.42 -21.37 -15.34
CA GLN C 342 8.24 -20.90 -13.99
C GLN C 342 6.82 -21.21 -13.50
N ILE C 343 5.93 -21.46 -14.45
CA ILE C 343 4.54 -21.83 -14.13
C ILE C 343 4.20 -23.28 -14.52
N GLY C 344 4.60 -23.72 -15.71
CA GLY C 344 4.64 -25.15 -16.02
C GLY C 344 3.73 -25.73 -17.08
N THR C 345 2.73 -24.98 -17.52
CA THR C 345 1.90 -25.42 -18.64
C THR C 345 1.68 -24.30 -19.64
N LEU C 346 1.36 -24.66 -20.87
CA LEU C 346 0.99 -23.63 -21.84
C LEU C 346 -0.31 -22.96 -21.41
N THR C 347 -1.25 -23.73 -20.88
CA THR C 347 -2.54 -23.17 -20.47
C THR C 347 -2.42 -22.02 -19.46
N GLU C 348 -1.66 -22.26 -18.40
CA GLU C 348 -1.45 -21.26 -17.36
C GLU C 348 -0.65 -20.08 -17.86
N THR C 349 0.27 -20.35 -18.78
CA THR C 349 1.07 -19.30 -19.41
C THR C 349 0.13 -18.34 -20.13
N PHE C 350 -0.71 -18.88 -21.01
CA PHE C 350 -1.66 -18.06 -21.74
C PHE C 350 -2.68 -17.36 -20.83
N ASP C 351 -3.08 -17.99 -19.73
CA ASP C 351 -3.97 -17.31 -18.78
C ASP C 351 -3.30 -16.14 -18.08
N ALA C 352 -2.01 -16.27 -17.77
CA ALA C 352 -1.27 -15.20 -17.13
C ALA C 352 -1.09 -14.05 -18.10
N ILE C 353 -0.84 -14.40 -19.37
CA ILE C 353 -0.65 -13.39 -20.40
C ILE C 353 -1.93 -12.59 -20.63
N GLU C 354 -3.06 -13.28 -20.63
CA GLU C 354 -4.34 -12.62 -20.88
C GLU C 354 -4.73 -11.71 -19.71
N MET C 355 -4.53 -12.18 -18.49
CA MET C 355 -4.74 -11.36 -17.32
C MET C 355 -3.89 -10.08 -17.35
N ALA C 356 -2.62 -10.20 -17.74
CA ALA C 356 -1.76 -9.01 -17.84
C ALA C 356 -2.29 -8.00 -18.86
N LYS C 357 -2.61 -8.47 -20.07
CA LYS C 357 -3.21 -7.62 -21.09
C LYS C 357 -4.43 -6.80 -20.61
N ARG C 358 -5.31 -7.47 -19.88
CA ARG C 358 -6.59 -6.87 -19.52
C ARG C 358 -6.44 -5.82 -18.43
N ALA C 359 -5.26 -5.77 -17.82
CA ALA C 359 -4.96 -4.78 -16.81
C ALA C 359 -4.04 -3.72 -17.41
N GLY C 360 -3.84 -3.79 -18.73
CA GLY C 360 -2.96 -2.86 -19.42
C GLY C 360 -1.46 -3.10 -19.21
N TYR C 361 -1.09 -4.26 -18.68
CA TYR C 361 0.33 -4.62 -18.53
C TYR C 361 0.84 -5.29 -19.81
N THR C 362 2.11 -5.04 -20.15
CA THR C 362 2.72 -5.83 -21.21
C THR C 362 3.15 -7.18 -20.66
N ALA C 363 3.22 -8.16 -21.55
CA ALA C 363 3.74 -9.48 -21.22
C ALA C 363 5.01 -9.71 -22.04
N VAL C 364 6.16 -9.74 -21.37
CA VAL C 364 7.44 -9.92 -22.06
C VAL C 364 7.87 -11.38 -21.96
N ILE C 365 7.79 -12.07 -23.10
CA ILE C 365 8.13 -13.50 -23.16
C ILE C 365 9.63 -13.64 -23.00
N SER C 366 10.05 -14.48 -22.05
CA SER C 366 11.44 -14.52 -21.64
C SER C 366 12.13 -15.90 -21.79
N HIS C 367 13.43 -15.83 -22.08
CA HIS C 367 14.29 -16.99 -21.98
C HIS C 367 14.69 -17.25 -20.51
N ARG C 368 15.40 -18.35 -20.31
CA ARG C 368 16.08 -18.61 -19.05
C ARG C 368 17.59 -18.58 -19.33
N SER C 369 18.40 -18.62 -18.27
CA SER C 369 19.86 -18.71 -18.42
C SER C 369 20.22 -19.99 -19.15
N GLY C 370 19.72 -21.12 -18.68
CA GLY C 370 19.91 -22.39 -19.38
C GLY C 370 18.87 -22.56 -20.47
N GLU C 371 19.31 -22.44 -21.73
CA GLU C 371 18.40 -22.57 -22.86
C GLU C 371 18.77 -23.75 -23.77
N THR C 372 17.96 -23.95 -24.80
CA THR C 372 18.16 -25.07 -25.72
C THR C 372 17.87 -24.62 -27.15
N GLU C 373 17.84 -25.56 -28.07
CA GLU C 373 17.55 -25.26 -29.47
C GLU C 373 16.02 -25.07 -29.70
N ASP C 374 15.23 -25.34 -28.66
CA ASP C 374 13.78 -25.10 -28.68
C ASP C 374 13.46 -23.61 -28.94
N SER C 375 12.53 -23.33 -29.84
CA SER C 375 12.19 -21.95 -30.21
C SER C 375 10.69 -21.66 -29.98
N THR C 376 10.08 -22.47 -29.15
CA THR C 376 8.68 -22.34 -28.82
C THR C 376 8.30 -20.93 -28.34
N ILE C 377 9.16 -20.27 -27.56
CA ILE C 377 8.78 -18.95 -27.06
C ILE C 377 8.63 -17.90 -28.14
N ALA C 378 9.24 -18.09 -29.31
CA ALA C 378 9.05 -17.13 -30.39
C ALA C 378 7.60 -17.26 -30.89
N ASP C 379 7.14 -18.49 -31.04
CA ASP C 379 5.76 -18.76 -31.42
C ASP C 379 4.76 -18.28 -30.33
N ILE C 380 5.11 -18.42 -29.06
CA ILE C 380 4.22 -17.90 -28.03
C ILE C 380 4.15 -16.37 -28.12
N ALA C 381 5.28 -15.72 -28.39
CA ALA C 381 5.26 -14.26 -28.52
C ALA C 381 4.37 -13.78 -29.67
N VAL C 382 4.39 -14.48 -30.80
CA VAL C 382 3.55 -14.05 -31.92
C VAL C 382 2.10 -14.50 -31.74
N ALA C 383 1.90 -15.73 -31.27
CA ALA C 383 0.56 -16.25 -31.03
C ALA C 383 -0.25 -15.28 -30.19
N THR C 384 0.40 -14.64 -29.22
CA THR C 384 -0.32 -13.72 -28.33
C THR C 384 -0.21 -12.26 -28.76
N ASN C 385 0.40 -12.00 -29.91
CA ASN C 385 0.66 -10.62 -30.32
C ASN C 385 1.29 -9.77 -29.20
N ALA C 386 2.19 -10.36 -28.40
CA ALA C 386 2.64 -9.70 -27.18
C ALA C 386 3.38 -8.37 -27.41
N GLY C 387 4.16 -8.31 -28.48
CA GLY C 387 4.85 -7.09 -28.84
C GLY C 387 6.26 -6.99 -28.27
N GLN C 388 6.60 -7.85 -27.32
CA GLN C 388 7.97 -7.84 -26.74
C GLN C 388 8.51 -9.23 -26.43
N ILE C 389 9.83 -9.38 -26.59
CA ILE C 389 10.50 -10.62 -26.26
C ILE C 389 11.88 -10.33 -25.68
N LYS C 390 12.26 -11.11 -24.67
CA LYS C 390 13.60 -11.08 -24.10
C LYS C 390 14.27 -12.44 -24.24
N THR C 391 15.06 -12.63 -25.31
CA THR C 391 15.76 -13.91 -25.51
C THR C 391 17.25 -13.76 -25.78
N GLY C 392 17.87 -12.72 -25.25
CA GLY C 392 19.32 -12.66 -25.26
C GLY C 392 19.94 -11.79 -26.33
N ALA C 393 21.26 -11.68 -26.27
CA ALA C 393 22.07 -11.06 -27.29
C ALA C 393 21.88 -11.79 -28.60
N PRO C 394 22.20 -11.11 -29.72
CA PRO C 394 22.23 -11.74 -31.05
C PRO C 394 23.52 -12.57 -31.22
N SER C 395 23.79 -13.45 -30.26
CA SER C 395 24.88 -14.40 -30.35
C SER C 395 24.60 -15.55 -29.39
N ARG C 396 25.17 -16.71 -29.72
CA ARG C 396 24.83 -17.99 -29.10
C ARG C 396 23.53 -18.50 -29.70
N THR C 397 23.57 -19.71 -30.26
CA THR C 397 22.40 -20.26 -30.92
C THR C 397 21.27 -20.51 -29.92
N ASP C 398 21.62 -20.70 -28.64
CA ASP C 398 20.56 -20.80 -27.65
C ASP C 398 19.70 -19.53 -27.63
N ARG C 399 20.22 -18.43 -28.15
CA ARG C 399 19.43 -17.20 -28.23
C ARG C 399 18.98 -16.96 -29.67
N VAL C 400 19.94 -17.05 -30.58
CA VAL C 400 19.71 -16.74 -32.00
C VAL C 400 18.72 -17.70 -32.66
N ALA C 401 18.55 -18.89 -32.11
CA ALA C 401 17.56 -19.83 -32.64
C ALA C 401 16.15 -19.27 -32.52
N LYS C 402 15.89 -18.49 -31.46
CA LYS C 402 14.61 -17.81 -31.32
C LYS C 402 14.44 -16.71 -32.36
N TYR C 403 15.46 -15.88 -32.50
CA TYR C 403 15.45 -14.82 -33.50
C TYR C 403 15.29 -15.37 -34.92
N ASN C 404 15.91 -16.51 -35.19
CA ASN C 404 15.78 -17.13 -36.51
C ASN C 404 14.33 -17.55 -36.75
N GLN C 405 13.70 -18.09 -35.71
CA GLN C 405 12.33 -18.57 -35.81
C GLN C 405 11.39 -17.38 -36.05
N LEU C 406 11.68 -16.26 -35.40
CA LEU C 406 10.91 -15.03 -35.65
C LEU C 406 11.08 -14.54 -37.10
N LEU C 407 12.26 -14.72 -37.68
CA LEU C 407 12.49 -14.38 -39.09
C LEU C 407 11.61 -15.24 -40.00
N ARG C 408 11.51 -16.53 -39.68
CA ARG C 408 10.69 -17.47 -40.46
C ARG C 408 9.22 -17.13 -40.31
N ILE C 409 8.82 -16.81 -39.09
CA ILE C 409 7.43 -16.45 -38.83
C ILE C 409 7.10 -15.16 -39.57
N GLU C 410 7.97 -14.17 -39.46
CA GLU C 410 7.77 -12.92 -40.20
C GLU C 410 7.66 -13.19 -41.69
N ASP C 411 8.59 -13.96 -42.23
CA ASP C 411 8.58 -14.37 -43.63
C ASP C 411 7.27 -15.07 -44.04
N GLN C 412 6.82 -16.00 -43.20
CA GLN C 412 5.59 -16.75 -43.48
C GLN C 412 4.33 -15.89 -43.49
N LEU C 413 4.27 -14.90 -42.60
CA LEU C 413 3.14 -13.99 -42.51
C LEU C 413 3.12 -13.01 -43.67
N ALA C 414 4.27 -12.85 -44.33
CA ALA C 414 4.37 -11.99 -45.49
C ALA C 414 3.73 -10.62 -45.23
N GLU C 415 2.77 -10.24 -46.09
CA GLU C 415 2.17 -8.91 -46.00
C GLU C 415 1.34 -8.65 -44.75
N THR C 416 0.89 -9.71 -44.09
CA THR C 416 0.04 -9.58 -42.91
C THR C 416 0.84 -9.40 -41.63
N ALA C 417 2.16 -9.49 -41.73
CA ALA C 417 3.04 -9.31 -40.58
C ALA C 417 3.10 -7.85 -40.08
N GLN C 418 3.08 -7.67 -38.76
CA GLN C 418 3.18 -6.34 -38.19
C GLN C 418 4.32 -6.28 -37.20
N TYR C 419 4.85 -5.07 -37.01
CA TYR C 419 5.87 -4.79 -35.99
C TYR C 419 5.58 -3.37 -35.51
N HIS C 420 5.26 -3.23 -34.23
CA HIS C 420 4.76 -1.94 -33.73
C HIS C 420 5.79 -0.98 -33.15
N GLY C 421 7.03 -1.44 -33.02
CA GLY C 421 8.10 -0.60 -32.52
C GLY C 421 7.76 0.05 -31.19
N ILE C 422 7.78 1.37 -31.16
CA ILE C 422 7.57 2.10 -29.91
C ILE C 422 6.14 1.91 -29.43
N ASN C 423 5.22 1.82 -30.38
CA ASN C 423 3.82 1.62 -30.05
C ASN C 423 3.49 0.24 -29.51
N SER C 424 4.50 -0.61 -29.33
CA SER C 424 4.28 -1.90 -28.69
C SER C 424 4.06 -1.70 -27.20
N PHE C 425 4.47 -0.54 -26.70
CA PHE C 425 4.31 -0.25 -25.27
C PHE C 425 2.93 0.33 -24.94
N TYR C 426 1.90 -0.48 -25.12
CA TYR C 426 0.55 -0.04 -24.81
C TYR C 426 0.35 0.25 -23.33
N ASN C 427 1.36 -0.06 -22.51
CA ASN C 427 1.28 0.21 -21.07
C ASN C 427 1.73 1.64 -20.68
N LEU C 428 2.16 2.43 -21.66
CA LEU C 428 2.73 3.74 -21.40
C LEU C 428 1.96 4.86 -22.11
N MET D 1 6.30 -36.83 -56.45
CA MET D 1 6.24 -37.07 -55.01
C MET D 1 7.61 -37.15 -54.34
N PRO D 2 8.57 -37.85 -54.95
CA PRO D 2 9.95 -37.57 -54.58
C PRO D 2 10.39 -36.29 -55.28
N TYR D 3 9.57 -35.82 -56.21
CA TYR D 3 9.95 -34.68 -57.05
C TYR D 3 9.88 -33.33 -56.34
N ILE D 4 10.97 -32.58 -56.43
CA ILE D 4 11.08 -31.24 -55.87
C ILE D 4 10.09 -30.29 -56.53
N VAL D 5 9.31 -29.57 -55.72
CA VAL D 5 8.36 -28.55 -56.20
C VAL D 5 8.77 -27.16 -55.71
N ASP D 6 9.61 -27.14 -54.68
CA ASP D 6 10.05 -25.85 -54.14
C ASP D 6 11.42 -25.89 -53.48
N VAL D 7 12.27 -24.97 -53.90
CA VAL D 7 13.57 -24.74 -53.29
C VAL D 7 13.61 -23.28 -52.89
N TYR D 8 13.74 -23.02 -51.59
CA TYR D 8 13.64 -21.64 -51.08
C TYR D 8 14.76 -21.30 -50.09
N ALA D 9 15.39 -20.14 -50.26
CA ALA D 9 16.44 -19.71 -49.32
C ALA D 9 16.07 -18.42 -48.59
N ARG D 10 16.54 -18.29 -47.36
CA ARG D 10 16.42 -17.03 -46.61
C ARG D 10 17.73 -16.77 -45.88
N GLU D 11 17.87 -15.54 -45.43
CA GLU D 11 19.01 -15.10 -44.66
C GLU D 11 18.67 -15.24 -43.18
N VAL D 12 19.49 -15.98 -42.46
CA VAL D 12 19.31 -16.09 -41.02
C VAL D 12 20.62 -15.70 -40.37
N LEU D 13 20.73 -16.00 -39.08
CA LEU D 13 21.85 -15.55 -38.28
C LEU D 13 22.57 -16.74 -37.67
N ASP D 14 23.91 -16.74 -37.72
CA ASP D 14 24.71 -17.78 -37.08
C ASP D 14 24.99 -17.47 -35.62
N SER D 15 25.75 -18.34 -34.96
CA SER D 15 25.92 -18.22 -33.51
C SER D 15 26.84 -17.05 -33.14
N ARG D 16 27.41 -16.39 -34.14
CA ARG D 16 28.28 -15.25 -33.90
C ARG D 16 27.58 -13.94 -34.29
N GLY D 17 26.28 -14.02 -34.57
CA GLY D 17 25.51 -12.85 -34.93
C GLY D 17 25.79 -12.32 -36.33
N ASN D 18 26.19 -13.22 -37.23
CA ASN D 18 26.46 -12.91 -38.63
C ASN D 18 25.50 -13.67 -39.54
N PRO D 19 25.07 -13.01 -40.63
CA PRO D 19 24.16 -13.65 -41.57
C PRO D 19 24.69 -14.95 -42.12
N THR D 20 23.78 -15.88 -42.40
CA THR D 20 24.15 -17.03 -43.19
C THR D 20 22.94 -17.54 -43.92
N VAL D 21 23.14 -18.52 -44.78
CA VAL D 21 22.10 -19.04 -45.68
C VAL D 21 21.30 -20.17 -45.04
N GLU D 22 19.98 -20.08 -45.18
CA GLU D 22 19.07 -21.16 -44.82
C GLU D 22 18.26 -21.58 -46.04
N VAL D 23 18.21 -22.88 -46.31
CA VAL D 23 17.53 -23.37 -47.49
C VAL D 23 16.50 -24.44 -47.13
N GLU D 24 15.31 -24.31 -47.69
CA GLU D 24 14.26 -25.32 -47.53
C GLU D 24 13.93 -25.97 -48.87
N VAL D 25 13.76 -27.28 -48.87
CA VAL D 25 13.28 -28.01 -50.05
C VAL D 25 11.96 -28.73 -49.76
N TYR D 26 10.99 -28.60 -50.67
CA TYR D 26 9.72 -29.31 -50.56
C TYR D 26 9.52 -30.25 -51.76
N THR D 27 9.01 -31.46 -51.50
CA THR D 27 8.57 -32.33 -52.58
C THR D 27 7.07 -32.17 -52.80
N GLU D 28 6.59 -32.62 -53.96
CA GLU D 28 5.19 -32.47 -54.36
C GLU D 28 4.26 -32.92 -53.25
N THR D 29 4.66 -34.00 -52.58
CA THR D 29 3.79 -34.63 -51.62
C THR D 29 4.01 -34.09 -50.21
N GLY D 30 4.84 -33.06 -50.10
CA GLY D 30 5.05 -32.39 -48.84
C GLY D 30 6.27 -32.81 -48.04
N ALA D 31 7.08 -33.73 -48.57
CA ALA D 31 8.36 -34.03 -47.93
C ALA D 31 9.14 -32.72 -47.79
N PHE D 32 9.84 -32.57 -46.66
CA PHE D 32 10.46 -31.28 -46.30
C PHE D 32 11.88 -31.43 -45.74
N GLY D 33 12.79 -30.64 -46.26
CA GLY D 33 14.13 -30.53 -45.71
C GLY D 33 14.53 -29.09 -45.47
N ARG D 34 15.13 -28.80 -44.32
CA ARG D 34 15.68 -27.49 -44.02
C ARG D 34 17.14 -27.62 -43.61
N ALA D 35 18.02 -26.87 -44.25
CA ALA D 35 19.43 -26.87 -43.86
C ALA D 35 19.95 -25.45 -43.57
N LEU D 36 20.85 -25.32 -42.60
CA LEU D 36 21.54 -24.06 -42.38
C LEU D 36 23.05 -24.24 -42.55
N VAL D 37 23.66 -23.23 -43.13
CA VAL D 37 25.06 -23.29 -43.54
C VAL D 37 25.93 -22.61 -42.49
N PRO D 38 26.97 -23.31 -42.02
CA PRO D 38 27.94 -22.78 -41.05
C PRO D 38 28.95 -21.85 -41.72
N SER D 39 29.59 -20.99 -40.93
CA SER D 39 30.65 -20.15 -41.49
C SER D 39 31.89 -20.10 -40.58
N GLY D 40 33.07 -20.15 -41.18
CA GLY D 40 34.32 -19.99 -40.46
C GLY D 40 34.65 -18.54 -40.11
N ALA D 41 35.07 -18.31 -38.86
CA ALA D 41 35.60 -17.01 -38.46
C ALA D 41 36.90 -16.68 -39.24
N SER D 42 37.71 -17.71 -39.44
CA SER D 42 38.87 -17.62 -40.33
C SER D 42 38.71 -18.66 -41.43
N THR D 43 39.36 -18.45 -42.55
CA THR D 43 39.17 -19.29 -43.71
C THR D 43 40.48 -19.73 -44.34
N GLY D 44 40.63 -21.04 -44.56
CA GLY D 44 41.79 -21.59 -45.25
C GLY D 44 41.96 -20.94 -46.61
N GLU D 45 43.21 -20.84 -47.06
CA GLU D 45 43.48 -20.20 -48.34
C GLU D 45 42.77 -20.93 -49.49
N TYR D 46 42.60 -22.25 -49.38
CA TYR D 46 42.07 -23.06 -50.48
C TYR D 46 40.60 -23.54 -50.38
N GLU D 47 39.86 -23.01 -49.40
CA GLU D 47 38.46 -23.30 -49.24
C GLU D 47 37.64 -22.84 -50.44
N ALA D 48 36.57 -23.58 -50.72
CA ALA D 48 35.52 -23.13 -51.63
C ALA D 48 35.00 -21.76 -51.17
N VAL D 49 34.58 -20.90 -52.09
CA VAL D 49 34.31 -19.52 -51.68
C VAL D 49 32.94 -19.24 -51.08
N GLU D 50 32.97 -18.69 -49.87
CA GLU D 50 31.78 -18.21 -49.19
C GLU D 50 31.41 -16.86 -49.77
N LEU D 51 30.26 -16.80 -50.45
CA LEU D 51 29.80 -15.56 -51.06
C LEU D 51 29.20 -14.57 -50.04
N ARG D 52 29.80 -13.39 -49.90
CA ARG D 52 29.24 -12.32 -49.05
C ARG D 52 28.94 -11.07 -49.88
N ASP D 53 27.94 -10.30 -49.48
CA ASP D 53 27.52 -9.14 -50.25
C ASP D 53 28.55 -8.00 -50.26
N GLY D 54 29.29 -7.85 -49.16
CA GLY D 54 30.33 -6.83 -49.07
C GLY D 54 29.81 -5.43 -48.87
N ASP D 55 28.51 -5.31 -48.64
CA ASP D 55 27.85 -4.03 -48.42
C ASP D 55 28.23 -3.43 -47.07
N LYS D 56 29.02 -2.34 -47.11
CA LYS D 56 29.51 -1.69 -45.89
C LYS D 56 28.39 -1.31 -44.91
N ASP D 57 27.25 -0.89 -45.44
CA ASP D 57 26.18 -0.34 -44.62
C ASP D 57 25.21 -1.41 -44.16
N ARG D 58 25.55 -2.66 -44.41
CA ARG D 58 24.65 -3.74 -44.05
C ARG D 58 25.40 -4.92 -43.46
N TYR D 59 25.17 -5.16 -42.18
CA TYR D 59 25.82 -6.27 -41.47
C TYR D 59 27.35 -6.23 -41.63
N LEU D 60 27.92 -5.03 -41.74
CA LEU D 60 29.38 -4.87 -41.91
C LEU D 60 29.92 -5.65 -43.09
N GLY D 61 29.14 -5.75 -44.16
CA GLY D 61 29.58 -6.40 -45.39
C GLY D 61 29.34 -7.90 -45.45
N LYS D 62 28.77 -8.44 -44.36
CA LYS D 62 28.61 -9.89 -44.21
C LYS D 62 27.23 -10.43 -44.60
N GLY D 63 26.39 -9.59 -45.20
CA GLY D 63 25.10 -10.04 -45.69
C GLY D 63 25.28 -11.13 -46.74
N VAL D 64 24.34 -12.06 -46.80
CA VAL D 64 24.35 -13.11 -47.81
C VAL D 64 23.12 -13.05 -48.70
N LEU D 65 22.67 -11.84 -49.01
CA LEU D 65 21.57 -11.64 -49.96
C LEU D 65 21.86 -12.21 -51.35
N THR D 66 23.09 -12.03 -51.83
CA THR D 66 23.43 -12.56 -53.15
C THR D 66 23.32 -14.07 -53.18
N ALA D 67 23.91 -14.75 -52.19
CA ALA D 67 23.81 -16.21 -52.09
C ALA D 67 22.35 -16.66 -52.02
N VAL D 68 21.55 -15.92 -51.27
CA VAL D 68 20.14 -16.29 -51.14
C VAL D 68 19.42 -16.11 -52.49
N ASN D 69 19.76 -15.05 -53.21
CA ASN D 69 19.20 -14.82 -54.55
C ASN D 69 19.60 -15.90 -55.55
N ASN D 70 20.84 -16.35 -55.48
CA ASN D 70 21.31 -17.38 -56.39
C ASN D 70 20.48 -18.65 -56.23
N VAL D 71 20.13 -18.97 -55.00
CA VAL D 71 19.29 -20.14 -54.74
C VAL D 71 17.91 -19.94 -55.35
N ASN D 72 17.28 -18.82 -55.01
CA ASN D 72 15.89 -18.57 -55.41
C ASN D 72 15.72 -18.33 -56.91
N GLU D 73 16.66 -17.64 -57.53
CA GLU D 73 16.48 -17.17 -58.89
C GLU D 73 17.32 -17.94 -59.93
N ILE D 74 18.33 -18.64 -59.47
CA ILE D 74 19.21 -19.35 -60.41
C ILE D 74 19.17 -20.87 -60.20
N ILE D 75 19.42 -21.32 -58.97
CA ILE D 75 19.39 -22.75 -58.69
C ILE D 75 17.98 -23.34 -58.70
N ALA D 76 17.06 -22.75 -57.93
CA ALA D 76 15.71 -23.34 -57.78
C ALA D 76 15.01 -23.72 -59.10
N PRO D 77 15.05 -22.83 -60.12
CA PRO D 77 14.39 -23.19 -61.37
C PRO D 77 15.04 -24.39 -62.07
N GLU D 78 16.32 -24.65 -61.86
CA GLU D 78 16.95 -25.83 -62.44
C GLU D 78 16.59 -27.12 -61.70
N LEU D 79 16.10 -27.01 -60.48
CA LEU D 79 15.89 -28.20 -59.64
C LEU D 79 14.44 -28.62 -59.49
N LEU D 80 13.51 -27.78 -59.90
CA LEU D 80 12.09 -28.16 -59.86
C LEU D 80 11.87 -29.39 -60.73
N GLY D 81 11.14 -30.37 -60.21
CA GLY D 81 10.87 -31.58 -60.97
C GLY D 81 11.93 -32.65 -60.82
N PHE D 82 13.03 -32.29 -60.18
CA PHE D 82 14.11 -33.24 -59.94
C PHE D 82 13.73 -34.22 -58.83
N ASP D 83 14.13 -35.48 -58.97
CA ASP D 83 13.94 -36.46 -57.92
C ASP D 83 14.84 -36.16 -56.71
N VAL D 84 14.22 -35.86 -55.56
CA VAL D 84 14.96 -35.38 -54.40
C VAL D 84 15.98 -36.39 -53.85
N THR D 85 15.76 -37.68 -54.12
CA THR D 85 16.64 -38.75 -53.65
C THR D 85 17.87 -38.96 -54.55
N GLU D 86 18.00 -38.16 -55.61
CA GLU D 86 19.17 -38.29 -56.46
C GLU D 86 20.28 -37.32 -56.07
N GLN D 87 20.82 -37.55 -54.89
CA GLN D 87 21.81 -36.66 -54.30
C GLN D 87 23.03 -36.43 -55.20
N ASN D 88 23.69 -37.50 -55.64
CA ASN D 88 24.84 -37.33 -56.51
C ASN D 88 24.51 -36.49 -57.75
N ALA D 89 23.34 -36.74 -58.34
CA ALA D 89 22.95 -36.03 -59.55
C ALA D 89 22.66 -34.56 -59.23
N ILE D 90 22.08 -34.33 -58.06
CA ILE D 90 21.81 -32.95 -57.65
C ILE D 90 23.11 -32.17 -57.49
N ASP D 91 24.05 -32.78 -56.78
CA ASP D 91 25.34 -32.14 -56.52
C ASP D 91 26.13 -31.83 -57.78
N GLN D 92 26.10 -32.76 -58.76
CA GLN D 92 26.76 -32.55 -60.06
C GLN D 92 26.13 -31.36 -60.77
N LEU D 93 24.80 -31.31 -60.75
CA LEU D 93 24.06 -30.20 -61.35
C LEU D 93 24.45 -28.85 -60.72
N LEU D 94 24.56 -28.81 -59.40
CA LEU D 94 24.93 -27.59 -58.70
C LEU D 94 26.32 -27.13 -59.09
N ILE D 95 27.26 -28.09 -59.12
CA ILE D 95 28.65 -27.83 -59.49
C ILE D 95 28.79 -27.27 -60.91
N GLU D 96 28.11 -27.89 -61.87
CA GLU D 96 28.15 -27.46 -63.25
C GLU D 96 27.51 -26.09 -63.43
N LEU D 97 26.33 -25.91 -62.82
CA LEU D 97 25.65 -24.62 -62.81
C LEU D 97 26.60 -23.50 -62.44
N ASP D 98 27.36 -23.70 -61.37
CA ASP D 98 28.35 -22.71 -60.97
C ASP D 98 29.47 -22.66 -62.01
N GLY D 99 30.01 -23.84 -62.36
CA GLY D 99 30.99 -23.95 -63.41
C GLY D 99 32.40 -23.45 -63.10
N THR D 100 32.66 -23.05 -61.85
CA THR D 100 33.99 -22.61 -61.46
C THR D 100 34.61 -23.62 -60.51
N GLU D 101 35.94 -23.61 -60.45
CA GLU D 101 36.67 -24.55 -59.60
C GLU D 101 36.35 -24.37 -58.12
N ASN D 102 36.21 -23.13 -57.69
CA ASN D 102 36.07 -22.83 -56.27
C ASN D 102 34.65 -22.39 -55.84
N LYS D 103 33.66 -22.64 -56.71
CA LYS D 103 32.25 -22.31 -56.45
C LYS D 103 32.02 -20.81 -56.22
N GLY D 104 32.86 -19.98 -56.83
CA GLY D 104 32.80 -18.55 -56.65
C GLY D 104 31.74 -17.82 -57.44
N LYS D 105 31.02 -18.54 -58.32
CA LYS D 105 29.95 -17.93 -59.10
C LYS D 105 28.64 -17.86 -58.30
N LEU D 106 28.15 -19.02 -57.84
CA LEU D 106 26.94 -19.09 -57.02
C LEU D 106 27.21 -19.03 -55.51
N GLY D 107 28.42 -19.43 -55.11
CA GLY D 107 28.78 -19.44 -53.71
C GLY D 107 28.61 -20.83 -53.10
N ALA D 108 29.63 -21.27 -52.38
CA ALA D 108 29.56 -22.58 -51.73
C ALA D 108 28.50 -22.55 -50.65
N ASN D 109 28.24 -21.39 -50.07
CA ASN D 109 27.14 -21.29 -49.11
C ASN D 109 25.77 -21.49 -49.78
N ALA D 110 25.56 -20.94 -50.97
CA ALA D 110 24.34 -21.24 -51.71
C ALA D 110 24.28 -22.73 -52.01
N ILE D 111 25.40 -23.26 -52.51
CA ILE D 111 25.42 -24.63 -53.00
C ILE D 111 25.24 -25.65 -51.88
N LEU D 112 26.01 -25.50 -50.80
CA LEU D 112 25.93 -26.48 -49.73
C LEU D 112 24.51 -26.49 -49.17
N GLY D 113 23.93 -25.30 -49.07
CA GLY D 113 22.60 -25.14 -48.52
C GLY D 113 21.60 -26.00 -49.25
N VAL D 114 21.61 -25.91 -50.58
CA VAL D 114 20.76 -26.77 -51.40
C VAL D 114 21.13 -28.25 -51.26
N SER D 115 22.42 -28.56 -51.33
CA SER D 115 22.93 -29.92 -51.24
C SER D 115 22.42 -30.61 -49.98
N MET D 116 22.50 -29.91 -48.86
CA MET D 116 22.08 -30.50 -47.58
C MET D 116 20.55 -30.51 -47.42
N ALA D 117 19.90 -29.48 -47.95
CA ALA D 117 18.46 -29.41 -47.82
C ALA D 117 17.81 -30.60 -48.56
N CYS D 118 18.31 -30.89 -49.75
CA CYS D 118 17.80 -32.01 -50.53
C CYS D 118 18.01 -33.33 -49.81
N ALA D 119 19.19 -33.52 -49.24
CA ALA D 119 19.41 -34.76 -48.50
C ALA D 119 18.44 -34.87 -47.31
N ARG D 120 18.19 -33.75 -46.63
CA ARG D 120 17.29 -33.80 -45.48
C ARG D 120 15.85 -34.07 -45.92
N ALA D 121 15.43 -33.47 -47.03
CA ALA D 121 14.07 -33.71 -47.54
C ALA D 121 13.92 -35.18 -47.97
N ALA D 122 14.96 -35.70 -48.59
CA ALA D 122 14.96 -37.08 -49.05
C ALA D 122 14.75 -38.05 -47.89
N ALA D 123 15.50 -37.87 -46.80
CA ALA D 123 15.33 -38.75 -45.65
C ALA D 123 13.89 -38.65 -45.14
N ASP D 124 13.35 -37.44 -45.13
CA ASP D 124 12.00 -37.20 -44.65
C ASP D 124 10.99 -37.88 -45.59
N PHE D 125 11.24 -37.76 -46.88
CA PHE D 125 10.43 -38.45 -47.89
C PHE D 125 10.43 -39.97 -47.71
N LEU D 126 11.58 -40.56 -47.40
CA LEU D 126 11.68 -42.00 -47.17
C LEU D 126 11.30 -42.36 -45.74
N GLN D 127 11.14 -41.34 -44.90
CA GLN D 127 10.84 -41.56 -43.49
C GLN D 127 11.88 -42.45 -42.84
N ILE D 128 13.15 -42.17 -43.13
CA ILE D 128 14.24 -42.86 -42.46
C ILE D 128 15.20 -41.85 -41.82
N PRO D 129 15.90 -42.26 -40.75
CA PRO D 129 16.86 -41.34 -40.11
C PRO D 129 17.87 -40.84 -41.14
N LEU D 130 18.29 -39.59 -41.02
CA LEU D 130 19.27 -39.00 -41.93
C LEU D 130 20.60 -39.78 -42.01
N TYR D 131 21.10 -40.25 -40.86
CA TYR D 131 22.39 -40.97 -40.89
C TYR D 131 22.21 -42.23 -41.76
N GLN D 132 21.01 -42.76 -41.78
CA GLN D 132 20.70 -43.98 -42.53
C GLN D 132 20.48 -43.67 -44.01
N TYR D 133 19.84 -42.56 -44.31
CA TYR D 133 19.74 -42.15 -45.68
C TYR D 133 21.15 -41.94 -46.22
N LEU D 134 22.01 -41.33 -45.40
CA LEU D 134 23.34 -40.93 -45.87
C LEU D 134 24.35 -42.09 -45.97
N GLY D 135 24.30 -43.04 -45.03
CA GLY D 135 25.31 -44.08 -44.92
C GLY D 135 24.84 -45.51 -45.20
N GLY D 136 23.52 -45.72 -45.29
CA GLY D 136 22.98 -47.05 -45.53
C GLY D 136 22.75 -47.76 -44.20
N PHE D 137 22.56 -49.08 -44.25
CA PHE D 137 22.01 -49.79 -43.11
C PHE D 137 23.00 -49.94 -41.98
N ASN D 138 24.29 -49.92 -42.30
CA ASN D 138 25.31 -50.21 -41.31
C ASN D 138 25.88 -49.00 -40.53
N SER D 139 25.20 -47.86 -40.60
CA SER D 139 25.57 -46.70 -39.80
C SER D 139 25.15 -46.91 -38.35
N LYS D 140 26.12 -46.97 -37.44
CA LYS D 140 25.80 -47.36 -36.06
C LYS D 140 26.83 -46.93 -35.02
N THR D 141 27.92 -46.32 -35.47
CA THR D 141 29.02 -46.04 -34.55
C THR D 141 29.01 -44.58 -34.14
N LEU D 142 28.91 -44.35 -32.84
CA LEU D 142 29.04 -42.99 -32.35
C LEU D 142 30.50 -42.61 -32.25
N PRO D 143 30.77 -41.32 -32.52
CA PRO D 143 32.10 -40.70 -32.54
C PRO D 143 32.57 -40.32 -31.15
N VAL D 144 33.87 -40.46 -30.91
CA VAL D 144 34.51 -39.84 -29.78
C VAL D 144 34.53 -38.32 -29.96
N PRO D 145 33.97 -37.59 -28.99
CA PRO D 145 33.96 -36.13 -29.13
C PRO D 145 35.30 -35.51 -28.76
N MET D 146 35.69 -34.53 -29.55
CA MET D 146 36.87 -33.73 -29.35
C MET D 146 36.34 -32.36 -28.88
N MET D 147 36.40 -32.11 -27.57
CA MET D 147 35.65 -31.02 -26.95
C MET D 147 36.53 -29.85 -26.54
N ASN D 148 36.40 -28.75 -27.27
CA ASN D 148 37.19 -27.57 -27.02
C ASN D 148 36.89 -27.06 -25.61
N ILE D 149 37.92 -26.73 -24.86
CA ILE D 149 37.77 -26.47 -23.44
C ILE D 149 38.54 -25.21 -23.01
N VAL D 150 39.72 -25.01 -23.59
CA VAL D 150 40.52 -23.81 -23.32
C VAL D 150 41.01 -23.18 -24.63
N ASN D 151 41.05 -21.86 -24.69
CA ASN D 151 41.41 -21.19 -25.93
C ASN D 151 42.64 -20.30 -25.85
N GLY D 152 43.33 -20.15 -26.99
CA GLY D 152 44.50 -19.32 -27.08
C GLY D 152 44.63 -18.74 -28.48
N GLY D 153 45.83 -18.26 -28.80
CA GLY D 153 46.13 -17.69 -30.10
C GLY D 153 45.26 -16.48 -30.44
N GLU D 154 44.68 -16.51 -31.64
CA GLU D 154 43.70 -15.50 -32.06
C GLU D 154 42.41 -15.59 -31.26
N HIS D 155 41.99 -16.82 -30.94
CA HIS D 155 40.74 -17.06 -30.22
C HIS D 155 40.69 -16.38 -28.84
N ALA D 156 41.82 -15.86 -28.39
CA ALA D 156 41.93 -15.34 -27.04
C ALA D 156 42.90 -14.16 -26.91
N ASP D 157 42.89 -13.52 -25.75
CA ASP D 157 43.91 -12.54 -25.40
C ASP D 157 44.65 -13.03 -24.17
N ASN D 158 45.59 -13.95 -24.39
CA ASN D 158 46.44 -14.45 -23.32
C ASN D 158 47.84 -14.73 -23.84
N ASN D 159 48.58 -15.54 -23.09
CA ASN D 159 49.96 -15.87 -23.46
C ASN D 159 50.04 -17.28 -24.07
N VAL D 160 48.94 -17.71 -24.66
CA VAL D 160 48.83 -19.03 -25.23
C VAL D 160 48.81 -18.96 -26.77
N ASP D 161 49.66 -19.75 -27.42
CA ASP D 161 49.78 -19.70 -28.89
C ASP D 161 48.86 -20.69 -29.60
N ILE D 162 48.74 -21.88 -29.04
CA ILE D 162 47.83 -22.90 -29.53
C ILE D 162 46.42 -22.34 -29.50
N GLN D 163 45.65 -22.55 -30.57
CA GLN D 163 44.34 -21.93 -30.67
C GLN D 163 43.27 -22.67 -29.87
N GLU D 164 43.31 -23.99 -29.88
CA GLU D 164 42.32 -24.78 -29.13
C GLU D 164 42.94 -25.95 -28.38
N PHE D 165 42.56 -26.10 -27.13
CA PHE D 165 42.90 -27.31 -26.36
C PHE D 165 41.62 -28.09 -26.07
N MET D 166 41.61 -29.37 -26.40
CA MET D 166 40.40 -30.19 -26.32
C MET D 166 40.61 -31.43 -25.49
N ILE D 167 39.53 -31.89 -24.86
CA ILE D 167 39.52 -33.19 -24.20
C ILE D 167 38.76 -34.19 -25.06
N MET D 168 39.15 -35.45 -24.96
CA MET D 168 38.50 -36.53 -25.69
C MET D 168 38.27 -37.69 -24.72
N PRO D 169 36.99 -37.97 -24.40
CA PRO D 169 36.63 -39.00 -23.42
C PRO D 169 36.62 -40.41 -24.03
N VAL D 170 37.82 -40.94 -24.23
CA VAL D 170 38.01 -42.22 -24.91
C VAL D 170 37.57 -43.40 -24.04
N GLY D 171 37.53 -43.20 -22.72
CA GLY D 171 37.23 -44.28 -21.79
C GLY D 171 35.76 -44.52 -21.51
N ALA D 172 34.88 -43.81 -22.20
CA ALA D 172 33.45 -43.99 -21.95
C ALA D 172 32.95 -45.23 -22.66
N PRO D 173 31.98 -45.94 -22.05
CA PRO D 173 31.40 -47.13 -22.71
C PRO D 173 30.46 -46.76 -23.85
N ASN D 174 29.94 -45.53 -23.85
CA ASN D 174 29.01 -45.11 -24.90
C ASN D 174 29.00 -43.59 -25.03
N PHE D 175 28.34 -43.06 -26.05
CA PHE D 175 28.37 -41.62 -26.24
C PHE D 175 27.70 -40.85 -25.11
N ARG D 176 26.61 -41.39 -24.58
CA ARG D 176 25.91 -40.68 -23.53
C ARG D 176 26.80 -40.44 -22.33
N GLU D 177 27.59 -41.46 -21.97
CA GLU D 177 28.55 -41.30 -20.87
C GLU D 177 29.74 -40.43 -21.27
N ALA D 178 30.23 -40.57 -22.50
CA ALA D 178 31.32 -39.72 -22.99
C ALA D 178 30.94 -38.26 -22.81
N LEU D 179 29.71 -37.94 -23.19
CA LEU D 179 29.17 -36.59 -23.03
C LEU D 179 29.18 -36.11 -21.56
N ARG D 180 28.64 -36.93 -20.66
CA ARG D 180 28.64 -36.59 -19.22
C ARG D 180 30.07 -36.32 -18.74
N MET D 181 31.01 -37.18 -19.13
CA MET D 181 32.43 -36.97 -18.81
C MET D 181 32.92 -35.59 -19.22
N GLY D 182 32.72 -35.24 -20.48
CA GLY D 182 33.17 -33.96 -21.00
C GLY D 182 32.56 -32.80 -20.24
N ALA D 183 31.25 -32.91 -19.98
CA ALA D 183 30.51 -31.89 -19.27
C ALA D 183 31.02 -31.70 -17.83
N GLN D 184 31.17 -32.80 -17.10
CA GLN D 184 31.66 -32.71 -15.73
C GLN D 184 33.08 -32.15 -15.68
N ILE D 185 33.91 -32.53 -16.64
CA ILE D 185 35.27 -32.00 -16.68
C ILE D 185 35.23 -30.51 -17.01
N PHE D 186 34.30 -30.14 -17.88
CA PHE D 186 34.11 -28.75 -18.25
C PHE D 186 33.74 -27.92 -17.00
N HIS D 187 32.84 -28.45 -16.18
CA HIS D 187 32.43 -27.75 -14.96
C HIS D 187 33.56 -27.74 -13.95
N SER D 188 34.28 -28.85 -13.86
CA SER D 188 35.47 -28.88 -13.03
C SER D 188 36.44 -27.75 -13.42
N LEU D 189 36.76 -27.63 -14.70
CA LEU D 189 37.70 -26.61 -15.14
C LEU D 189 37.24 -25.21 -14.74
N LYS D 190 35.94 -24.98 -14.79
CA LYS D 190 35.41 -23.67 -14.44
C LYS D 190 35.66 -23.31 -12.97
N SER D 191 35.50 -24.28 -12.06
CA SER D 191 35.85 -24.09 -10.65
C SER D 191 37.32 -23.78 -10.50
N VAL D 192 38.16 -24.56 -11.16
CA VAL D 192 39.59 -24.36 -11.15
C VAL D 192 39.91 -22.92 -11.53
N LEU D 193 39.42 -22.48 -12.70
CA LEU D 193 39.71 -21.14 -13.19
C LEU D 193 39.21 -20.07 -12.21
N SER D 194 37.98 -20.25 -11.76
CA SER D 194 37.36 -19.32 -10.85
C SER D 194 38.20 -19.20 -9.59
N ALA D 195 38.71 -20.33 -9.12
CA ALA D 195 39.56 -20.37 -7.93
C ALA D 195 40.83 -19.54 -8.11
N LYS D 196 41.41 -19.58 -9.31
CA LYS D 196 42.58 -18.76 -9.61
C LYS D 196 42.15 -17.31 -9.92
N GLY D 197 40.87 -17.01 -9.72
CA GLY D 197 40.32 -15.74 -10.12
C GLY D 197 40.50 -15.41 -11.59
N LEU D 198 40.42 -16.42 -12.47
CA LEU D 198 40.54 -16.20 -13.91
C LEU D 198 39.17 -16.02 -14.56
N ASN D 199 39.13 -15.44 -15.75
CA ASN D 199 37.86 -15.13 -16.43
C ASN D 199 37.14 -16.39 -16.93
N THR D 200 35.84 -16.51 -16.68
CA THR D 200 35.14 -17.73 -17.12
C THR D 200 34.03 -17.51 -18.16
N ALA D 201 34.06 -16.36 -18.82
CA ALA D 201 33.20 -16.16 -19.98
C ALA D 201 33.70 -17.10 -21.09
N VAL D 202 32.88 -17.32 -22.11
CA VAL D 202 33.24 -18.30 -23.14
C VAL D 202 33.44 -17.73 -24.55
N GLY D 203 34.26 -18.42 -25.34
CA GLY D 203 34.53 -18.03 -26.72
C GLY D 203 33.46 -18.51 -27.69
N ASP D 204 33.74 -18.36 -28.99
CA ASP D 204 32.81 -18.77 -30.04
C ASP D 204 32.47 -20.25 -29.97
N GLU D 205 33.38 -21.06 -29.47
CA GLU D 205 33.14 -22.50 -29.45
C GLU D 205 32.76 -23.07 -28.08
N GLY D 206 32.51 -22.17 -27.13
CA GLY D 206 31.93 -22.56 -25.85
C GLY D 206 32.95 -22.85 -24.76
N GLY D 207 34.23 -22.76 -25.13
CA GLY D 207 35.33 -23.00 -24.22
C GLY D 207 35.72 -21.72 -23.52
N PHE D 208 36.53 -21.86 -22.47
CA PHE D 208 37.02 -20.68 -21.74
C PHE D 208 38.27 -20.13 -22.39
N ALA D 209 38.46 -18.82 -22.29
CA ALA D 209 39.73 -18.21 -22.71
C ALA D 209 40.40 -17.45 -21.56
N PRO D 210 40.77 -18.18 -20.49
CA PRO D 210 41.34 -17.53 -19.31
C PRO D 210 42.71 -16.96 -19.63
N ASN D 211 43.18 -16.06 -18.78
CA ASN D 211 44.48 -15.46 -18.98
C ASN D 211 45.60 -16.32 -18.42
N LEU D 212 45.89 -17.43 -19.08
CA LEU D 212 46.96 -18.34 -18.63
C LEU D 212 48.33 -17.90 -19.16
N GLY D 213 49.37 -18.29 -18.43
CA GLY D 213 50.71 -17.79 -18.68
C GLY D 213 51.43 -18.38 -19.88
N SER D 214 51.02 -19.58 -20.29
CA SER D 214 51.74 -20.28 -21.35
C SER D 214 50.98 -21.49 -21.86
N ASN D 215 51.42 -22.00 -22.99
CA ASN D 215 50.83 -23.20 -23.58
C ASN D 215 50.81 -24.37 -22.61
N GLU D 216 51.92 -24.61 -21.94
CA GLU D 216 51.99 -25.71 -20.98
C GLU D 216 51.16 -25.49 -19.73
N GLU D 217 50.94 -24.24 -19.35
CA GLU D 217 50.05 -23.99 -18.22
C GLU D 217 48.61 -24.36 -18.59
N ALA D 218 48.25 -24.13 -19.85
CA ALA D 218 46.95 -24.58 -20.32
C ALA D 218 46.81 -26.12 -20.26
N LEU D 219 47.82 -26.86 -20.69
CA LEU D 219 47.73 -28.32 -20.64
C LEU D 219 47.69 -28.84 -19.20
N GLN D 220 48.50 -28.26 -18.32
CA GLN D 220 48.52 -28.66 -16.92
C GLN D 220 47.21 -28.34 -16.22
N THR D 221 46.60 -27.23 -16.58
CA THR D 221 45.33 -26.80 -15.97
C THR D 221 44.19 -27.73 -16.38
N ILE D 222 44.26 -28.24 -17.61
CA ILE D 222 43.26 -29.17 -18.08
C ILE D 222 43.47 -30.53 -17.44
N VAL D 223 44.72 -30.96 -17.38
CA VAL D 223 45.05 -32.20 -16.66
C VAL D 223 44.48 -32.11 -15.25
N GLU D 224 44.76 -30.99 -14.59
CA GLU D 224 44.27 -30.73 -13.23
C GLU D 224 42.74 -30.87 -13.17
N ALA D 225 42.04 -30.17 -14.06
CA ALA D 225 40.58 -30.27 -14.15
C ALA D 225 40.10 -31.72 -14.28
N ILE D 226 40.75 -32.51 -15.14
CA ILE D 226 40.35 -33.90 -15.35
C ILE D 226 40.44 -34.70 -14.04
N GLU D 227 41.56 -34.57 -13.35
CA GLU D 227 41.78 -35.29 -12.09
C GLU D 227 40.76 -34.87 -11.03
N LYS D 228 40.49 -33.57 -10.98
CA LYS D 228 39.56 -33.05 -9.98
C LYS D 228 38.15 -33.46 -10.30
N ALA D 229 37.92 -33.84 -11.56
CA ALA D 229 36.60 -34.30 -11.96
C ALA D 229 36.41 -35.76 -11.62
N GLY D 230 37.48 -36.40 -11.14
CA GLY D 230 37.44 -37.81 -10.79
C GLY D 230 37.84 -38.80 -11.88
N PHE D 231 38.45 -38.32 -12.97
CA PHE D 231 38.81 -39.20 -14.10
C PHE D 231 40.31 -39.23 -14.33
N LYS D 232 40.76 -40.32 -14.96
CA LYS D 232 42.19 -40.55 -15.17
C LYS D 232 42.64 -39.98 -16.51
N PRO D 233 43.52 -38.97 -16.46
CA PRO D 233 44.07 -38.46 -17.72
C PRO D 233 44.93 -39.54 -18.34
N GLY D 234 44.97 -39.62 -19.67
CA GLY D 234 45.69 -40.69 -20.33
C GLY D 234 44.78 -41.87 -20.55
N GLU D 235 44.48 -42.58 -19.46
CA GLU D 235 43.63 -43.76 -19.51
C GLU D 235 42.19 -43.49 -19.96
N GLU D 236 41.54 -42.48 -19.40
CA GLU D 236 40.11 -42.23 -19.66
C GLU D 236 39.86 -41.02 -20.56
N VAL D 237 40.75 -40.05 -20.48
CA VAL D 237 40.58 -38.79 -21.18
C VAL D 237 41.90 -38.42 -21.85
N LYS D 238 41.89 -38.23 -23.16
CA LYS D 238 43.08 -37.76 -23.85
C LYS D 238 42.89 -36.31 -24.18
N LEU D 239 43.96 -35.69 -24.66
CA LEU D 239 43.96 -34.28 -25.04
C LEU D 239 44.20 -34.14 -26.55
N ALA D 240 43.59 -33.13 -27.14
CA ALA D 240 43.84 -32.81 -28.53
C ALA D 240 44.12 -31.32 -28.63
N MET D 241 44.97 -30.96 -29.58
CA MET D 241 45.27 -29.54 -29.77
C MET D 241 44.91 -29.15 -31.18
N ASP D 242 44.47 -27.91 -31.37
CA ASP D 242 44.45 -27.32 -32.69
C ASP D 242 45.38 -26.11 -32.65
N ALA D 243 46.54 -26.26 -33.28
CA ALA D 243 47.57 -25.23 -33.27
C ALA D 243 47.20 -24.05 -34.17
N ALA D 244 46.44 -24.31 -35.22
CA ALA D 244 46.17 -23.26 -36.19
C ALA D 244 47.48 -22.48 -36.48
N SER D 245 48.55 -23.22 -36.71
CA SER D 245 49.85 -22.61 -36.96
C SER D 245 49.84 -21.59 -38.12
N SER D 246 48.94 -21.77 -39.09
CA SER D 246 48.80 -20.80 -40.17
C SER D 246 48.65 -19.38 -39.61
N GLU D 247 48.07 -19.27 -38.42
CA GLU D 247 47.81 -17.98 -37.79
C GLU D 247 49.06 -17.30 -37.25
N PHE D 248 50.09 -18.06 -36.93
CA PHE D 248 51.33 -17.46 -36.45
C PHE D 248 52.53 -17.80 -37.32
N TYR D 249 52.24 -18.19 -38.56
CA TYR D 249 53.27 -18.41 -39.56
C TYR D 249 53.54 -17.08 -40.27
N ASN D 250 54.81 -16.79 -40.54
CA ASN D 250 55.18 -15.59 -41.27
C ASN D 250 55.60 -15.93 -42.70
N LYS D 251 54.72 -15.63 -43.65
CA LYS D 251 54.95 -15.99 -45.03
C LYS D 251 56.23 -15.39 -45.61
N GLU D 252 56.60 -14.21 -45.12
CA GLU D 252 57.82 -13.53 -45.56
C GLU D 252 59.10 -14.22 -45.14
N ASP D 253 59.23 -14.51 -43.84
CA ASP D 253 60.44 -15.16 -43.32
C ASP D 253 60.34 -16.69 -43.26
N GLY D 254 59.16 -17.22 -43.54
CA GLY D 254 58.93 -18.66 -43.52
C GLY D 254 59.04 -19.30 -42.14
N LYS D 255 58.95 -18.48 -41.09
CA LYS D 255 59.11 -18.97 -39.72
C LYS D 255 57.84 -18.82 -38.87
N TYR D 256 57.82 -19.54 -37.75
CA TYR D 256 56.70 -19.51 -36.81
C TYR D 256 56.93 -18.59 -35.60
N HIS D 257 56.06 -17.61 -35.44
CA HIS D 257 56.26 -16.56 -34.43
C HIS D 257 55.33 -16.79 -33.23
N LEU D 258 55.83 -17.49 -32.22
CA LEU D 258 55.03 -17.79 -31.04
C LEU D 258 55.10 -16.63 -30.06
N SER D 259 54.26 -15.62 -30.26
CA SER D 259 54.24 -14.44 -29.41
C SER D 259 54.01 -14.78 -27.92
N GLY D 260 53.23 -15.82 -27.66
CA GLY D 260 52.98 -16.25 -26.29
C GLY D 260 54.23 -16.85 -25.68
N GLU D 261 54.70 -17.94 -26.27
CA GLU D 261 55.89 -18.63 -25.80
C GLU D 261 57.10 -17.70 -25.97
N GLY D 262 56.90 -16.64 -26.73
CA GLY D 262 57.89 -15.59 -26.91
C GLY D 262 59.17 -15.94 -27.68
N VAL D 263 59.05 -16.77 -28.71
CA VAL D 263 60.22 -17.14 -29.51
C VAL D 263 59.85 -17.30 -30.98
N VAL D 264 60.85 -17.60 -31.81
CA VAL D 264 60.59 -17.86 -33.21
C VAL D 264 61.13 -19.23 -33.59
N LYS D 265 60.28 -20.04 -34.20
CA LYS D 265 60.62 -21.42 -34.51
C LYS D 265 60.61 -21.68 -36.01
N THR D 266 61.57 -22.48 -36.45
CA THR D 266 61.55 -23.04 -37.79
C THR D 266 60.64 -24.25 -37.74
N SER D 267 60.21 -24.70 -38.91
CA SER D 267 59.34 -25.87 -39.00
C SER D 267 59.91 -27.00 -38.15
N ALA D 268 61.21 -27.23 -38.31
CA ALA D 268 61.87 -28.33 -37.59
C ALA D 268 61.77 -28.12 -36.08
N GLU D 269 61.87 -26.87 -35.67
CA GLU D 269 61.76 -26.53 -34.26
C GLU D 269 60.34 -26.75 -33.74
N MET D 270 59.36 -26.49 -34.59
CA MET D 270 57.97 -26.77 -34.26
C MET D 270 57.80 -28.26 -33.96
N VAL D 271 58.39 -29.12 -34.80
CA VAL D 271 58.31 -30.56 -34.61
C VAL D 271 58.90 -31.01 -33.27
N ASP D 272 60.14 -30.61 -33.01
CA ASP D 272 60.78 -30.84 -31.72
C ASP D 272 59.85 -30.49 -30.57
N TRP D 273 59.24 -29.31 -30.66
CA TRP D 273 58.36 -28.80 -29.61
C TRP D 273 57.18 -29.75 -29.35
N TYR D 274 56.43 -30.10 -30.40
CA TYR D 274 55.26 -30.97 -30.30
C TYR D 274 55.70 -32.31 -29.72
N GLU D 275 56.90 -32.74 -30.12
CA GLU D 275 57.45 -33.97 -29.62
C GLU D 275 57.57 -33.85 -28.11
N GLU D 276 58.13 -32.73 -27.66
CA GLU D 276 58.31 -32.48 -26.24
C GLU D 276 56.96 -32.47 -25.51
N LEU D 277 56.03 -31.67 -26.00
CA LEU D 277 54.69 -31.63 -25.41
C LEU D 277 54.07 -33.02 -25.27
N VAL D 278 54.17 -33.83 -26.30
CA VAL D 278 53.58 -35.16 -26.28
C VAL D 278 54.23 -36.09 -25.25
N SER D 279 55.53 -35.94 -25.02
CA SER D 279 56.22 -36.81 -24.08
C SER D 279 55.79 -36.51 -22.64
N LYS D 280 55.31 -35.29 -22.41
CA LYS D 280 54.88 -34.85 -21.08
C LYS D 280 53.38 -34.99 -20.84
N TYR D 281 52.58 -34.77 -21.88
CA TYR D 281 51.13 -34.75 -21.70
C TYR D 281 50.42 -35.81 -22.54
N PRO D 282 49.21 -36.22 -22.11
CA PRO D 282 48.46 -37.26 -22.82
C PRO D 282 47.81 -36.73 -24.11
N ILE D 283 48.61 -36.12 -24.98
CA ILE D 283 48.14 -35.53 -26.22
C ILE D 283 48.00 -36.61 -27.30
N ILE D 284 46.79 -36.84 -27.78
CA ILE D 284 46.55 -37.94 -28.72
C ILE D 284 46.43 -37.45 -30.17
N SER D 285 46.27 -36.13 -30.34
CA SER D 285 46.00 -35.59 -31.67
C SER D 285 46.43 -34.13 -31.79
N ILE D 286 47.01 -33.79 -32.93
CA ILE D 286 47.45 -32.44 -33.17
C ILE D 286 47.01 -31.99 -34.54
N GLU D 287 46.38 -30.83 -34.58
CA GLU D 287 45.75 -30.36 -35.79
C GLU D 287 46.44 -29.10 -36.34
N ASP D 288 46.71 -29.10 -37.64
CA ASP D 288 47.42 -27.99 -38.27
C ASP D 288 48.67 -27.56 -37.48
N GLY D 289 49.49 -28.54 -37.11
CA GLY D 289 50.73 -28.27 -36.41
C GLY D 289 51.65 -27.35 -37.19
N LEU D 290 51.63 -27.51 -38.51
CA LEU D 290 52.41 -26.65 -39.40
C LEU D 290 51.51 -25.94 -40.39
N ASP D 291 52.08 -24.98 -41.12
CA ASP D 291 51.30 -24.07 -41.95
C ASP D 291 50.56 -24.76 -43.10
N GLU D 292 49.51 -24.11 -43.61
CA GLU D 292 48.70 -24.69 -44.68
C GLU D 292 49.49 -24.95 -45.98
N ASN D 293 50.64 -24.30 -46.13
CA ASN D 293 51.50 -24.49 -47.31
C ASN D 293 52.85 -25.14 -46.97
N ASP D 294 53.03 -25.50 -45.70
CA ASP D 294 54.28 -26.08 -45.23
C ASP D 294 54.33 -27.62 -45.38
N TRP D 295 54.20 -28.09 -46.61
CA TRP D 295 54.20 -29.52 -46.88
C TRP D 295 55.41 -30.23 -46.28
N GLU D 296 56.60 -29.67 -46.45
CA GLU D 296 57.81 -30.31 -45.96
C GLU D 296 57.80 -30.40 -44.44
N GLY D 297 57.32 -29.35 -43.79
CA GLY D 297 57.17 -29.34 -42.35
C GLY D 297 56.22 -30.41 -41.82
N HIS D 298 55.03 -30.51 -42.43
CA HIS D 298 54.09 -31.57 -42.07
C HIS D 298 54.67 -32.96 -42.32
N LYS D 299 55.48 -33.08 -43.37
CA LYS D 299 56.10 -34.37 -43.65
C LYS D 299 56.99 -34.79 -42.49
N LEU D 300 57.79 -33.85 -41.99
CA LEU D 300 58.65 -34.04 -40.82
C LEU D 300 57.88 -34.42 -39.56
N LEU D 301 56.82 -33.65 -39.26
CA LEU D 301 55.95 -33.95 -38.13
C LEU D 301 55.46 -35.40 -38.20
N THR D 302 55.16 -35.83 -39.42
CA THR D 302 54.57 -37.15 -39.62
C THR D 302 55.61 -38.22 -39.38
N GLU D 303 56.81 -38.00 -39.91
CA GLU D 303 57.91 -38.94 -39.77
C GLU D 303 58.22 -39.12 -38.29
N ARG D 304 58.10 -38.03 -37.55
CA ARG D 304 58.46 -38.06 -36.14
C ARG D 304 57.36 -38.66 -35.25
N LEU D 305 56.11 -38.30 -35.54
CA LEU D 305 55.02 -38.52 -34.59
C LEU D 305 53.88 -39.35 -35.16
N GLY D 306 53.90 -39.55 -36.48
CA GLY D 306 52.79 -40.11 -37.22
C GLY D 306 52.33 -41.51 -36.82
N LYS D 307 53.12 -42.23 -36.05
CA LYS D 307 52.71 -43.58 -35.66
C LYS D 307 52.16 -43.71 -34.23
N LYS D 308 52.38 -42.70 -33.40
CA LYS D 308 51.83 -42.72 -32.05
C LYS D 308 50.83 -41.59 -31.83
N VAL D 309 50.81 -40.61 -32.74
CA VAL D 309 49.96 -39.43 -32.59
C VAL D 309 49.16 -39.11 -33.86
N GLN D 310 47.88 -38.80 -33.67
CA GLN D 310 47.03 -38.34 -34.77
C GLN D 310 47.45 -36.95 -35.22
N LEU D 311 47.72 -36.83 -36.51
CA LEU D 311 48.14 -35.56 -37.11
C LEU D 311 47.10 -35.15 -38.12
N VAL D 312 46.31 -34.13 -37.78
CA VAL D 312 45.14 -33.74 -38.58
C VAL D 312 45.44 -32.59 -39.54
N GLY D 313 45.11 -32.78 -40.81
CA GLY D 313 45.11 -31.68 -41.77
C GLY D 313 43.75 -30.97 -41.80
N ASP D 314 43.77 -29.66 -41.57
CA ASP D 314 42.57 -28.82 -41.73
C ASP D 314 42.71 -27.89 -42.94
N ASP D 315 43.35 -26.75 -42.74
CA ASP D 315 43.57 -25.83 -43.86
C ASP D 315 44.52 -26.51 -44.84
N LEU D 316 45.24 -27.52 -44.37
CA LEU D 316 46.12 -28.29 -45.24
C LEU D 316 45.36 -28.98 -46.36
N PHE D 317 44.21 -29.57 -46.02
CA PHE D 317 43.47 -30.41 -46.98
C PHE D 317 42.16 -29.76 -47.48
N VAL D 318 41.63 -28.83 -46.69
CA VAL D 318 40.34 -28.18 -46.98
C VAL D 318 39.27 -29.13 -47.53
N THR D 319 39.10 -30.28 -46.88
CA THR D 319 38.04 -31.23 -47.26
C THR D 319 38.01 -31.46 -48.77
N ASN D 320 39.19 -31.44 -49.36
CA ASN D 320 39.36 -31.47 -50.81
C ASN D 320 40.19 -32.69 -51.22
N THR D 321 39.57 -33.63 -51.95
CA THR D 321 40.28 -34.84 -52.37
C THR D 321 41.59 -34.61 -53.09
N LYS D 322 41.73 -33.52 -53.84
CA LYS D 322 42.99 -33.25 -54.55
C LYS D 322 44.14 -32.98 -53.59
N LYS D 323 43.85 -32.27 -52.50
CA LYS D 323 44.83 -31.97 -51.49
C LYS D 323 45.13 -33.21 -50.64
N LEU D 324 44.07 -33.86 -50.20
CA LEU D 324 44.19 -35.10 -49.42
C LEU D 324 45.04 -36.12 -50.17
N SER D 325 44.74 -36.28 -51.47
CA SER D 325 45.44 -37.22 -52.31
C SER D 325 46.95 -36.95 -52.30
N GLU D 326 47.32 -35.67 -52.41
CA GLU D 326 48.72 -35.30 -52.35
C GLU D 326 49.29 -35.66 -50.97
N GLY D 327 48.49 -35.42 -49.92
CA GLY D 327 48.92 -35.75 -48.57
C GLY D 327 49.21 -37.24 -48.43
N ILE D 328 48.24 -38.04 -48.85
CA ILE D 328 48.37 -39.51 -48.82
C ILE D 328 49.60 -40.03 -49.56
N LYS D 329 49.85 -39.49 -50.75
CA LYS D 329 50.96 -39.91 -51.61
C LYS D 329 52.33 -39.49 -51.07
N ASN D 330 52.37 -38.40 -50.30
CA ASN D 330 53.63 -37.91 -49.78
C ASN D 330 53.88 -38.27 -48.32
N GLY D 331 53.05 -39.16 -47.78
CA GLY D 331 53.17 -39.55 -46.39
C GLY D 331 53.00 -38.37 -45.46
N VAL D 332 52.06 -37.47 -45.79
CA VAL D 332 51.77 -36.30 -44.94
C VAL D 332 50.46 -36.44 -44.16
N GLY D 333 50.56 -36.36 -42.83
CA GLY D 333 49.43 -36.52 -41.93
C GLY D 333 48.87 -37.93 -41.83
N ASN D 334 47.91 -38.12 -40.93
CA ASN D 334 47.19 -39.39 -40.85
C ASN D 334 45.70 -39.18 -40.53
N SER D 335 45.21 -37.99 -40.81
CA SER D 335 43.85 -37.63 -40.42
C SER D 335 43.49 -36.34 -41.14
N ILE D 336 42.21 -36.15 -41.40
CA ILE D 336 41.74 -34.94 -42.06
C ILE D 336 40.52 -34.38 -41.35
N LEU D 337 40.48 -33.06 -41.22
CA LEU D 337 39.33 -32.41 -40.63
C LEU D 337 38.29 -32.22 -41.73
N ILE D 338 37.07 -32.70 -41.51
CA ILE D 338 36.03 -32.61 -42.53
C ILE D 338 35.02 -31.52 -42.25
N LYS D 339 35.03 -30.50 -43.12
CA LYS D 339 34.14 -29.36 -42.98
C LYS D 339 33.29 -29.20 -44.22
N VAL D 340 32.00 -29.52 -44.10
CA VAL D 340 31.12 -29.60 -45.26
C VAL D 340 31.22 -28.37 -46.14
N ASN D 341 31.33 -27.19 -45.53
CA ASN D 341 31.36 -25.93 -46.28
C ASN D 341 32.72 -25.51 -46.84
N GLN D 342 33.77 -26.29 -46.53
CA GLN D 342 35.07 -26.05 -47.14
C GLN D 342 35.06 -26.50 -48.59
N ILE D 343 34.20 -27.48 -48.88
CA ILE D 343 34.13 -28.07 -50.21
C ILE D 343 32.81 -27.73 -50.94
N GLY D 344 31.67 -27.82 -50.24
CA GLY D 344 30.44 -27.25 -50.76
C GLY D 344 29.28 -28.18 -51.11
N THR D 345 29.54 -29.49 -51.18
CA THR D 345 28.48 -30.46 -51.45
C THR D 345 28.66 -31.67 -50.52
N LEU D 346 27.56 -32.36 -50.25
CA LEU D 346 27.63 -33.59 -49.47
C LEU D 346 28.40 -34.65 -50.25
N THR D 347 28.19 -34.70 -51.56
CA THR D 347 28.88 -35.68 -52.41
C THR D 347 30.42 -35.57 -52.31
N GLU D 348 30.95 -34.37 -52.44
CA GLU D 348 32.40 -34.17 -52.33
C GLU D 348 32.90 -34.42 -50.89
N THR D 349 32.08 -34.09 -49.91
CA THR D 349 32.39 -34.41 -48.52
C THR D 349 32.51 -35.94 -48.32
N PHE D 350 31.53 -36.67 -48.81
CA PHE D 350 31.55 -38.13 -48.65
C PHE D 350 32.69 -38.77 -49.42
N ASP D 351 33.06 -38.19 -50.56
CA ASP D 351 34.21 -38.67 -51.30
C ASP D 351 35.54 -38.54 -50.54
N ALA D 352 35.72 -37.44 -49.80
CA ALA D 352 36.95 -37.21 -49.05
C ALA D 352 37.04 -38.18 -47.87
N ILE D 353 35.92 -38.39 -47.18
CA ILE D 353 35.89 -39.30 -46.05
C ILE D 353 36.27 -40.68 -46.55
N GLU D 354 35.71 -41.06 -47.69
CA GLU D 354 35.99 -42.39 -48.27
C GLU D 354 37.48 -42.52 -48.63
N MET D 355 38.03 -41.50 -49.26
CA MET D 355 39.44 -41.52 -49.63
C MET D 355 40.32 -41.60 -48.37
N ALA D 356 39.98 -40.81 -47.34
CA ALA D 356 40.73 -40.85 -46.11
C ALA D 356 40.78 -42.28 -45.54
N LYS D 357 39.61 -42.87 -45.33
CA LYS D 357 39.54 -44.25 -44.84
C LYS D 357 40.48 -45.22 -45.57
N ARG D 358 40.46 -45.17 -46.90
CA ARG D 358 41.14 -46.18 -47.70
C ARG D 358 42.65 -46.02 -47.57
N ALA D 359 43.09 -44.82 -47.18
CA ALA D 359 44.49 -44.59 -46.86
C ALA D 359 44.78 -44.84 -45.38
N GLY D 360 43.78 -45.26 -44.62
CA GLY D 360 43.98 -45.51 -43.20
C GLY D 360 44.08 -44.22 -42.38
N TYR D 361 43.62 -43.12 -42.97
CA TYR D 361 43.46 -41.83 -42.27
C TYR D 361 42.10 -41.75 -41.62
N THR D 362 42.01 -41.08 -40.48
CA THR D 362 40.73 -40.85 -39.86
C THR D 362 40.09 -39.59 -40.43
N ALA D 363 38.75 -39.53 -40.37
CA ALA D 363 38.02 -38.34 -40.78
C ALA D 363 37.34 -37.77 -39.56
N VAL D 364 37.75 -36.58 -39.15
CA VAL D 364 37.12 -35.92 -38.00
C VAL D 364 36.05 -34.97 -38.53
N ILE D 365 34.78 -35.31 -38.31
CA ILE D 365 33.69 -34.45 -38.76
C ILE D 365 33.69 -33.17 -37.93
N SER D 366 33.72 -32.00 -38.57
CA SER D 366 33.95 -30.74 -37.84
C SER D 366 32.92 -29.60 -37.93
N HIS D 367 32.68 -28.92 -36.81
CA HIS D 367 31.92 -27.67 -36.84
C HIS D 367 32.74 -26.53 -37.45
N ARG D 368 32.12 -25.36 -37.58
CA ARG D 368 32.83 -24.13 -37.88
C ARG D 368 32.65 -23.20 -36.67
N SER D 369 33.46 -22.16 -36.56
CA SER D 369 33.28 -21.25 -35.43
C SER D 369 31.89 -20.59 -35.43
N GLY D 370 31.43 -20.19 -36.60
CA GLY D 370 30.05 -19.71 -36.74
C GLY D 370 29.13 -20.87 -37.07
N GLU D 371 28.35 -21.27 -36.07
CA GLU D 371 27.44 -22.39 -36.23
C GLU D 371 26.00 -21.95 -36.15
N THR D 372 25.09 -22.93 -36.20
CA THR D 372 23.65 -22.69 -36.10
C THR D 372 22.98 -23.84 -35.38
N GLU D 373 21.66 -23.82 -35.37
CA GLU D 373 20.87 -24.88 -34.76
C GLU D 373 20.84 -26.16 -35.61
N ASP D 374 21.46 -26.10 -36.80
CA ASP D 374 21.59 -27.28 -37.66
C ASP D 374 22.45 -28.36 -37.00
N SER D 375 22.04 -29.62 -37.07
CA SER D 375 22.81 -30.70 -36.45
C SER D 375 23.23 -31.75 -37.47
N THR D 376 23.28 -31.35 -38.73
CA THR D 376 23.61 -32.28 -39.81
C THR D 376 24.93 -33.05 -39.61
N ILE D 377 25.98 -32.36 -39.14
CA ILE D 377 27.25 -33.06 -38.99
C ILE D 377 27.16 -34.23 -37.99
N ALA D 378 26.16 -34.24 -37.13
CA ALA D 378 26.02 -35.36 -36.22
C ALA D 378 25.64 -36.61 -37.00
N ASP D 379 24.64 -36.46 -37.88
CA ASP D 379 24.23 -37.57 -38.75
C ASP D 379 25.37 -37.98 -39.69
N ILE D 380 26.14 -37.01 -40.17
CA ILE D 380 27.25 -37.39 -41.05
C ILE D 380 28.24 -38.27 -40.31
N ALA D 381 28.53 -37.93 -39.07
CA ALA D 381 29.53 -38.65 -38.30
C ALA D 381 29.10 -40.09 -38.19
N VAL D 382 27.81 -40.30 -37.92
CA VAL D 382 27.30 -41.65 -37.69
C VAL D 382 27.11 -42.37 -39.01
N ALA D 383 26.70 -41.63 -40.04
CA ALA D 383 26.47 -42.20 -41.36
C ALA D 383 27.72 -42.86 -41.87
N THR D 384 28.89 -42.28 -41.56
CA THR D 384 30.14 -42.82 -42.08
C THR D 384 30.92 -43.64 -41.06
N ASN D 385 30.36 -43.81 -39.86
CA ASN D 385 31.06 -44.52 -38.81
C ASN D 385 32.46 -43.90 -38.62
N ALA D 386 32.55 -42.59 -38.80
CA ALA D 386 33.82 -41.86 -38.73
C ALA D 386 34.60 -42.12 -37.44
N GLY D 387 33.89 -42.20 -36.30
CA GLY D 387 34.52 -42.45 -35.02
C GLY D 387 34.93 -41.19 -34.25
N GLN D 388 34.98 -40.06 -34.93
CA GLN D 388 35.40 -38.83 -34.27
C GLN D 388 34.64 -37.60 -34.77
N ILE D 389 34.37 -36.67 -33.87
CA ILE D 389 33.71 -35.43 -34.21
C ILE D 389 34.31 -34.30 -33.39
N LYS D 390 34.33 -33.12 -33.97
CA LYS D 390 34.78 -31.92 -33.29
C LYS D 390 33.71 -30.85 -33.42
N THR D 391 32.87 -30.68 -32.39
CA THR D 391 31.84 -29.65 -32.40
C THR D 391 31.74 -28.79 -31.17
N GLY D 392 32.81 -28.65 -30.42
CA GLY D 392 32.83 -27.60 -29.42
C GLY D 392 32.78 -28.07 -27.99
N ALA D 393 32.79 -27.10 -27.08
CA ALA D 393 32.63 -27.36 -25.68
C ALA D 393 31.21 -27.85 -25.46
N PRO D 394 30.96 -28.48 -24.31
CA PRO D 394 29.57 -28.75 -23.96
C PRO D 394 28.91 -27.51 -23.36
N SER D 395 29.00 -26.38 -24.06
CA SER D 395 28.22 -25.18 -23.74
C SER D 395 27.93 -24.39 -25.02
N ARG D 396 26.85 -23.61 -25.02
CA ARG D 396 26.33 -22.97 -26.23
C ARG D 396 25.56 -24.00 -27.03
N THR D 397 24.28 -23.71 -27.29
CA THR D 397 23.44 -24.59 -28.08
C THR D 397 24.00 -24.79 -29.49
N ASP D 398 24.75 -23.82 -30.01
CA ASP D 398 25.39 -24.00 -31.29
C ASP D 398 26.35 -25.19 -31.30
N ARG D 399 26.84 -25.59 -30.14
CA ARG D 399 27.62 -26.80 -30.02
C ARG D 399 26.75 -27.93 -29.54
N VAL D 400 26.09 -27.69 -28.40
CA VAL D 400 25.30 -28.70 -27.70
C VAL D 400 24.18 -29.32 -28.54
N ALA D 401 23.70 -28.59 -29.54
CA ALA D 401 22.63 -29.10 -30.37
C ALA D 401 23.14 -30.33 -31.15
N LYS D 402 24.44 -30.36 -31.42
CA LYS D 402 25.02 -31.50 -32.12
C LYS D 402 25.13 -32.68 -31.16
N TYR D 403 25.53 -32.40 -29.93
CA TYR D 403 25.61 -33.43 -28.91
C TYR D 403 24.22 -34.02 -28.63
N ASN D 404 23.22 -33.15 -28.53
CA ASN D 404 21.85 -33.63 -28.31
C ASN D 404 21.39 -34.53 -29.47
N GLN D 405 21.70 -34.14 -30.70
CA GLN D 405 21.38 -35.00 -31.85
C GLN D 405 22.11 -36.37 -31.71
N LEU D 406 23.38 -36.36 -31.35
CA LEU D 406 24.08 -37.63 -31.14
C LEU D 406 23.38 -38.49 -30.07
N LEU D 407 22.97 -37.86 -28.97
CA LEU D 407 22.15 -38.57 -27.98
C LEU D 407 20.92 -39.21 -28.60
N ARG D 408 20.16 -38.45 -29.39
CA ARG D 408 18.97 -39.01 -30.05
C ARG D 408 19.32 -40.20 -30.93
N ILE D 409 20.44 -40.09 -31.65
CA ILE D 409 20.80 -41.12 -32.61
C ILE D 409 21.17 -42.39 -31.86
N GLU D 410 21.97 -42.24 -30.82
CA GLU D 410 22.39 -43.41 -30.05
C GLU D 410 21.18 -44.11 -29.48
N ASP D 411 20.22 -43.32 -29.04
CA ASP D 411 19.03 -43.81 -28.34
C ASP D 411 18.18 -44.62 -29.32
N GLN D 412 18.05 -44.09 -30.52
CA GLN D 412 17.28 -44.75 -31.56
C GLN D 412 17.99 -46.01 -32.06
N LEU D 413 19.32 -45.98 -32.16
CA LEU D 413 20.06 -47.17 -32.57
C LEU D 413 19.97 -48.27 -31.50
N ALA D 414 19.63 -47.86 -30.28
CA ALA D 414 19.46 -48.79 -29.18
C ALA D 414 20.63 -49.77 -29.01
N GLU D 415 20.34 -51.06 -29.14
CA GLU D 415 21.34 -52.10 -28.91
C GLU D 415 22.41 -52.19 -30.00
N THR D 416 22.12 -51.70 -31.20
CA THR D 416 23.12 -51.76 -32.27
C THR D 416 24.17 -50.64 -32.18
N ALA D 417 23.87 -49.63 -31.37
CA ALA D 417 24.82 -48.52 -31.21
C ALA D 417 26.19 -49.03 -30.78
N GLN D 418 27.23 -48.51 -31.41
CA GLN D 418 28.60 -48.79 -30.99
C GLN D 418 29.36 -47.51 -30.65
N TYR D 419 30.36 -47.66 -29.79
CA TYR D 419 31.24 -46.56 -29.41
C TYR D 419 32.62 -47.17 -29.11
N HIS D 420 33.63 -46.79 -29.89
CA HIS D 420 34.90 -47.52 -29.87
C HIS D 420 36.01 -46.91 -29.02
N GLY D 421 35.75 -45.77 -28.39
CA GLY D 421 36.73 -45.14 -27.54
C GLY D 421 38.10 -44.99 -28.19
N ILE D 422 39.11 -45.50 -27.51
CA ILE D 422 40.48 -45.45 -28.01
C ILE D 422 40.66 -46.20 -29.35
N ASN D 423 39.89 -47.27 -29.56
CA ASN D 423 39.98 -48.03 -30.82
C ASN D 423 39.47 -47.27 -32.06
N SER D 424 38.84 -46.13 -31.83
CA SER D 424 38.41 -45.28 -32.93
C SER D 424 39.62 -44.84 -33.75
N PHE D 425 40.82 -44.87 -33.14
CA PHE D 425 42.04 -44.37 -33.80
C PHE D 425 42.72 -45.47 -34.60
N TYR D 426 42.05 -45.94 -35.65
CA TYR D 426 42.61 -46.98 -36.50
C TYR D 426 43.81 -46.46 -37.29
N ASN D 427 44.10 -45.17 -37.18
CA ASN D 427 45.31 -44.60 -37.80
C ASN D 427 46.57 -44.76 -36.93
N LEU D 428 46.41 -45.33 -35.74
CA LEU D 428 47.50 -45.43 -34.77
C LEU D 428 47.63 -46.86 -34.24
C1 CIT E . 36.24 -22.65 -38.56
O1 CIT E . 37.07 -22.56 -39.49
O2 CIT E . 35.38 -21.77 -38.47
C2 CIT E . 36.29 -23.79 -37.57
C3 CIT E . 37.61 -23.71 -36.83
O7 CIT E . 38.64 -23.58 -37.85
C4 CIT E . 37.67 -22.46 -35.95
C5 CIT E . 38.15 -21.25 -36.75
O3 CIT E . 39.31 -21.19 -37.21
O4 CIT E . 37.40 -20.29 -36.98
C6 CIT E . 37.80 -24.99 -36.01
O5 CIT E . 37.54 -25.02 -34.77
O6 CIT E . 38.22 -26.04 -36.57
H21 CIT E . 36.20 -24.74 -38.08
H22 CIT E . 35.46 -23.70 -36.86
HO7 CIT E . 39.26 -24.34 -37.80
H41 CIT E . 38.35 -22.63 -35.11
H42 CIT E . 36.68 -22.25 -35.54
NA NA F . 41.13 -25.85 -37.33
NA NA G . 39.63 -21.77 -40.26
#